data_9KQL
# 
_entry.id   9KQL 
# 
_audit_conform.dict_name       mmcif_pdbx.dic 
_audit_conform.dict_version    5.407 
_audit_conform.dict_location   http://mmcif.pdb.org/dictionaries/ascii/mmcif_pdbx.dic 
# 
loop_
_database_2.database_id 
_database_2.database_code 
_database_2.pdbx_database_accession 
_database_2.pdbx_DOI 
PDB   9KQL         pdb_00009kql 10.2210/pdb9kql/pdb 
WWPDB D_1300040927 ?            ?                   
# 
_pdbx_audit_revision_history.ordinal             1 
_pdbx_audit_revision_history.data_content_type   'Structure model' 
_pdbx_audit_revision_history.major_revision      1 
_pdbx_audit_revision_history.minor_revision      0 
_pdbx_audit_revision_history.revision_date       2025-12-03 
_pdbx_audit_revision_history.part_number         ? 
# 
_pdbx_audit_revision_details.ordinal             1 
_pdbx_audit_revision_details.revision_ordinal    1 
_pdbx_audit_revision_details.data_content_type   'Structure model' 
_pdbx_audit_revision_details.provider            repository 
_pdbx_audit_revision_details.type                'Initial release' 
_pdbx_audit_revision_details.description         ? 
_pdbx_audit_revision_details.details             ? 
# 
_pdbx_database_status.status_code                     REL 
_pdbx_database_status.status_code_sf                  REL 
_pdbx_database_status.status_code_mr                  ? 
_pdbx_database_status.entry_id                        9KQL 
_pdbx_database_status.recvd_initial_deposition_date   2024-11-26 
_pdbx_database_status.SG_entry                        N 
_pdbx_database_status.deposit_site                    PDBJ 
_pdbx_database_status.process_site                    PDBC 
_pdbx_database_status.status_code_cs                  ? 
_pdbx_database_status.status_code_nmr_data            ? 
_pdbx_database_status.methods_development_category    ? 
_pdbx_database_status.pdb_format_compatible           Y 
# 
_pdbx_contact_author.id                 3 
_pdbx_contact_author.email              cwangust@ustc.edu.cn 
_pdbx_contact_author.name_first         Chao 
_pdbx_contact_author.name_last          Wang 
_pdbx_contact_author.name_mi            ? 
_pdbx_contact_author.role               'principal investigator/group leader' 
_pdbx_contact_author.identifier_ORCID   0000-0003-3192-2780 
# 
loop_
_audit_author.name 
_audit_author.pdbx_ordinal 
_audit_author.identifier_ORCID 
'Zhang, Y.S.' 1 0000-0001-8046-0389 
'Xu, W.Y.'    2 0000-0001-5796-8758 
'Huang, C.D.' 3 0000-0002-8997-9459 
'Wang, C.'    4 0000-0003-3192-2780 
# 
_citation.abstract                  ? 
_citation.abstract_id_CAS           ? 
_citation.book_id_ISBN              ? 
_citation.book_publisher            ? 
_citation.book_publisher_city       ? 
_citation.book_title                ? 
_citation.coordinate_linkage        ? 
_citation.country                   ? 
_citation.database_id_Medline       ? 
_citation.details                   ? 
_citation.id                        primary 
_citation.journal_abbrev            'To Be Published' 
_citation.journal_id_ASTM           ? 
_citation.journal_id_CSD            0353 
_citation.journal_id_ISSN           ? 
_citation.journal_full              ? 
_citation.journal_issue             ? 
_citation.journal_volume            ? 
_citation.language                  ? 
_citation.page_first                ? 
_citation.page_last                 ? 
_citation.title                     'The crystal structure of MORC2_CC3 domain at 3.1 Angstroms resolution' 
_citation.year                      ? 
_citation.database_id_CSD           ? 
_citation.pdbx_database_id_DOI      ? 
_citation.pdbx_database_id_PubMed   ? 
_citation.pdbx_database_id_patent   ? 
_citation.unpublished_flag          ? 
# 
loop_
_citation_author.citation_id 
_citation_author.name 
_citation_author.ordinal 
_citation_author.identifier_ORCID 
primary 'Zhang, Y.S.' 1 0000-0001-8046-0389 
primary 'Xu, W.Y.'    2 0000-0001-5796-8758 
primary 'Huang, C.D.' 3 0000-0002-8997-9459 
primary 'Wang, C.'    4 0000-0003-3192-2780 
# 
loop_
_entity.id 
_entity.type 
_entity.src_method 
_entity.pdbx_description 
_entity.formula_weight 
_entity.pdbx_number_of_molecules 
_entity.pdbx_ec 
_entity.pdbx_mutation 
_entity.pdbx_fragment 
_entity.details 
1 polymer man 'ATPase MORC2' 12372.900 2 3.6.1.- ? ? ? 
2 water   nat water          18.015    2 ?       ? ? ? 
# 
_entity_name_com.entity_id   1 
_entity_name_com.name        'MORC family CW-type zinc finger protein 2,Zinc finger CW-type coiled-coil domain protein 1' 
# 
_entity_poly.entity_id                      1 
_entity_poly.type                           'polypeptide(L)' 
_entity_poly.nstd_linkage                   no 
_entity_poly.nstd_monomer                   yes 
_entity_poly.pdbx_seq_one_letter_code       
;GPGSLSTNHETIDLLVQILRNCLRYFLPPSFPISKKQLSA(MSE)NSDELISFPLKEYFKQYEVGLQNLCNSYQSRADSR
AKASEESLRTSERKLRETEEKLQKLRTNIVA
;
_entity_poly.pdbx_seq_one_letter_code_can   
;GPGSLSTNHETIDLLVQILRNCLRYFLPPSFPISKKQLSAMNSDELISFPLKEYFKQYEVGLQNLCNSYQSRADSRAKAS
EESLRTSERKLRETEEKLQKLRTNIVA
;
_entity_poly.pdbx_strand_id                 A,B 
_entity_poly.pdbx_target_identifier         ? 
# 
_pdbx_entity_nonpoly.entity_id   2 
_pdbx_entity_nonpoly.name        water 
_pdbx_entity_nonpoly.comp_id     HOH 
# 
loop_
_entity_poly_seq.entity_id 
_entity_poly_seq.num 
_entity_poly_seq.mon_id 
_entity_poly_seq.hetero 
1 1   GLY n 
1 2   PRO n 
1 3   GLY n 
1 4   SER n 
1 5   LEU n 
1 6   SER n 
1 7   THR n 
1 8   ASN n 
1 9   HIS n 
1 10  GLU n 
1 11  THR n 
1 12  ILE n 
1 13  ASP n 
1 14  LEU n 
1 15  LEU n 
1 16  VAL n 
1 17  GLN n 
1 18  ILE n 
1 19  LEU n 
1 20  ARG n 
1 21  ASN n 
1 22  CYS n 
1 23  LEU n 
1 24  ARG n 
1 25  TYR n 
1 26  PHE n 
1 27  LEU n 
1 28  PRO n 
1 29  PRO n 
1 30  SER n 
1 31  PHE n 
1 32  PRO n 
1 33  ILE n 
1 34  SER n 
1 35  LYS n 
1 36  LYS n 
1 37  GLN n 
1 38  LEU n 
1 39  SER n 
1 40  ALA n 
1 41  MSE n 
1 42  ASN n 
1 43  SER n 
1 44  ASP n 
1 45  GLU n 
1 46  LEU n 
1 47  ILE n 
1 48  SER n 
1 49  PHE n 
1 50  PRO n 
1 51  LEU n 
1 52  LYS n 
1 53  GLU n 
1 54  TYR n 
1 55  PHE n 
1 56  LYS n 
1 57  GLN n 
1 58  TYR n 
1 59  GLU n 
1 60  VAL n 
1 61  GLY n 
1 62  LEU n 
1 63  GLN n 
1 64  ASN n 
1 65  LEU n 
1 66  CYS n 
1 67  ASN n 
1 68  SER n 
1 69  TYR n 
1 70  GLN n 
1 71  SER n 
1 72  ARG n 
1 73  ALA n 
1 74  ASP n 
1 75  SER n 
1 76  ARG n 
1 77  ALA n 
1 78  LYS n 
1 79  ALA n 
1 80  SER n 
1 81  GLU n 
1 82  GLU n 
1 83  SER n 
1 84  LEU n 
1 85  ARG n 
1 86  THR n 
1 87  SER n 
1 88  GLU n 
1 89  ARG n 
1 90  LYS n 
1 91  LEU n 
1 92  ARG n 
1 93  GLU n 
1 94  THR n 
1 95  GLU n 
1 96  GLU n 
1 97  LYS n 
1 98  LEU n 
1 99  GLN n 
1 100 LYS n 
1 101 LEU n 
1 102 ARG n 
1 103 THR n 
1 104 ASN n 
1 105 ILE n 
1 106 VAL n 
1 107 ALA n 
# 
_entity_src_gen.entity_id                          1 
_entity_src_gen.pdbx_src_id                        1 
_entity_src_gen.pdbx_alt_source_flag               sample 
_entity_src_gen.pdbx_seq_type                      'Biological sequence' 
_entity_src_gen.pdbx_beg_seq_num                   1 
_entity_src_gen.pdbx_end_seq_num                   107 
_entity_src_gen.gene_src_common_name               human 
_entity_src_gen.gene_src_genus                     ? 
_entity_src_gen.pdbx_gene_src_gene                 'MORC2, KIAA0852, ZCWCC1' 
_entity_src_gen.gene_src_species                   ? 
_entity_src_gen.gene_src_strain                    ? 
_entity_src_gen.gene_src_tissue                    ? 
_entity_src_gen.gene_src_tissue_fraction           ? 
_entity_src_gen.gene_src_details                   ? 
_entity_src_gen.pdbx_gene_src_fragment             ? 
_entity_src_gen.pdbx_gene_src_scientific_name      'Homo sapiens' 
_entity_src_gen.pdbx_gene_src_ncbi_taxonomy_id     9606 
_entity_src_gen.pdbx_gene_src_variant              ? 
_entity_src_gen.pdbx_gene_src_cell_line            ? 
_entity_src_gen.pdbx_gene_src_atcc                 ? 
_entity_src_gen.pdbx_gene_src_organ                ? 
_entity_src_gen.pdbx_gene_src_organelle            ? 
_entity_src_gen.pdbx_gene_src_cell                 ? 
_entity_src_gen.pdbx_gene_src_cellular_location    ? 
_entity_src_gen.host_org_common_name               ? 
_entity_src_gen.pdbx_host_org_scientific_name      
;Escherichia coli 'BL21-Gold(DE3)pLysS AG'
;
_entity_src_gen.pdbx_host_org_ncbi_taxonomy_id     866768 
_entity_src_gen.host_org_genus                     ? 
_entity_src_gen.pdbx_host_org_gene                 ? 
_entity_src_gen.pdbx_host_org_organ                ? 
_entity_src_gen.host_org_species                   ? 
_entity_src_gen.pdbx_host_org_tissue               ? 
_entity_src_gen.pdbx_host_org_tissue_fraction      ? 
_entity_src_gen.pdbx_host_org_strain               ? 
_entity_src_gen.pdbx_host_org_variant              ? 
_entity_src_gen.pdbx_host_org_cell_line            ? 
_entity_src_gen.pdbx_host_org_atcc                 ? 
_entity_src_gen.pdbx_host_org_culture_collection   ? 
_entity_src_gen.pdbx_host_org_cell                 ? 
_entity_src_gen.pdbx_host_org_organelle            ? 
_entity_src_gen.pdbx_host_org_cellular_location    ? 
_entity_src_gen.pdbx_host_org_vector_type          ? 
_entity_src_gen.pdbx_host_org_vector               ? 
_entity_src_gen.host_org_details                   ? 
_entity_src_gen.expression_system_id               ? 
_entity_src_gen.plasmid_name                       ? 
_entity_src_gen.plasmid_details                    ? 
_entity_src_gen.pdbx_description                   ? 
# 
loop_
_chem_comp.id 
_chem_comp.type 
_chem_comp.mon_nstd_flag 
_chem_comp.name 
_chem_comp.pdbx_synonyms 
_chem_comp.formula 
_chem_comp.formula_weight 
ALA 'L-peptide linking' y ALANINE          ? 'C3 H7 N O2'     89.093  
ARG 'L-peptide linking' y ARGININE         ? 'C6 H15 N4 O2 1' 175.209 
ASN 'L-peptide linking' y ASPARAGINE       ? 'C4 H8 N2 O3'    132.118 
ASP 'L-peptide linking' y 'ASPARTIC ACID'  ? 'C4 H7 N O4'     133.103 
CYS 'L-peptide linking' y CYSTEINE         ? 'C3 H7 N O2 S'   121.158 
GLN 'L-peptide linking' y GLUTAMINE        ? 'C5 H10 N2 O3'   146.144 
GLU 'L-peptide linking' y 'GLUTAMIC ACID'  ? 'C5 H9 N O4'     147.129 
GLY 'peptide linking'   y GLYCINE          ? 'C2 H5 N O2'     75.067  
HIS 'L-peptide linking' y HISTIDINE        ? 'C6 H10 N3 O2 1' 156.162 
HOH non-polymer         . WATER            ? 'H2 O'           18.015  
ILE 'L-peptide linking' y ISOLEUCINE       ? 'C6 H13 N O2'    131.173 
LEU 'L-peptide linking' y LEUCINE          ? 'C6 H13 N O2'    131.173 
LYS 'L-peptide linking' y LYSINE           ? 'C6 H15 N2 O2 1' 147.195 
MSE 'L-peptide linking' n SELENOMETHIONINE ? 'C5 H11 N O2 Se' 196.106 
PHE 'L-peptide linking' y PHENYLALANINE    ? 'C9 H11 N O2'    165.189 
PRO 'L-peptide linking' y PROLINE          ? 'C5 H9 N O2'     115.130 
SER 'L-peptide linking' y SERINE           ? 'C3 H7 N O3'     105.093 
THR 'L-peptide linking' y THREONINE        ? 'C4 H9 N O3'     119.119 
TYR 'L-peptide linking' y TYROSINE         ? 'C9 H11 N O3'    181.189 
VAL 'L-peptide linking' y VALINE           ? 'C5 H11 N O2'    117.146 
# 
loop_
_pdbx_poly_seq_scheme.asym_id 
_pdbx_poly_seq_scheme.entity_id 
_pdbx_poly_seq_scheme.seq_id 
_pdbx_poly_seq_scheme.mon_id 
_pdbx_poly_seq_scheme.ndb_seq_num 
_pdbx_poly_seq_scheme.pdb_seq_num 
_pdbx_poly_seq_scheme.auth_seq_num 
_pdbx_poly_seq_scheme.pdb_mon_id 
_pdbx_poly_seq_scheme.auth_mon_id 
_pdbx_poly_seq_scheme.pdb_strand_id 
_pdbx_poly_seq_scheme.pdb_ins_code 
_pdbx_poly_seq_scheme.hetero 
A 1 1   GLY 1   897  ?    ?   ?   A . n 
A 1 2   PRO 2   898  ?    ?   ?   A . n 
A 1 3   GLY 3   899  ?    ?   ?   A . n 
A 1 4   SER 4   900  900  SER SER A . n 
A 1 5   LEU 5   901  901  LEU LEU A . n 
A 1 6   SER 6   902  902  SER SER A . n 
A 1 7   THR 7   903  903  THR THR A . n 
A 1 8   ASN 8   904  904  ASN ASN A . n 
A 1 9   HIS 9   905  905  HIS HIS A . n 
A 1 10  GLU 10  906  906  GLU GLU A . n 
A 1 11  THR 11  907  907  THR THR A . n 
A 1 12  ILE 12  908  908  ILE ILE A . n 
A 1 13  ASP 13  909  909  ASP ASP A . n 
A 1 14  LEU 14  910  910  LEU LEU A . n 
A 1 15  LEU 15  911  911  LEU LEU A . n 
A 1 16  VAL 16  912  912  VAL VAL A . n 
A 1 17  GLN 17  913  913  GLN GLN A . n 
A 1 18  ILE 18  914  914  ILE ILE A . n 
A 1 19  LEU 19  915  915  LEU LEU A . n 
A 1 20  ARG 20  916  916  ARG ARG A . n 
A 1 21  ASN 21  917  917  ASN ASN A . n 
A 1 22  CYS 22  918  918  CYS CYS A . n 
A 1 23  LEU 23  919  919  LEU LEU A . n 
A 1 24  ARG 24  920  920  ARG ARG A . n 
A 1 25  TYR 25  921  921  TYR TYR A . n 
A 1 26  PHE 26  922  922  PHE PHE A . n 
A 1 27  LEU 27  923  923  LEU LEU A . n 
A 1 28  PRO 28  924  924  PRO PRO A . n 
A 1 29  PRO 29  925  925  PRO PRO A . n 
A 1 30  SER 30  926  926  SER SER A . n 
A 1 31  PHE 31  927  927  PHE PHE A . n 
A 1 32  PRO 32  928  928  PRO PRO A . n 
A 1 33  ILE 33  929  929  ILE ILE A . n 
A 1 34  SER 34  930  930  SER SER A . n 
A 1 35  LYS 35  931  931  LYS LYS A . n 
A 1 36  LYS 36  932  932  LYS LYS A . n 
A 1 37  GLN 37  933  933  GLN GLN A . n 
A 1 38  LEU 38  934  934  LEU LEU A . n 
A 1 39  SER 39  935  935  SER SER A . n 
A 1 40  ALA 40  936  936  ALA ALA A . n 
A 1 41  MSE 41  937  937  MSE MSE A . n 
A 1 42  ASN 42  938  938  ASN ASN A . n 
A 1 43  SER 43  939  939  SER SER A . n 
A 1 44  ASP 44  940  940  ASP ASP A . n 
A 1 45  GLU 45  941  941  GLU GLU A . n 
A 1 46  LEU 46  942  942  LEU LEU A . n 
A 1 47  ILE 47  943  943  ILE ILE A . n 
A 1 48  SER 48  944  944  SER SER A . n 
A 1 49  PHE 49  945  945  PHE PHE A . n 
A 1 50  PRO 50  946  946  PRO PRO A . n 
A 1 51  LEU 51  947  947  LEU LEU A . n 
A 1 52  LYS 52  948  948  LYS LYS A . n 
A 1 53  GLU 53  949  949  GLU GLU A . n 
A 1 54  TYR 54  950  950  TYR TYR A . n 
A 1 55  PHE 55  951  951  PHE PHE A . n 
A 1 56  LYS 56  952  952  LYS LYS A . n 
A 1 57  GLN 57  953  953  GLN GLN A . n 
A 1 58  TYR 58  954  954  TYR TYR A . n 
A 1 59  GLU 59  955  955  GLU GLU A . n 
A 1 60  VAL 60  956  956  VAL VAL A . n 
A 1 61  GLY 61  957  957  GLY GLY A . n 
A 1 62  LEU 62  958  958  LEU LEU A . n 
A 1 63  GLN 63  959  959  GLN GLN A . n 
A 1 64  ASN 64  960  960  ASN ASN A . n 
A 1 65  LEU 65  961  961  LEU LEU A . n 
A 1 66  CYS 66  962  962  CYS CYS A . n 
A 1 67  ASN 67  963  963  ASN ASN A . n 
A 1 68  SER 68  964  964  SER SER A . n 
A 1 69  TYR 69  965  965  TYR TYR A . n 
A 1 70  GLN 70  966  966  GLN GLN A . n 
A 1 71  SER 71  967  967  SER SER A . n 
A 1 72  ARG 72  968  968  ARG ARG A . n 
A 1 73  ALA 73  969  969  ALA ALA A . n 
A 1 74  ASP 74  970  970  ASP ASP A . n 
A 1 75  SER 75  971  971  SER SER A . n 
A 1 76  ARG 76  972  972  ARG ARG A . n 
A 1 77  ALA 77  973  973  ALA ALA A . n 
A 1 78  LYS 78  974  974  LYS LYS A . n 
A 1 79  ALA 79  975  975  ALA ALA A . n 
A 1 80  SER 80  976  976  SER SER A . n 
A 1 81  GLU 81  977  977  GLU GLU A . n 
A 1 82  GLU 82  978  978  GLU GLU A . n 
A 1 83  SER 83  979  979  SER SER A . n 
A 1 84  LEU 84  980  980  LEU LEU A . n 
A 1 85  ARG 85  981  981  ARG ARG A . n 
A 1 86  THR 86  982  982  THR THR A . n 
A 1 87  SER 87  983  983  SER SER A . n 
A 1 88  GLU 88  984  984  GLU GLU A . n 
A 1 89  ARG 89  985  985  ARG ARG A . n 
A 1 90  LYS 90  986  986  LYS LYS A . n 
A 1 91  LEU 91  987  987  LEU LEU A . n 
A 1 92  ARG 92  988  988  ARG ARG A . n 
A 1 93  GLU 93  989  989  GLU GLU A . n 
A 1 94  THR 94  990  990  THR THR A . n 
A 1 95  GLU 95  991  991  GLU GLU A . n 
A 1 96  GLU 96  992  992  GLU GLU A . n 
A 1 97  LYS 97  993  993  LYS LYS A . n 
A 1 98  LEU 98  994  994  LEU LEU A . n 
A 1 99  GLN 99  995  995  GLN GLN A . n 
A 1 100 LYS 100 996  996  LYS LYS A . n 
A 1 101 LEU 101 997  997  LEU LEU A . n 
A 1 102 ARG 102 998  998  ARG ARG A . n 
A 1 103 THR 103 999  999  THR THR A . n 
A 1 104 ASN 104 1000 1000 ASN ASN A . n 
A 1 105 ILE 105 1001 ?    ?   ?   A . n 
A 1 106 VAL 106 1002 ?    ?   ?   A . n 
A 1 107 ALA 107 1003 ?    ?   ?   A . n 
B 1 1   GLY 1   897  ?    ?   ?   B . n 
B 1 2   PRO 2   898  ?    ?   ?   B . n 
B 1 3   GLY 3   899  ?    ?   ?   B . n 
B 1 4   SER 4   900  ?    ?   ?   B . n 
B 1 5   LEU 5   901  901  LEU LEU B . n 
B 1 6   SER 6   902  902  SER SER B . n 
B 1 7   THR 7   903  903  THR THR B . n 
B 1 8   ASN 8   904  904  ASN ASN B . n 
B 1 9   HIS 9   905  905  HIS HIS B . n 
B 1 10  GLU 10  906  906  GLU GLU B . n 
B 1 11  THR 11  907  907  THR THR B . n 
B 1 12  ILE 12  908  908  ILE ILE B . n 
B 1 13  ASP 13  909  909  ASP ASP B . n 
B 1 14  LEU 14  910  910  LEU LEU B . n 
B 1 15  LEU 15  911  911  LEU LEU B . n 
B 1 16  VAL 16  912  912  VAL VAL B . n 
B 1 17  GLN 17  913  913  GLN GLN B . n 
B 1 18  ILE 18  914  914  ILE ILE B . n 
B 1 19  LEU 19  915  915  LEU LEU B . n 
B 1 20  ARG 20  916  916  ARG ARG B . n 
B 1 21  ASN 21  917  917  ASN ASN B . n 
B 1 22  CYS 22  918  918  CYS CYS B . n 
B 1 23  LEU 23  919  919  LEU LEU B . n 
B 1 24  ARG 24  920  920  ARG ARG B . n 
B 1 25  TYR 25  921  921  TYR TYR B . n 
B 1 26  PHE 26  922  922  PHE PHE B . n 
B 1 27  LEU 27  923  923  LEU LEU B . n 
B 1 28  PRO 28  924  924  PRO PRO B . n 
B 1 29  PRO 29  925  925  PRO PRO B . n 
B 1 30  SER 30  926  926  SER SER B . n 
B 1 31  PHE 31  927  927  PHE PHE B . n 
B 1 32  PRO 32  928  928  PRO PRO B . n 
B 1 33  ILE 33  929  929  ILE ILE B . n 
B 1 34  SER 34  930  930  SER SER B . n 
B 1 35  LYS 35  931  931  LYS LYS B . n 
B 1 36  LYS 36  932  932  LYS LYS B . n 
B 1 37  GLN 37  933  933  GLN GLN B . n 
B 1 38  LEU 38  934  934  LEU LEU B . n 
B 1 39  SER 39  935  935  SER SER B . n 
B 1 40  ALA 40  936  936  ALA ALA B . n 
B 1 41  MSE 41  937  937  MSE MSE B . n 
B 1 42  ASN 42  938  938  ASN ASN B . n 
B 1 43  SER 43  939  939  SER SER B . n 
B 1 44  ASP 44  940  940  ASP ASP B . n 
B 1 45  GLU 45  941  941  GLU GLU B . n 
B 1 46  LEU 46  942  942  LEU LEU B . n 
B 1 47  ILE 47  943  943  ILE ILE B . n 
B 1 48  SER 48  944  944  SER SER B . n 
B 1 49  PHE 49  945  945  PHE PHE B . n 
B 1 50  PRO 50  946  946  PRO PRO B . n 
B 1 51  LEU 51  947  947  LEU LEU B . n 
B 1 52  LYS 52  948  948  LYS LYS B . n 
B 1 53  GLU 53  949  949  GLU GLU B . n 
B 1 54  TYR 54  950  950  TYR TYR B . n 
B 1 55  PHE 55  951  951  PHE PHE B . n 
B 1 56  LYS 56  952  952  LYS LYS B . n 
B 1 57  GLN 57  953  953  GLN GLN B . n 
B 1 58  TYR 58  954  954  TYR TYR B . n 
B 1 59  GLU 59  955  955  GLU GLU B . n 
B 1 60  VAL 60  956  956  VAL VAL B . n 
B 1 61  GLY 61  957  957  GLY GLY B . n 
B 1 62  LEU 62  958  958  LEU LEU B . n 
B 1 63  GLN 63  959  959  GLN GLN B . n 
B 1 64  ASN 64  960  960  ASN ASN B . n 
B 1 65  LEU 65  961  961  LEU LEU B . n 
B 1 66  CYS 66  962  962  CYS CYS B . n 
B 1 67  ASN 67  963  963  ASN ASN B . n 
B 1 68  SER 68  964  964  SER SER B . n 
B 1 69  TYR 69  965  965  TYR TYR B . n 
B 1 70  GLN 70  966  966  GLN GLN B . n 
B 1 71  SER 71  967  967  SER SER B . n 
B 1 72  ARG 72  968  968  ARG ARG B . n 
B 1 73  ALA 73  969  969  ALA ALA B . n 
B 1 74  ASP 74  970  970  ASP ASP B . n 
B 1 75  SER 75  971  971  SER SER B . n 
B 1 76  ARG 76  972  972  ARG ARG B . n 
B 1 77  ALA 77  973  973  ALA ALA B . n 
B 1 78  LYS 78  974  974  LYS LYS B . n 
B 1 79  ALA 79  975  975  ALA ALA B . n 
B 1 80  SER 80  976  976  SER SER B . n 
B 1 81  GLU 81  977  977  GLU GLU B . n 
B 1 82  GLU 82  978  978  GLU GLU B . n 
B 1 83  SER 83  979  979  SER SER B . n 
B 1 84  LEU 84  980  980  LEU LEU B . n 
B 1 85  ARG 85  981  981  ARG ARG B . n 
B 1 86  THR 86  982  982  THR THR B . n 
B 1 87  SER 87  983  983  SER SER B . n 
B 1 88  GLU 88  984  984  GLU GLU B . n 
B 1 89  ARG 89  985  985  ARG ARG B . n 
B 1 90  LYS 90  986  986  LYS LYS B . n 
B 1 91  LEU 91  987  987  LEU LEU B . n 
B 1 92  ARG 92  988  988  ARG ARG B . n 
B 1 93  GLU 93  989  989  GLU GLU B . n 
B 1 94  THR 94  990  990  THR THR B . n 
B 1 95  GLU 95  991  991  GLU GLU B . n 
B 1 96  GLU 96  992  992  GLU GLU B . n 
B 1 97  LYS 97  993  993  LYS LYS B . n 
B 1 98  LEU 98  994  994  LEU LEU B . n 
B 1 99  GLN 99  995  995  GLN GLN B . n 
B 1 100 LYS 100 996  996  LYS LYS B . n 
B 1 101 LEU 101 997  997  LEU LEU B . n 
B 1 102 ARG 102 998  998  ARG ARG B . n 
B 1 103 THR 103 999  999  THR THR B . n 
B 1 104 ASN 104 1000 1000 ASN ASN B . n 
B 1 105 ILE 105 1001 1001 ILE ILE B . n 
B 1 106 VAL 106 1002 1002 VAL VAL B . n 
B 1 107 ALA 107 1003 ?    ?   ?   B . n 
# 
loop_
_pdbx_nonpoly_scheme.asym_id 
_pdbx_nonpoly_scheme.entity_id 
_pdbx_nonpoly_scheme.mon_id 
_pdbx_nonpoly_scheme.ndb_seq_num 
_pdbx_nonpoly_scheme.pdb_seq_num 
_pdbx_nonpoly_scheme.auth_seq_num 
_pdbx_nonpoly_scheme.pdb_mon_id 
_pdbx_nonpoly_scheme.auth_mon_id 
_pdbx_nonpoly_scheme.pdb_strand_id 
_pdbx_nonpoly_scheme.pdb_ins_code 
C 2 HOH 1 1101 1 HOH HOH A . 
C 2 HOH 2 1102 2 HOH HOH A . 
# 
loop_
_software.citation_id 
_software.classification 
_software.compiler_name 
_software.compiler_version 
_software.contact_author 
_software.contact_author_email 
_software.date 
_software.description 
_software.dependencies 
_software.hardware 
_software.language 
_software.location 
_software.mods 
_software.name 
_software.os 
_software.os_version 
_software.type 
_software.version 
_software.pdbx_ordinal 
? refinement       ? ? ? ? ? ? ? ? ? ? ? PHENIX   ? ? ? '(1.19.2_4158: ???)' 1 
? 'data scaling'   ? ? ? ? ? ? ? ? ? ? ? HKL-3000 ? ? ? .                    2 
? 'data reduction' ? ? ? ? ? ? ? ? ? ? ? HKL-3000 ? ? ? .                    3 
? phasing          ? ? ? ? ? ? ? ? ? ? ? PHASER   ? ? ? .                    4 
# 
_cell.angle_alpha                  90.00 
_cell.angle_alpha_esd              ? 
_cell.angle_beta                   90.00 
_cell.angle_beta_esd               ? 
_cell.angle_gamma                  90.00 
_cell.angle_gamma_esd              ? 
_cell.entry_id                     9KQL 
_cell.details                      ? 
_cell.formula_units_Z              ? 
_cell.length_a                     130.253 
_cell.length_a_esd                 ? 
_cell.length_b                     130.253 
_cell.length_b_esd                 ? 
_cell.length_c                     40.895 
_cell.length_c_esd                 ? 
_cell.volume                       ? 
_cell.volume_esd                   ? 
_cell.Z_PDB                        16 
_cell.reciprocal_angle_alpha       ? 
_cell.reciprocal_angle_beta        ? 
_cell.reciprocal_angle_gamma       ? 
_cell.reciprocal_angle_alpha_esd   ? 
_cell.reciprocal_angle_beta_esd    ? 
_cell.reciprocal_angle_gamma_esd   ? 
_cell.reciprocal_length_a          ? 
_cell.reciprocal_length_b          ? 
_cell.reciprocal_length_c          ? 
_cell.reciprocal_length_a_esd      ? 
_cell.reciprocal_length_b_esd      ? 
_cell.reciprocal_length_c_esd      ? 
_cell.pdbx_unique_axis             ? 
_cell.pdbx_esd_method              ? 
# 
_symmetry.entry_id                         9KQL 
_symmetry.cell_setting                     ? 
_symmetry.Int_Tables_number                80 
_symmetry.space_group_name_Hall            ? 
_symmetry.space_group_name_H-M             'I 41' 
_symmetry.pdbx_full_space_group_name_H-M   ? 
# 
_exptl.absorpt_coefficient_mu     ? 
_exptl.absorpt_correction_T_max   ? 
_exptl.absorpt_correction_T_min   ? 
_exptl.absorpt_correction_type    ? 
_exptl.absorpt_process_details    ? 
_exptl.entry_id                   9KQL 
_exptl.crystals_number            1 
_exptl.details                    ? 
_exptl.method                     'X-RAY DIFFRACTION' 
_exptl.method_details             ? 
# 
_exptl_crystal.colour                       ? 
_exptl_crystal.density_diffrn               ? 
_exptl_crystal.density_Matthews             3.52 
_exptl_crystal.density_method               ? 
_exptl_crystal.density_percent_sol          65.04 
_exptl_crystal.description                  ? 
_exptl_crystal.F_000                        ? 
_exptl_crystal.id                           1 
_exptl_crystal.preparation                  ? 
_exptl_crystal.size_max                     ? 
_exptl_crystal.size_mid                     ? 
_exptl_crystal.size_min                     ? 
_exptl_crystal.size_rad                     ? 
_exptl_crystal.colour_lustre                ? 
_exptl_crystal.colour_modifier              ? 
_exptl_crystal.colour_primary               ? 
_exptl_crystal.density_meas                 ? 
_exptl_crystal.density_meas_esd             ? 
_exptl_crystal.density_meas_gt              ? 
_exptl_crystal.density_meas_lt              ? 
_exptl_crystal.density_meas_temp            ? 
_exptl_crystal.density_meas_temp_esd        ? 
_exptl_crystal.density_meas_temp_gt         ? 
_exptl_crystal.density_meas_temp_lt         ? 
_exptl_crystal.pdbx_crystal_image_url       ? 
_exptl_crystal.pdbx_crystal_image_format    ? 
_exptl_crystal.pdbx_mosaicity               ? 
_exptl_crystal.pdbx_mosaicity_esd           ? 
_exptl_crystal.pdbx_mosaic_method           ? 
_exptl_crystal.pdbx_mosaic_block_size       ? 
_exptl_crystal.pdbx_mosaic_block_size_esd   ? 
# 
_exptl_crystal_grow.apparatus       ? 
_exptl_crystal_grow.atmosphere      ? 
_exptl_crystal_grow.crystal_id      1 
_exptl_crystal_grow.details         ? 
_exptl_crystal_grow.method          'VAPOR DIFFUSION, SITTING DROP' 
_exptl_crystal_grow.method_ref      ? 
_exptl_crystal_grow.pH              ? 
_exptl_crystal_grow.pressure        ? 
_exptl_crystal_grow.pressure_esd    ? 
_exptl_crystal_grow.seeding         ? 
_exptl_crystal_grow.seeding_ref     ? 
_exptl_crystal_grow.temp_details    ? 
_exptl_crystal_grow.temp_esd        ? 
_exptl_crystal_grow.time            ? 
_exptl_crystal_grow.pdbx_details    
;0.1M Citric acid(pH 3.5)
25% w/v PEG 3350
;
_exptl_crystal_grow.pdbx_pH_range   ? 
_exptl_crystal_grow.temp            289.15 
# 
_diffrn.ambient_environment              ? 
_diffrn.ambient_temp                     100 
_diffrn.ambient_temp_details             ? 
_diffrn.ambient_temp_esd                 ? 
_diffrn.crystal_id                       1 
_diffrn.crystal_support                  ? 
_diffrn.crystal_treatment                ? 
_diffrn.details                          ? 
_diffrn.id                               1 
_diffrn.ambient_pressure                 ? 
_diffrn.ambient_pressure_esd             ? 
_diffrn.ambient_pressure_gt              ? 
_diffrn.ambient_pressure_lt              ? 
_diffrn.ambient_temp_gt                  ? 
_diffrn.ambient_temp_lt                  ? 
_diffrn.pdbx_serial_crystal_experiment   N 
# 
_diffrn_detector.details                      ? 
_diffrn_detector.detector                     PIXEL 
_diffrn_detector.diffrn_id                    1 
_diffrn_detector.type                         'DECTRIS PILATUS 6M' 
_diffrn_detector.area_resol_mean              ? 
_diffrn_detector.dtime                        ? 
_diffrn_detector.pdbx_frames_total            ? 
_diffrn_detector.pdbx_collection_time_total   ? 
_diffrn_detector.pdbx_collection_date         2021-01-10 
_diffrn_detector.pdbx_frequency               ? 
_diffrn_detector.id                           ? 
_diffrn_detector.number_of_axes               ? 
# 
_diffrn_radiation.collimation                      ? 
_diffrn_radiation.diffrn_id                        1 
_diffrn_radiation.filter_edge                      ? 
_diffrn_radiation.inhomogeneity                    ? 
_diffrn_radiation.monochromator                    ? 
_diffrn_radiation.polarisn_norm                    ? 
_diffrn_radiation.polarisn_ratio                   ? 
_diffrn_radiation.probe                            ? 
_diffrn_radiation.type                             ? 
_diffrn_radiation.xray_symbol                      ? 
_diffrn_radiation.wavelength_id                    1 
_diffrn_radiation.pdbx_monochromatic_or_laue_m_l   M 
_diffrn_radiation.pdbx_wavelength_list             ? 
_diffrn_radiation.pdbx_wavelength                  ? 
_diffrn_radiation.pdbx_diffrn_protocol             'SINGLE WAVELENGTH' 
_diffrn_radiation.pdbx_analyzer                    ? 
_diffrn_radiation.pdbx_scattering_type             x-ray 
# 
_diffrn_radiation_wavelength.id           1 
_diffrn_radiation_wavelength.wavelength   0.97915 
_diffrn_radiation_wavelength.wt           1.0 
# 
_diffrn_source.current                     ? 
_diffrn_source.details                     ? 
_diffrn_source.diffrn_id                   1 
_diffrn_source.power                       ? 
_diffrn_source.size                        ? 
_diffrn_source.source                      SYNCHROTRON 
_diffrn_source.target                      ? 
_diffrn_source.type                        'SSRF BEAMLINE BL18U1' 
_diffrn_source.voltage                     ? 
_diffrn_source.take-off_angle              ? 
_diffrn_source.pdbx_wavelength_list        0.97915 
_diffrn_source.pdbx_wavelength             ? 
_diffrn_source.pdbx_synchrotron_beamline   BL18U1 
_diffrn_source.pdbx_synchrotron_site       SSRF 
# 
_reflns.B_iso_Wilson_estimate                          ? 
_reflns.entry_id                                       9KQL 
_reflns.data_reduction_details                         ? 
_reflns.data_reduction_method                          ? 
_reflns.d_resolution_high                              3.05 
_reflns.d_resolution_low                               50.00 
_reflns.details                                        ? 
_reflns.limit_h_max                                    ? 
_reflns.limit_h_min                                    ? 
_reflns.limit_k_max                                    ? 
_reflns.limit_k_min                                    ? 
_reflns.limit_l_max                                    ? 
_reflns.limit_l_min                                    ? 
_reflns.number_all                                     ? 
_reflns.number_obs                                     6774 
_reflns.observed_criterion                             ? 
_reflns.observed_criterion_F_max                       ? 
_reflns.observed_criterion_F_min                       ? 
_reflns.observed_criterion_I_max                       ? 
_reflns.observed_criterion_I_min                       ? 
_reflns.observed_criterion_sigma_F                     ? 
_reflns.observed_criterion_sigma_I                     ? 
_reflns.percent_possible_obs                           100.0 
_reflns.R_free_details                                 ? 
_reflns.Rmerge_F_all                                   ? 
_reflns.Rmerge_F_obs                                   ? 
_reflns.Friedel_coverage                               ? 
_reflns.number_gt                                      ? 
_reflns.threshold_expression                           ? 
_reflns.pdbx_redundancy                                12.6 
_reflns.pdbx_netI_over_av_sigmaI                       ? 
_reflns.pdbx_netI_over_sigmaI                          8.7 
_reflns.pdbx_res_netI_over_av_sigmaI_2                 ? 
_reflns.pdbx_res_netI_over_sigmaI_2                    ? 
_reflns.pdbx_chi_squared                               0.906 
_reflns.pdbx_scaling_rejects                           ? 
_reflns.pdbx_d_res_high_opt                            ? 
_reflns.pdbx_d_res_low_opt                             ? 
_reflns.pdbx_d_res_opt_method                          ? 
_reflns.phase_calculation_details                      ? 
_reflns.pdbx_Rrim_I_all                                0.117 
_reflns.pdbx_Rpim_I_all                                0.033 
_reflns.pdbx_d_opt                                     ? 
_reflns.pdbx_number_measured_all                       85583 
_reflns.pdbx_diffrn_id                                 1 
_reflns.pdbx_ordinal                                   1 
_reflns.pdbx_CC_half                                   0.999 
_reflns.pdbx_CC_star                                   1.000 
_reflns.pdbx_R_split                                   ? 
_reflns.pdbx_Rmerge_I_obs                              0.112 
_reflns.pdbx_Rmerge_I_all                              ? 
_reflns.pdbx_Rsym_value                                ? 
_reflns.pdbx_CC_split_method                           ? 
_reflns.pdbx_aniso_diffraction_limit_axis_1_ortho[1]   ? 
_reflns.pdbx_aniso_diffraction_limit_axis_1_ortho[2]   ? 
_reflns.pdbx_aniso_diffraction_limit_axis_1_ortho[3]   ? 
_reflns.pdbx_aniso_diffraction_limit_axis_2_ortho[1]   ? 
_reflns.pdbx_aniso_diffraction_limit_axis_2_ortho[2]   ? 
_reflns.pdbx_aniso_diffraction_limit_axis_2_ortho[3]   ? 
_reflns.pdbx_aniso_diffraction_limit_axis_3_ortho[1]   ? 
_reflns.pdbx_aniso_diffraction_limit_axis_3_ortho[2]   ? 
_reflns.pdbx_aniso_diffraction_limit_axis_3_ortho[3]   ? 
_reflns.pdbx_aniso_diffraction_limit_1                 ? 
_reflns.pdbx_aniso_diffraction_limit_2                 ? 
_reflns.pdbx_aniso_diffraction_limit_3                 ? 
_reflns.pdbx_aniso_B_tensor_eigenvector_1_ortho[1]     ? 
_reflns.pdbx_aniso_B_tensor_eigenvector_1_ortho[2]     ? 
_reflns.pdbx_aniso_B_tensor_eigenvector_1_ortho[3]     ? 
_reflns.pdbx_aniso_B_tensor_eigenvector_2_ortho[1]     ? 
_reflns.pdbx_aniso_B_tensor_eigenvector_2_ortho[2]     ? 
_reflns.pdbx_aniso_B_tensor_eigenvector_2_ortho[3]     ? 
_reflns.pdbx_aniso_B_tensor_eigenvector_3_ortho[1]     ? 
_reflns.pdbx_aniso_B_tensor_eigenvector_3_ortho[2]     ? 
_reflns.pdbx_aniso_B_tensor_eigenvector_3_ortho[3]     ? 
_reflns.pdbx_aniso_B_tensor_eigenvalue_1               ? 
_reflns.pdbx_aniso_B_tensor_eigenvalue_2               ? 
_reflns.pdbx_aniso_B_tensor_eigenvalue_3               ? 
_reflns.pdbx_orthogonalization_convention              ? 
_reflns.pdbx_percent_possible_ellipsoidal              ? 
_reflns.pdbx_percent_possible_spherical                ? 
_reflns.pdbx_percent_possible_ellipsoidal_anomalous    ? 
_reflns.pdbx_percent_possible_spherical_anomalous      ? 
_reflns.pdbx_redundancy_anomalous                      ? 
_reflns.pdbx_CC_half_anomalous                         ? 
_reflns.pdbx_absDiff_over_sigma_anomalous              ? 
_reflns.pdbx_percent_possible_anomalous                ? 
_reflns.pdbx_observed_signal_threshold                 ? 
_reflns.pdbx_signal_type                               ? 
_reflns.pdbx_signal_details                            ? 
_reflns.pdbx_signal_software_id                        ? 
# 
loop_
_reflns_shell.d_res_high 
_reflns_shell.d_res_low 
_reflns_shell.meanI_over_sigI_all 
_reflns_shell.meanI_over_sigI_obs 
_reflns_shell.number_measured_all 
_reflns_shell.number_measured_obs 
_reflns_shell.number_possible 
_reflns_shell.number_unique_all 
_reflns_shell.number_unique_obs 
_reflns_shell.percent_possible_obs 
_reflns_shell.Rmerge_F_all 
_reflns_shell.Rmerge_F_obs 
_reflns_shell.meanI_over_sigI_gt 
_reflns_shell.meanI_over_uI_all 
_reflns_shell.meanI_over_uI_gt 
_reflns_shell.number_measured_gt 
_reflns_shell.number_unique_gt 
_reflns_shell.percent_possible_gt 
_reflns_shell.Rmerge_F_gt 
_reflns_shell.Rmerge_I_gt 
_reflns_shell.pdbx_redundancy 
_reflns_shell.pdbx_chi_squared 
_reflns_shell.pdbx_netI_over_sigmaI_all 
_reflns_shell.pdbx_netI_over_sigmaI_obs 
_reflns_shell.pdbx_Rrim_I_all 
_reflns_shell.pdbx_Rpim_I_all 
_reflns_shell.pdbx_rejects 
_reflns_shell.pdbx_ordinal 
_reflns_shell.pdbx_diffrn_id 
_reflns_shell.pdbx_CC_half 
_reflns_shell.pdbx_CC_star 
_reflns_shell.pdbx_R_split 
_reflns_shell.percent_possible_all 
_reflns_shell.Rmerge_I_all 
_reflns_shell.Rmerge_I_obs 
_reflns_shell.pdbx_Rsym_value 
_reflns_shell.pdbx_percent_possible_ellipsoidal 
_reflns_shell.pdbx_percent_possible_spherical 
_reflns_shell.pdbx_percent_possible_ellipsoidal_anomalous 
_reflns_shell.pdbx_percent_possible_spherical_anomalous 
_reflns_shell.pdbx_redundancy_anomalous 
_reflns_shell.pdbx_CC_half_anomalous 
_reflns_shell.pdbx_absDiff_over_sigma_anomalous 
_reflns_shell.pdbx_percent_possible_anomalous 
3.05 3.10  ? ? ? ? ? ? 333 ? ? ? ? ? ? ? ? ? ? ? 10.5 0.952 ? ? 1.275 0.388 ? 1  1 0.703 0.909 ? 100.0 ? 1.214 ? ? ? ? ? ? ? ? ? 
3.10 3.16  ? ? ? ? ? ? 347 ? ? ? ? ? ? ? ? ? ? ? 12.0 0.961 ? ? 1.218 0.347 ? 2  1 0.792 0.940 ? 100.0 ? 1.167 ? ? ? ? ? ? ? ? ? 
3.16 3.22  ? ? ? ? ? ? 321 ? ? ? ? ? ? ? ? ? ? ? 12.7 0.902 ? ? 0.978 0.272 ? 3  1 0.884 0.969 ? 100.0 ? 0.939 ? ? ? ? ? ? ? ? ? 
3.22 3.29  ? ? ? ? ? ? 331 ? ? ? ? ? ? ? ? ? ? ? 13.4 0.935 ? ? 0.836 0.227 ? 4  1 0.917 0.978 ? 100.0 ? 0.804 ? ? ? ? ? ? ? ? ? 
3.29 3.36  ? ? ? ? ? ? 349 ? ? ? ? ? ? ? ? ? ? ? 13.4 0.951 ? ? 0.688 0.187 ? 5  1 0.942 0.985 ? 100.0 ? 0.662 ? ? ? ? ? ? ? ? ? 
3.36 3.43  ? ? ? ? ? ? 331 ? ? ? ? ? ? ? ? ? ? ? 13.1 0.940 ? ? 0.561 0.155 ? 6  1 0.954 0.988 ? 100.0 ? 0.539 ? ? ? ? ? ? ? ? ? 
3.43 3.52  ? ? ? ? ? ? 332 ? ? ? ? ? ? ? ? ? ? ? 13.0 0.993 ? ? 0.445 0.122 ? 7  1 0.969 0.992 ? 100.0 ? 0.427 ? ? ? ? ? ? ? ? ? 
3.52 3.62  ? ? ? ? ? ? 329 ? ? ? ? ? ? ? ? ? ? ? 12.4 0.940 ? ? 0.362 0.102 ? 8  1 0.975 0.994 ? 100.0 ? 0.347 ? ? ? ? ? ? ? ? ? 
3.62 3.72  ? ? ? ? ? ? 341 ? ? ? ? ? ? ? ? ? ? ? 12.2 0.980 ? ? 0.259 0.074 ? 9  1 0.974 0.993 ? 100.0 ? 0.247 ? ? ? ? ? ? ? ? ? 
3.72 3.84  ? ? ? ? ? ? 329 ? ? ? ? ? ? ? ? ? ? ? 12.3 0.986 ? ? 0.199 0.057 ? 10 1 0.984 0.996 ? 100.0 ? 0.190 ? ? ? ? ? ? ? ? ? 
3.84 3.98  ? ? ? ? ? ? 335 ? ? ? ? ? ? ? ? ? ? ? 13.2 0.963 ? ? 0.157 0.043 ? 11 1 0.992 0.998 ? 100.0 ? 0.151 ? ? ? ? ? ? ? ? ? 
3.98 4.14  ? ? ? ? ? ? 343 ? ? ? ? ? ? ? ? ? ? ? 13.4 0.944 ? ? 0.125 0.034 ? 12 1 0.996 0.999 ? 99.4  ? 0.120 ? ? ? ? ? ? ? ? ? 
4.14 4.33  ? ? ? ? ? ? 327 ? ? ? ? ? ? ? ? ? ? ? 13.2 1.004 ? ? 0.113 0.031 ? 13 1 0.996 0.999 ? 100.0 ? 0.109 ? ? ? ? ? ? ? ? ? 
4.33 4.56  ? ? ? ? ? ? 343 ? ? ? ? ? ? ? ? ? ? ? 13.3 0.901 ? ? 0.089 0.024 ? 14 1 0.996 0.999 ? 100.0 ? 0.086 ? ? ? ? ? ? ? ? ? 
4.56 4.84  ? ? ? ? ? ? 331 ? ? ? ? ? ? ? ? ? ? ? 12.2 0.906 ? ? 0.079 0.022 ? 15 1 0.997 0.999 ? 100.0 ? 0.076 ? ? ? ? ? ? ? ? ? 
4.84 5.21  ? ? ? ? ? ? 348 ? ? ? ? ? ? ? ? ? ? ? 12.5 0.762 ? ? 0.069 0.019 ? 16 1 0.997 0.999 ? 100.0 ? 0.066 ? ? ? ? ? ? ? ? ? 
5.21 5.74  ? ? ? ? ? ? 343 ? ? ? ? ? ? ? ? ? ? ? 13.5 0.738 ? ? 0.074 0.020 ? 17 1 0.997 0.999 ? 100.0 ? 0.071 ? ? ? ? ? ? ? ? ? 
5.74 6.57  ? ? ? ? ? ? 347 ? ? ? ? ? ? ? ? ? ? ? 13.1 0.655 ? ? 0.063 0.017 ? 18 1 0.997 0.999 ? 100.0 ? 0.060 ? ? ? ? ? ? ? ? ? 
6.57 8.27  ? ? ? ? ? ? 346 ? ? ? ? ? ? ? ? ? ? ? 11.9 0.635 ? ? 0.049 0.014 ? 19 1 0.999 1.000 ? 100.0 ? 0.047 ? ? ? ? ? ? ? ? ? 
8.27 50.00 ? ? ? ? ? ? 368 ? ? ? ? ? ? ? ? ? ? ? 11.6 1.091 ? ? 0.065 0.019 ? 20 1 0.997 0.999 ? 99.7  ? 0.062 ? ? ? ? ? ? ? ? ? 
# 
_refine.aniso_B[1][1]                            ? 
_refine.aniso_B[1][2]                            ? 
_refine.aniso_B[1][3]                            ? 
_refine.aniso_B[2][2]                            ? 
_refine.aniso_B[2][3]                            ? 
_refine.aniso_B[3][3]                            ? 
_refine.B_iso_max                                ? 
_refine.B_iso_mean                               ? 
_refine.B_iso_min                                ? 
_refine.correlation_coeff_Fo_to_Fc               ? 
_refine.correlation_coeff_Fo_to_Fc_free          ? 
_refine.details                                  ? 
_refine.diff_density_max                         ? 
_refine.diff_density_max_esd                     ? 
_refine.diff_density_min                         ? 
_refine.diff_density_min_esd                     ? 
_refine.diff_density_rms                         ? 
_refine.diff_density_rms_esd                     ? 
_refine.entry_id                                 9KQL 
_refine.pdbx_refine_id                           'X-RAY DIFFRACTION' 
_refine.ls_abs_structure_details                 ? 
_refine.ls_abs_structure_Flack                   ? 
_refine.ls_abs_structure_Flack_esd               ? 
_refine.ls_abs_structure_Rogers                  ? 
_refine.ls_abs_structure_Rogers_esd              ? 
_refine.ls_d_res_high                            3.10 
_refine.ls_d_res_low                             32.56 
_refine.ls_extinction_coef                       ? 
_refine.ls_extinction_coef_esd                   ? 
_refine.ls_extinction_expression                 ? 
_refine.ls_extinction_method                     ? 
_refine.ls_goodness_of_fit_all                   ? 
_refine.ls_goodness_of_fit_all_esd               ? 
_refine.ls_goodness_of_fit_obs                   ? 
_refine.ls_goodness_of_fit_obs_esd               ? 
_refine.ls_hydrogen_treatment                    ? 
_refine.ls_matrix_type                           ? 
_refine.ls_number_constraints                    ? 
_refine.ls_number_parameters                     ? 
_refine.ls_number_reflns_all                     ? 
_refine.ls_number_reflns_obs                     6429 
_refine.ls_number_reflns_R_free                  349 
_refine.ls_number_reflns_R_work                  ? 
_refine.ls_number_restraints                     ? 
_refine.ls_percent_reflns_obs                    99.80 
_refine.ls_percent_reflns_R_free                 5.43 
_refine.ls_R_factor_all                          ? 
_refine.ls_R_factor_obs                          0.2008 
_refine.ls_R_factor_R_free                       0.2480 
_refine.ls_R_factor_R_free_error                 ? 
_refine.ls_R_factor_R_free_error_details         ? 
_refine.ls_R_factor_R_work                       0.1981 
_refine.ls_R_Fsqd_factor_obs                     ? 
_refine.ls_R_I_factor_obs                        ? 
_refine.ls_redundancy_reflns_all                 ? 
_refine.ls_redundancy_reflns_obs                 ? 
_refine.ls_restrained_S_all                      ? 
_refine.ls_restrained_S_obs                      ? 
_refine.ls_shift_over_esd_max                    ? 
_refine.ls_shift_over_esd_mean                   ? 
_refine.ls_structure_factor_coef                 ? 
_refine.ls_weighting_details                     ? 
_refine.ls_weighting_scheme                      ? 
_refine.ls_wR_factor_all                         ? 
_refine.ls_wR_factor_obs                         ? 
_refine.ls_wR_factor_R_free                      ? 
_refine.ls_wR_factor_R_work                      ? 
_refine.occupancy_max                            ? 
_refine.occupancy_min                            ? 
_refine.solvent_model_details                    'FLAT BULK SOLVENT MODEL' 
_refine.solvent_model_param_bsol                 ? 
_refine.solvent_model_param_ksol                 ? 
_refine.pdbx_R_complete                          ? 
_refine.ls_R_factor_gt                           ? 
_refine.ls_goodness_of_fit_gt                    ? 
_refine.ls_goodness_of_fit_ref                   ? 
_refine.ls_shift_over_su_max                     ? 
_refine.ls_shift_over_su_max_lt                  ? 
_refine.ls_shift_over_su_mean                    ? 
_refine.ls_shift_over_su_mean_lt                 ? 
_refine.pdbx_ls_sigma_I                          ? 
_refine.pdbx_ls_sigma_F                          1.37 
_refine.pdbx_ls_sigma_Fsqd                       ? 
_refine.pdbx_data_cutoff_high_absF               ? 
_refine.pdbx_data_cutoff_high_rms_absF           ? 
_refine.pdbx_data_cutoff_low_absF                ? 
_refine.pdbx_isotropic_thermal_model             ? 
_refine.pdbx_ls_cross_valid_method               NONE 
_refine.pdbx_method_to_determine_struct          SAD 
_refine.pdbx_starting_model                      ? 
_refine.pdbx_stereochemistry_target_values       ML 
_refine.pdbx_R_Free_selection_details            ? 
_refine.pdbx_stereochem_target_val_spec_case     ? 
_refine.pdbx_overall_ESU_R                       ? 
_refine.pdbx_overall_ESU_R_Free                  ? 
_refine.pdbx_solvent_vdw_probe_radii             1.11 
_refine.pdbx_solvent_ion_probe_radii             ? 
_refine.pdbx_solvent_shrinkage_radii             0.90 
_refine.pdbx_real_space_R                        ? 
_refine.pdbx_density_correlation                 ? 
_refine.pdbx_pd_number_of_powder_patterns        ? 
_refine.pdbx_pd_number_of_points                 ? 
_refine.pdbx_pd_meas_number_of_points            ? 
_refine.pdbx_pd_proc_ls_prof_R_factor            ? 
_refine.pdbx_pd_proc_ls_prof_wR_factor           ? 
_refine.pdbx_pd_Marquardt_correlation_coeff      ? 
_refine.pdbx_pd_Fsqrd_R_factor                   ? 
_refine.pdbx_pd_ls_matrix_band_width             ? 
_refine.pdbx_overall_phase_error                 27.57 
_refine.pdbx_overall_SU_R_free_Cruickshank_DPI   ? 
_refine.pdbx_overall_SU_R_free_Blow_DPI          ? 
_refine.pdbx_overall_SU_R_Blow_DPI               ? 
_refine.pdbx_TLS_residual_ADP_flag               ? 
_refine.pdbx_diffrn_id                           1 
_refine.overall_SU_B                             ? 
_refine.overall_SU_ML                            0.33 
_refine.overall_SU_R_Cruickshank_DPI             ? 
_refine.overall_SU_R_free                        ? 
_refine.overall_FOM_free_R_set                   ? 
_refine.overall_FOM_work_R_set                   ? 
_refine.pdbx_average_fsc_overall                 ? 
_refine.pdbx_average_fsc_work                    ? 
_refine.pdbx_average_fsc_free                    ? 
# 
_refine_hist.pdbx_refine_id                   'X-RAY DIFFRACTION' 
_refine_hist.cycle_id                         LAST 
_refine_hist.details                          ? 
_refine_hist.d_res_high                       3.10 
_refine_hist.d_res_low                        32.56 
_refine_hist.number_atoms_solvent             2 
_refine_hist.number_atoms_total               1669 
_refine_hist.number_reflns_all                ? 
_refine_hist.number_reflns_obs                ? 
_refine_hist.number_reflns_R_free             ? 
_refine_hist.number_reflns_R_work             ? 
_refine_hist.R_factor_all                     ? 
_refine_hist.R_factor_obs                     ? 
_refine_hist.R_factor_R_free                  ? 
_refine_hist.R_factor_R_work                  ? 
_refine_hist.pdbx_number_residues_total       ? 
_refine_hist.pdbx_B_iso_mean_ligand           ? 
_refine_hist.pdbx_B_iso_mean_solvent          ? 
_refine_hist.pdbx_number_atoms_protein        1667 
_refine_hist.pdbx_number_atoms_nucleic_acid   0 
_refine_hist.pdbx_number_atoms_ligand         0 
_refine_hist.pdbx_number_atoms_lipid          ? 
_refine_hist.pdbx_number_atoms_carb           ? 
_refine_hist.pdbx_pseudo_atom_details         ? 
# 
loop_
_refine_ls_restr.pdbx_refine_id 
_refine_ls_restr.criterion 
_refine_ls_restr.dev_ideal 
_refine_ls_restr.dev_ideal_target 
_refine_ls_restr.number 
_refine_ls_restr.rejects 
_refine_ls_restr.type 
_refine_ls_restr.weight 
_refine_ls_restr.pdbx_restraint_function 
'X-RAY DIFFRACTION' ? 0.004 ? 1691 ? f_bond_d           ? ? 
'X-RAY DIFFRACTION' ? 0.627 ? 2271 ? f_angle_d          ? ? 
'X-RAY DIFFRACTION' ? 3.776 ? 225  ? f_dihedral_angle_d ? ? 
'X-RAY DIFFRACTION' ? 0.039 ? 255  ? f_chiral_restr     ? ? 
'X-RAY DIFFRACTION' ? 0.006 ? 293  ? f_plane_restr      ? ? 
# 
loop_
_refine_ls_shell.pdbx_refine_id 
_refine_ls_shell.d_res_high 
_refine_ls_shell.d_res_low 
_refine_ls_shell.number_reflns_all 
_refine_ls_shell.number_reflns_obs 
_refine_ls_shell.number_reflns_R_free 
_refine_ls_shell.number_reflns_R_work 
_refine_ls_shell.percent_reflns_obs 
_refine_ls_shell.percent_reflns_R_free 
_refine_ls_shell.R_factor_all 
_refine_ls_shell.R_factor_obs 
_refine_ls_shell.R_factor_R_free_error 
_refine_ls_shell.R_factor_R_work 
_refine_ls_shell.redundancy_reflns_all 
_refine_ls_shell.redundancy_reflns_obs 
_refine_ls_shell.wR_factor_all 
_refine_ls_shell.wR_factor_obs 
_refine_ls_shell.wR_factor_R_free 
_refine_ls_shell.wR_factor_R_work 
_refine_ls_shell.pdbx_R_complete 
_refine_ls_shell.pdbx_total_number_of_bins_used 
_refine_ls_shell.pdbx_phase_error 
_refine_ls_shell.pdbx_fsc_work 
_refine_ls_shell.pdbx_fsc_free 
_refine_ls_shell.R_factor_R_free 
'X-RAY DIFFRACTION' 3.10 3.90  . . 179 2992 100.00 . . . . 0.2383 . . . . . . . . . . . 0.2726 
'X-RAY DIFFRACTION' 3.90 32.56 . . 170 3088 100.00 . . . . 0.1761 . . . . . . . . . . . 0.2327 
# 
_struct.entry_id                     9KQL 
_struct.title                        'The crystal structure of MORC2_CC3 domain at 3.1 Angstroms resolution' 
_struct.pdbx_model_details           ? 
_struct.pdbx_formula_weight          ? 
_struct.pdbx_formula_weight_method   ? 
_struct.pdbx_model_type_details      ? 
_struct.pdbx_CASP_flag               N 
# 
_struct_keywords.entry_id        9KQL 
_struct_keywords.text            'dimer, regulation, DNA BINDING PROTEIN' 
_struct_keywords.pdbx_keywords   'DNA BINDING PROTEIN' 
# 
loop_
_struct_asym.id 
_struct_asym.pdbx_blank_PDB_chainid_flag 
_struct_asym.pdbx_modified 
_struct_asym.entity_id 
_struct_asym.details 
A N N 1 ? 
B N N 1 ? 
C N N 2 ? 
# 
_struct_ref.id                         1 
_struct_ref.db_name                    UNP 
_struct_ref.db_code                    MORC2_HUMAN 
_struct_ref.pdbx_db_accession          Q9Y6X9 
_struct_ref.pdbx_db_isoform            ? 
_struct_ref.entity_id                  1 
_struct_ref.pdbx_seq_one_letter_code   
;LSTNHETIDLLVQILRNCLRYFLPPSFPISKKQLSAMNSDELISFPLKEYFKQYEVGLQNLCNSYQSRADSRAKASEESL
RTSERKLRETEEKLQKLRTNIVA
;
_struct_ref.pdbx_align_begin           901 
# 
loop_
_struct_ref_seq.align_id 
_struct_ref_seq.ref_id 
_struct_ref_seq.pdbx_PDB_id_code 
_struct_ref_seq.pdbx_strand_id 
_struct_ref_seq.seq_align_beg 
_struct_ref_seq.pdbx_seq_align_beg_ins_code 
_struct_ref_seq.seq_align_end 
_struct_ref_seq.pdbx_seq_align_end_ins_code 
_struct_ref_seq.pdbx_db_accession 
_struct_ref_seq.db_align_beg 
_struct_ref_seq.pdbx_db_align_beg_ins_code 
_struct_ref_seq.db_align_end 
_struct_ref_seq.pdbx_db_align_end_ins_code 
_struct_ref_seq.pdbx_auth_seq_align_beg 
_struct_ref_seq.pdbx_auth_seq_align_end 
1 1 9KQL A 5 ? 107 ? Q9Y6X9 901 ? 1003 ? 901 1003 
2 1 9KQL B 5 ? 107 ? Q9Y6X9 901 ? 1003 ? 901 1003 
# 
loop_
_struct_ref_seq_dif.align_id 
_struct_ref_seq_dif.pdbx_pdb_id_code 
_struct_ref_seq_dif.mon_id 
_struct_ref_seq_dif.pdbx_pdb_strand_id 
_struct_ref_seq_dif.seq_num 
_struct_ref_seq_dif.pdbx_pdb_ins_code 
_struct_ref_seq_dif.pdbx_seq_db_name 
_struct_ref_seq_dif.pdbx_seq_db_accession_code 
_struct_ref_seq_dif.db_mon_id 
_struct_ref_seq_dif.pdbx_seq_db_seq_num 
_struct_ref_seq_dif.details 
_struct_ref_seq_dif.pdbx_auth_seq_num 
_struct_ref_seq_dif.pdbx_ordinal 
1 9KQL GLY A 1 ? UNP Q9Y6X9 ? ? 'expression tag' 897 1 
1 9KQL PRO A 2 ? UNP Q9Y6X9 ? ? 'expression tag' 898 2 
1 9KQL GLY A 3 ? UNP Q9Y6X9 ? ? 'expression tag' 899 3 
1 9KQL SER A 4 ? UNP Q9Y6X9 ? ? 'expression tag' 900 4 
2 9KQL GLY B 1 ? UNP Q9Y6X9 ? ? 'expression tag' 897 5 
2 9KQL PRO B 2 ? UNP Q9Y6X9 ? ? 'expression tag' 898 6 
2 9KQL GLY B 3 ? UNP Q9Y6X9 ? ? 'expression tag' 899 7 
2 9KQL SER B 4 ? UNP Q9Y6X9 ? ? 'expression tag' 900 8 
# 
_pdbx_struct_assembly.id                   1 
_pdbx_struct_assembly.details              author_and_software_defined_assembly 
_pdbx_struct_assembly.method_details       PISA 
_pdbx_struct_assembly.oligomeric_details   dimeric 
_pdbx_struct_assembly.oligomeric_count     2 
# 
loop_
_pdbx_struct_assembly_prop.biol_id 
_pdbx_struct_assembly_prop.type 
_pdbx_struct_assembly_prop.value 
_pdbx_struct_assembly_prop.details 
1 'ABSA (A^2)' 4470  ? 
1 MORE         -53   ? 
1 'SSA (A^2)'  13020 ? 
# 
_pdbx_struct_assembly_gen.assembly_id       1 
_pdbx_struct_assembly_gen.oper_expression   1 
_pdbx_struct_assembly_gen.asym_id_list      A,B,C 
# 
_pdbx_struct_assembly_auth_evidence.id                     1 
_pdbx_struct_assembly_auth_evidence.assembly_id            1 
_pdbx_struct_assembly_auth_evidence.experimental_support   'light scattering' 
_pdbx_struct_assembly_auth_evidence.details                ? 
# 
_pdbx_struct_oper_list.id                   1 
_pdbx_struct_oper_list.type                 'identity operation' 
_pdbx_struct_oper_list.name                 1_555 
_pdbx_struct_oper_list.symmetry_operation   x,y,z 
_pdbx_struct_oper_list.matrix[1][1]         1.0000000000 
_pdbx_struct_oper_list.matrix[1][2]         0.0000000000 
_pdbx_struct_oper_list.matrix[1][3]         0.0000000000 
_pdbx_struct_oper_list.vector[1]            0.0000000000 
_pdbx_struct_oper_list.matrix[2][1]         0.0000000000 
_pdbx_struct_oper_list.matrix[2][2]         1.0000000000 
_pdbx_struct_oper_list.matrix[2][3]         0.0000000000 
_pdbx_struct_oper_list.vector[2]            0.0000000000 
_pdbx_struct_oper_list.matrix[3][1]         0.0000000000 
_pdbx_struct_oper_list.matrix[3][2]         0.0000000000 
_pdbx_struct_oper_list.matrix[3][3]         1.0000000000 
_pdbx_struct_oper_list.vector[3]            0.0000000000 
# 
loop_
_struct_conf.conf_type_id 
_struct_conf.id 
_struct_conf.pdbx_PDB_helix_id 
_struct_conf.beg_label_comp_id 
_struct_conf.beg_label_asym_id 
_struct_conf.beg_label_seq_id 
_struct_conf.pdbx_beg_PDB_ins_code 
_struct_conf.end_label_comp_id 
_struct_conf.end_label_asym_id 
_struct_conf.end_label_seq_id 
_struct_conf.pdbx_end_PDB_ins_code 
_struct_conf.beg_auth_comp_id 
_struct_conf.beg_auth_asym_id 
_struct_conf.beg_auth_seq_id 
_struct_conf.end_auth_comp_id 
_struct_conf.end_auth_asym_id 
_struct_conf.end_auth_seq_id 
_struct_conf.pdbx_PDB_helix_class 
_struct_conf.details 
_struct_conf.pdbx_PDB_helix_length 
HELX_P HELX_P1 AA1 SER A 4  ? PHE A 26  ? SER A 900 PHE A 922  1 ? 23 
HELX_P HELX_P2 AA2 SER A 34 ? MSE A 41  ? SER A 930 MSE A 937  1 ? 8  
HELX_P HELX_P3 AA3 ASN A 42 ? SER A 48  ? ASN A 938 SER A 944  1 ? 7  
HELX_P HELX_P4 AA4 PRO A 50 ? ASN A 104 ? PRO A 946 ASN A 1000 1 ? 55 
HELX_P HELX_P5 AA5 SER B 6  ? PHE B 26  ? SER B 902 PHE B 922  1 ? 21 
HELX_P HELX_P6 AA6 SER B 34 ? ALA B 40  ? SER B 930 ALA B 936  1 ? 7  
HELX_P HELX_P7 AA7 ASN B 42 ? SER B 48  ? ASN B 938 SER B 944  1 ? 7  
HELX_P HELX_P8 AA8 PRO B 50 ? GLN B 70  ? PRO B 946 GLN B 966  1 ? 21 
HELX_P HELX_P9 AA9 GLN B 70 ? ILE B 105 ? GLN B 966 ILE B 1001 1 ? 36 
# 
_struct_conf_type.id          HELX_P 
_struct_conf_type.criteria    ? 
_struct_conf_type.reference   ? 
# 
loop_
_struct_conn.id 
_struct_conn.conn_type_id 
_struct_conn.pdbx_leaving_atom_flag 
_struct_conn.pdbx_PDB_id 
_struct_conn.ptnr1_label_asym_id 
_struct_conn.ptnr1_label_comp_id 
_struct_conn.ptnr1_label_seq_id 
_struct_conn.ptnr1_label_atom_id 
_struct_conn.pdbx_ptnr1_label_alt_id 
_struct_conn.pdbx_ptnr1_PDB_ins_code 
_struct_conn.pdbx_ptnr1_standard_comp_id 
_struct_conn.ptnr1_symmetry 
_struct_conn.ptnr2_label_asym_id 
_struct_conn.ptnr2_label_comp_id 
_struct_conn.ptnr2_label_seq_id 
_struct_conn.ptnr2_label_atom_id 
_struct_conn.pdbx_ptnr2_label_alt_id 
_struct_conn.pdbx_ptnr2_PDB_ins_code 
_struct_conn.ptnr1_auth_asym_id 
_struct_conn.ptnr1_auth_comp_id 
_struct_conn.ptnr1_auth_seq_id 
_struct_conn.ptnr2_auth_asym_id 
_struct_conn.ptnr2_auth_comp_id 
_struct_conn.ptnr2_auth_seq_id 
_struct_conn.ptnr2_symmetry 
_struct_conn.pdbx_ptnr3_label_atom_id 
_struct_conn.pdbx_ptnr3_label_seq_id 
_struct_conn.pdbx_ptnr3_label_comp_id 
_struct_conn.pdbx_ptnr3_label_asym_id 
_struct_conn.pdbx_ptnr3_label_alt_id 
_struct_conn.pdbx_ptnr3_PDB_ins_code 
_struct_conn.details 
_struct_conn.pdbx_dist_value 
_struct_conn.pdbx_value_order 
_struct_conn.pdbx_role 
covale1 covale both ? A ALA 40 C ? ? ? 1_555 A MSE 41 N ? ? A ALA 936 A MSE 937 1_555 ? ? ? ? ? ? ? 1.328 ? ? 
covale2 covale both ? A MSE 41 C ? ? ? 1_555 A ASN 42 N ? ? A MSE 937 A ASN 938 1_555 ? ? ? ? ? ? ? 1.328 ? ? 
covale3 covale both ? B ALA 40 C ? ? ? 1_555 B MSE 41 N ? ? B ALA 936 B MSE 937 1_555 ? ? ? ? ? ? ? 1.331 ? ? 
covale4 covale both ? B MSE 41 C ? ? ? 1_555 B ASN 42 N ? ? B MSE 937 B ASN 938 1_555 ? ? ? ? ? ? ? 1.331 ? ? 
# 
_struct_conn_type.id          covale 
_struct_conn_type.criteria    ? 
_struct_conn_type.reference   ? 
# 
loop_
_pdbx_modification_feature.ordinal 
_pdbx_modification_feature.label_comp_id 
_pdbx_modification_feature.label_asym_id 
_pdbx_modification_feature.label_seq_id 
_pdbx_modification_feature.label_alt_id 
_pdbx_modification_feature.modified_residue_label_comp_id 
_pdbx_modification_feature.modified_residue_label_asym_id 
_pdbx_modification_feature.modified_residue_label_seq_id 
_pdbx_modification_feature.modified_residue_label_alt_id 
_pdbx_modification_feature.auth_comp_id 
_pdbx_modification_feature.auth_asym_id 
_pdbx_modification_feature.auth_seq_id 
_pdbx_modification_feature.PDB_ins_code 
_pdbx_modification_feature.symmetry 
_pdbx_modification_feature.modified_residue_auth_comp_id 
_pdbx_modification_feature.modified_residue_auth_asym_id 
_pdbx_modification_feature.modified_residue_auth_seq_id 
_pdbx_modification_feature.modified_residue_PDB_ins_code 
_pdbx_modification_feature.modified_residue_symmetry 
_pdbx_modification_feature.comp_id_linking_atom 
_pdbx_modification_feature.modified_residue_id_linking_atom 
_pdbx_modification_feature.modified_residue_id 
_pdbx_modification_feature.ref_pcm_id 
_pdbx_modification_feature.ref_comp_id 
_pdbx_modification_feature.type 
_pdbx_modification_feature.category 
1 MSE A 41 ? . . . . MSE A 937 ? 1_555 . . . . . . . MET 1 MSE Selenomethionine 'Named protein modification' 
2 MSE B 41 ? . . . . MSE B 937 ? 1_555 . . . . . . . MET 1 MSE Selenomethionine 'Named protein modification' 
# 
_pdbx_entry_details.entry_id                   9KQL 
_pdbx_entry_details.has_ligand_of_interest     N 
_pdbx_entry_details.compound_details           ? 
_pdbx_entry_details.source_details             ? 
_pdbx_entry_details.nonpolymer_details         ? 
_pdbx_entry_details.sequence_details           ? 
_pdbx_entry_details.has_protein_modification   Y 
# 
loop_
_pdbx_validate_torsion.id 
_pdbx_validate_torsion.PDB_model_num 
_pdbx_validate_torsion.auth_comp_id 
_pdbx_validate_torsion.auth_asym_id 
_pdbx_validate_torsion.auth_seq_id 
_pdbx_validate_torsion.PDB_ins_code 
_pdbx_validate_torsion.label_alt_id 
_pdbx_validate_torsion.phi 
_pdbx_validate_torsion.psi 
1 1 SER B 902 ? ? 69.89  -57.04 
2 1 GLN B 966 ? ? -91.89 33.28  
# 
loop_
_pdbx_struct_mod_residue.id 
_pdbx_struct_mod_residue.label_asym_id 
_pdbx_struct_mod_residue.label_comp_id 
_pdbx_struct_mod_residue.label_seq_id 
_pdbx_struct_mod_residue.auth_asym_id 
_pdbx_struct_mod_residue.auth_comp_id 
_pdbx_struct_mod_residue.auth_seq_id 
_pdbx_struct_mod_residue.PDB_ins_code 
_pdbx_struct_mod_residue.parent_comp_id 
_pdbx_struct_mod_residue.details 
1 A MSE 41 A MSE 937 ? MET 'modified residue' 
2 B MSE 41 B MSE 937 ? MET 'modified residue' 
# 
loop_
_pdbx_unobs_or_zero_occ_residues.id 
_pdbx_unobs_or_zero_occ_residues.PDB_model_num 
_pdbx_unobs_or_zero_occ_residues.polymer_flag 
_pdbx_unobs_or_zero_occ_residues.occupancy_flag 
_pdbx_unobs_or_zero_occ_residues.auth_asym_id 
_pdbx_unobs_or_zero_occ_residues.auth_comp_id 
_pdbx_unobs_or_zero_occ_residues.auth_seq_id 
_pdbx_unobs_or_zero_occ_residues.PDB_ins_code 
_pdbx_unobs_or_zero_occ_residues.label_asym_id 
_pdbx_unobs_or_zero_occ_residues.label_comp_id 
_pdbx_unobs_or_zero_occ_residues.label_seq_id 
1  1 Y 1 A GLY 897  ? A GLY 1   
2  1 Y 1 A PRO 898  ? A PRO 2   
3  1 Y 1 A GLY 899  ? A GLY 3   
4  1 Y 1 A ILE 1001 ? A ILE 105 
5  1 Y 1 A VAL 1002 ? A VAL 106 
6  1 Y 1 A ALA 1003 ? A ALA 107 
7  1 Y 1 B GLY 897  ? B GLY 1   
8  1 Y 1 B PRO 898  ? B PRO 2   
9  1 Y 1 B GLY 899  ? B GLY 3   
10 1 Y 1 B SER 900  ? B SER 4   
11 1 Y 1 B ALA 1003 ? B ALA 107 
# 
loop_
_chem_comp_atom.comp_id 
_chem_comp_atom.atom_id 
_chem_comp_atom.type_symbol 
_chem_comp_atom.pdbx_aromatic_flag 
_chem_comp_atom.pdbx_stereo_config 
_chem_comp_atom.pdbx_ordinal 
ALA N    N  N N 1   
ALA CA   C  N S 2   
ALA C    C  N N 3   
ALA O    O  N N 4   
ALA CB   C  N N 5   
ALA OXT  O  N N 6   
ALA H    H  N N 7   
ALA H2   H  N N 8   
ALA HA   H  N N 9   
ALA HB1  H  N N 10  
ALA HB2  H  N N 11  
ALA HB3  H  N N 12  
ALA HXT  H  N N 13  
ARG N    N  N N 14  
ARG CA   C  N S 15  
ARG C    C  N N 16  
ARG O    O  N N 17  
ARG CB   C  N N 18  
ARG CG   C  N N 19  
ARG CD   C  N N 20  
ARG NE   N  N N 21  
ARG CZ   C  N N 22  
ARG NH1  N  N N 23  
ARG NH2  N  N N 24  
ARG OXT  O  N N 25  
ARG H    H  N N 26  
ARG H2   H  N N 27  
ARG HA   H  N N 28  
ARG HB2  H  N N 29  
ARG HB3  H  N N 30  
ARG HG2  H  N N 31  
ARG HG3  H  N N 32  
ARG HD2  H  N N 33  
ARG HD3  H  N N 34  
ARG HE   H  N N 35  
ARG HH11 H  N N 36  
ARG HH12 H  N N 37  
ARG HH21 H  N N 38  
ARG HH22 H  N N 39  
ARG HXT  H  N N 40  
ASN N    N  N N 41  
ASN CA   C  N S 42  
ASN C    C  N N 43  
ASN O    O  N N 44  
ASN CB   C  N N 45  
ASN CG   C  N N 46  
ASN OD1  O  N N 47  
ASN ND2  N  N N 48  
ASN OXT  O  N N 49  
ASN H    H  N N 50  
ASN H2   H  N N 51  
ASN HA   H  N N 52  
ASN HB2  H  N N 53  
ASN HB3  H  N N 54  
ASN HD21 H  N N 55  
ASN HD22 H  N N 56  
ASN HXT  H  N N 57  
ASP N    N  N N 58  
ASP CA   C  N S 59  
ASP C    C  N N 60  
ASP O    O  N N 61  
ASP CB   C  N N 62  
ASP CG   C  N N 63  
ASP OD1  O  N N 64  
ASP OD2  O  N N 65  
ASP OXT  O  N N 66  
ASP H    H  N N 67  
ASP H2   H  N N 68  
ASP HA   H  N N 69  
ASP HB2  H  N N 70  
ASP HB3  H  N N 71  
ASP HD2  H  N N 72  
ASP HXT  H  N N 73  
CYS N    N  N N 74  
CYS CA   C  N R 75  
CYS C    C  N N 76  
CYS O    O  N N 77  
CYS CB   C  N N 78  
CYS SG   S  N N 79  
CYS OXT  O  N N 80  
CYS H    H  N N 81  
CYS H2   H  N N 82  
CYS HA   H  N N 83  
CYS HB2  H  N N 84  
CYS HB3  H  N N 85  
CYS HG   H  N N 86  
CYS HXT  H  N N 87  
GLN N    N  N N 88  
GLN CA   C  N S 89  
GLN C    C  N N 90  
GLN O    O  N N 91  
GLN CB   C  N N 92  
GLN CG   C  N N 93  
GLN CD   C  N N 94  
GLN OE1  O  N N 95  
GLN NE2  N  N N 96  
GLN OXT  O  N N 97  
GLN H    H  N N 98  
GLN H2   H  N N 99  
GLN HA   H  N N 100 
GLN HB2  H  N N 101 
GLN HB3  H  N N 102 
GLN HG2  H  N N 103 
GLN HG3  H  N N 104 
GLN HE21 H  N N 105 
GLN HE22 H  N N 106 
GLN HXT  H  N N 107 
GLU N    N  N N 108 
GLU CA   C  N S 109 
GLU C    C  N N 110 
GLU O    O  N N 111 
GLU CB   C  N N 112 
GLU CG   C  N N 113 
GLU CD   C  N N 114 
GLU OE1  O  N N 115 
GLU OE2  O  N N 116 
GLU OXT  O  N N 117 
GLU H    H  N N 118 
GLU H2   H  N N 119 
GLU HA   H  N N 120 
GLU HB2  H  N N 121 
GLU HB3  H  N N 122 
GLU HG2  H  N N 123 
GLU HG3  H  N N 124 
GLU HE2  H  N N 125 
GLU HXT  H  N N 126 
GLY N    N  N N 127 
GLY CA   C  N N 128 
GLY C    C  N N 129 
GLY O    O  N N 130 
GLY OXT  O  N N 131 
GLY H    H  N N 132 
GLY H2   H  N N 133 
GLY HA2  H  N N 134 
GLY HA3  H  N N 135 
GLY HXT  H  N N 136 
HIS N    N  N N 137 
HIS CA   C  N S 138 
HIS C    C  N N 139 
HIS O    O  N N 140 
HIS CB   C  N N 141 
HIS CG   C  Y N 142 
HIS ND1  N  Y N 143 
HIS CD2  C  Y N 144 
HIS CE1  C  Y N 145 
HIS NE2  N  Y N 146 
HIS OXT  O  N N 147 
HIS H    H  N N 148 
HIS H2   H  N N 149 
HIS HA   H  N N 150 
HIS HB2  H  N N 151 
HIS HB3  H  N N 152 
HIS HD1  H  N N 153 
HIS HD2  H  N N 154 
HIS HE1  H  N N 155 
HIS HE2  H  N N 156 
HIS HXT  H  N N 157 
HOH O    O  N N 158 
HOH H1   H  N N 159 
HOH H2   H  N N 160 
ILE N    N  N N 161 
ILE CA   C  N S 162 
ILE C    C  N N 163 
ILE O    O  N N 164 
ILE CB   C  N S 165 
ILE CG1  C  N N 166 
ILE CG2  C  N N 167 
ILE CD1  C  N N 168 
ILE OXT  O  N N 169 
ILE H    H  N N 170 
ILE H2   H  N N 171 
ILE HA   H  N N 172 
ILE HB   H  N N 173 
ILE HG12 H  N N 174 
ILE HG13 H  N N 175 
ILE HG21 H  N N 176 
ILE HG22 H  N N 177 
ILE HG23 H  N N 178 
ILE HD11 H  N N 179 
ILE HD12 H  N N 180 
ILE HD13 H  N N 181 
ILE HXT  H  N N 182 
LEU N    N  N N 183 
LEU CA   C  N S 184 
LEU C    C  N N 185 
LEU O    O  N N 186 
LEU CB   C  N N 187 
LEU CG   C  N N 188 
LEU CD1  C  N N 189 
LEU CD2  C  N N 190 
LEU OXT  O  N N 191 
LEU H    H  N N 192 
LEU H2   H  N N 193 
LEU HA   H  N N 194 
LEU HB2  H  N N 195 
LEU HB3  H  N N 196 
LEU HG   H  N N 197 
LEU HD11 H  N N 198 
LEU HD12 H  N N 199 
LEU HD13 H  N N 200 
LEU HD21 H  N N 201 
LEU HD22 H  N N 202 
LEU HD23 H  N N 203 
LEU HXT  H  N N 204 
LYS N    N  N N 205 
LYS CA   C  N S 206 
LYS C    C  N N 207 
LYS O    O  N N 208 
LYS CB   C  N N 209 
LYS CG   C  N N 210 
LYS CD   C  N N 211 
LYS CE   C  N N 212 
LYS NZ   N  N N 213 
LYS OXT  O  N N 214 
LYS H    H  N N 215 
LYS H2   H  N N 216 
LYS HA   H  N N 217 
LYS HB2  H  N N 218 
LYS HB3  H  N N 219 
LYS HG2  H  N N 220 
LYS HG3  H  N N 221 
LYS HD2  H  N N 222 
LYS HD3  H  N N 223 
LYS HE2  H  N N 224 
LYS HE3  H  N N 225 
LYS HZ1  H  N N 226 
LYS HZ2  H  N N 227 
LYS HZ3  H  N N 228 
LYS HXT  H  N N 229 
MSE N    N  N N 230 
MSE CA   C  N S 231 
MSE C    C  N N 232 
MSE O    O  N N 233 
MSE OXT  O  N N 234 
MSE CB   C  N N 235 
MSE CG   C  N N 236 
MSE SE   SE N N 237 
MSE CE   C  N N 238 
MSE H    H  N N 239 
MSE H2   H  N N 240 
MSE HA   H  N N 241 
MSE HXT  H  N N 242 
MSE HB2  H  N N 243 
MSE HB3  H  N N 244 
MSE HG2  H  N N 245 
MSE HG3  H  N N 246 
MSE HE1  H  N N 247 
MSE HE2  H  N N 248 
MSE HE3  H  N N 249 
PHE N    N  N N 250 
PHE CA   C  N S 251 
PHE C    C  N N 252 
PHE O    O  N N 253 
PHE CB   C  N N 254 
PHE CG   C  Y N 255 
PHE CD1  C  Y N 256 
PHE CD2  C  Y N 257 
PHE CE1  C  Y N 258 
PHE CE2  C  Y N 259 
PHE CZ   C  Y N 260 
PHE OXT  O  N N 261 
PHE H    H  N N 262 
PHE H2   H  N N 263 
PHE HA   H  N N 264 
PHE HB2  H  N N 265 
PHE HB3  H  N N 266 
PHE HD1  H  N N 267 
PHE HD2  H  N N 268 
PHE HE1  H  N N 269 
PHE HE2  H  N N 270 
PHE HZ   H  N N 271 
PHE HXT  H  N N 272 
PRO N    N  N N 273 
PRO CA   C  N S 274 
PRO C    C  N N 275 
PRO O    O  N N 276 
PRO CB   C  N N 277 
PRO CG   C  N N 278 
PRO CD   C  N N 279 
PRO OXT  O  N N 280 
PRO H    H  N N 281 
PRO HA   H  N N 282 
PRO HB2  H  N N 283 
PRO HB3  H  N N 284 
PRO HG2  H  N N 285 
PRO HG3  H  N N 286 
PRO HD2  H  N N 287 
PRO HD3  H  N N 288 
PRO HXT  H  N N 289 
SER N    N  N N 290 
SER CA   C  N S 291 
SER C    C  N N 292 
SER O    O  N N 293 
SER CB   C  N N 294 
SER OG   O  N N 295 
SER OXT  O  N N 296 
SER H    H  N N 297 
SER H2   H  N N 298 
SER HA   H  N N 299 
SER HB2  H  N N 300 
SER HB3  H  N N 301 
SER HG   H  N N 302 
SER HXT  H  N N 303 
THR N    N  N N 304 
THR CA   C  N S 305 
THR C    C  N N 306 
THR O    O  N N 307 
THR CB   C  N R 308 
THR OG1  O  N N 309 
THR CG2  C  N N 310 
THR OXT  O  N N 311 
THR H    H  N N 312 
THR H2   H  N N 313 
THR HA   H  N N 314 
THR HB   H  N N 315 
THR HG1  H  N N 316 
THR HG21 H  N N 317 
THR HG22 H  N N 318 
THR HG23 H  N N 319 
THR HXT  H  N N 320 
TYR N    N  N N 321 
TYR CA   C  N S 322 
TYR C    C  N N 323 
TYR O    O  N N 324 
TYR CB   C  N N 325 
TYR CG   C  Y N 326 
TYR CD1  C  Y N 327 
TYR CD2  C  Y N 328 
TYR CE1  C  Y N 329 
TYR CE2  C  Y N 330 
TYR CZ   C  Y N 331 
TYR OH   O  N N 332 
TYR OXT  O  N N 333 
TYR H    H  N N 334 
TYR H2   H  N N 335 
TYR HA   H  N N 336 
TYR HB2  H  N N 337 
TYR HB3  H  N N 338 
TYR HD1  H  N N 339 
TYR HD2  H  N N 340 
TYR HE1  H  N N 341 
TYR HE2  H  N N 342 
TYR HH   H  N N 343 
TYR HXT  H  N N 344 
VAL N    N  N N 345 
VAL CA   C  N S 346 
VAL C    C  N N 347 
VAL O    O  N N 348 
VAL CB   C  N N 349 
VAL CG1  C  N N 350 
VAL CG2  C  N N 351 
VAL OXT  O  N N 352 
VAL H    H  N N 353 
VAL H2   H  N N 354 
VAL HA   H  N N 355 
VAL HB   H  N N 356 
VAL HG11 H  N N 357 
VAL HG12 H  N N 358 
VAL HG13 H  N N 359 
VAL HG21 H  N N 360 
VAL HG22 H  N N 361 
VAL HG23 H  N N 362 
VAL HXT  H  N N 363 
# 
loop_
_chem_comp_bond.comp_id 
_chem_comp_bond.atom_id_1 
_chem_comp_bond.atom_id_2 
_chem_comp_bond.value_order 
_chem_comp_bond.pdbx_aromatic_flag 
_chem_comp_bond.pdbx_stereo_config 
_chem_comp_bond.pdbx_ordinal 
ALA N   CA   sing N N 1   
ALA N   H    sing N N 2   
ALA N   H2   sing N N 3   
ALA CA  C    sing N N 4   
ALA CA  CB   sing N N 5   
ALA CA  HA   sing N N 6   
ALA C   O    doub N N 7   
ALA C   OXT  sing N N 8   
ALA CB  HB1  sing N N 9   
ALA CB  HB2  sing N N 10  
ALA CB  HB3  sing N N 11  
ALA OXT HXT  sing N N 12  
ARG N   CA   sing N N 13  
ARG N   H    sing N N 14  
ARG N   H2   sing N N 15  
ARG CA  C    sing N N 16  
ARG CA  CB   sing N N 17  
ARG CA  HA   sing N N 18  
ARG C   O    doub N N 19  
ARG C   OXT  sing N N 20  
ARG CB  CG   sing N N 21  
ARG CB  HB2  sing N N 22  
ARG CB  HB3  sing N N 23  
ARG CG  CD   sing N N 24  
ARG CG  HG2  sing N N 25  
ARG CG  HG3  sing N N 26  
ARG CD  NE   sing N N 27  
ARG CD  HD2  sing N N 28  
ARG CD  HD3  sing N N 29  
ARG NE  CZ   sing N N 30  
ARG NE  HE   sing N N 31  
ARG CZ  NH1  sing N N 32  
ARG CZ  NH2  doub N N 33  
ARG NH1 HH11 sing N N 34  
ARG NH1 HH12 sing N N 35  
ARG NH2 HH21 sing N N 36  
ARG NH2 HH22 sing N N 37  
ARG OXT HXT  sing N N 38  
ASN N   CA   sing N N 39  
ASN N   H    sing N N 40  
ASN N   H2   sing N N 41  
ASN CA  C    sing N N 42  
ASN CA  CB   sing N N 43  
ASN CA  HA   sing N N 44  
ASN C   O    doub N N 45  
ASN C   OXT  sing N N 46  
ASN CB  CG   sing N N 47  
ASN CB  HB2  sing N N 48  
ASN CB  HB3  sing N N 49  
ASN CG  OD1  doub N N 50  
ASN CG  ND2  sing N N 51  
ASN ND2 HD21 sing N N 52  
ASN ND2 HD22 sing N N 53  
ASN OXT HXT  sing N N 54  
ASP N   CA   sing N N 55  
ASP N   H    sing N N 56  
ASP N   H2   sing N N 57  
ASP CA  C    sing N N 58  
ASP CA  CB   sing N N 59  
ASP CA  HA   sing N N 60  
ASP C   O    doub N N 61  
ASP C   OXT  sing N N 62  
ASP CB  CG   sing N N 63  
ASP CB  HB2  sing N N 64  
ASP CB  HB3  sing N N 65  
ASP CG  OD1  doub N N 66  
ASP CG  OD2  sing N N 67  
ASP OD2 HD2  sing N N 68  
ASP OXT HXT  sing N N 69  
CYS N   CA   sing N N 70  
CYS N   H    sing N N 71  
CYS N   H2   sing N N 72  
CYS CA  C    sing N N 73  
CYS CA  CB   sing N N 74  
CYS CA  HA   sing N N 75  
CYS C   O    doub N N 76  
CYS C   OXT  sing N N 77  
CYS CB  SG   sing N N 78  
CYS CB  HB2  sing N N 79  
CYS CB  HB3  sing N N 80  
CYS SG  HG   sing N N 81  
CYS OXT HXT  sing N N 82  
GLN N   CA   sing N N 83  
GLN N   H    sing N N 84  
GLN N   H2   sing N N 85  
GLN CA  C    sing N N 86  
GLN CA  CB   sing N N 87  
GLN CA  HA   sing N N 88  
GLN C   O    doub N N 89  
GLN C   OXT  sing N N 90  
GLN CB  CG   sing N N 91  
GLN CB  HB2  sing N N 92  
GLN CB  HB3  sing N N 93  
GLN CG  CD   sing N N 94  
GLN CG  HG2  sing N N 95  
GLN CG  HG3  sing N N 96  
GLN CD  OE1  doub N N 97  
GLN CD  NE2  sing N N 98  
GLN NE2 HE21 sing N N 99  
GLN NE2 HE22 sing N N 100 
GLN OXT HXT  sing N N 101 
GLU N   CA   sing N N 102 
GLU N   H    sing N N 103 
GLU N   H2   sing N N 104 
GLU CA  C    sing N N 105 
GLU CA  CB   sing N N 106 
GLU CA  HA   sing N N 107 
GLU C   O    doub N N 108 
GLU C   OXT  sing N N 109 
GLU CB  CG   sing N N 110 
GLU CB  HB2  sing N N 111 
GLU CB  HB3  sing N N 112 
GLU CG  CD   sing N N 113 
GLU CG  HG2  sing N N 114 
GLU CG  HG3  sing N N 115 
GLU CD  OE1  doub N N 116 
GLU CD  OE2  sing N N 117 
GLU OE2 HE2  sing N N 118 
GLU OXT HXT  sing N N 119 
GLY N   CA   sing N N 120 
GLY N   H    sing N N 121 
GLY N   H2   sing N N 122 
GLY CA  C    sing N N 123 
GLY CA  HA2  sing N N 124 
GLY CA  HA3  sing N N 125 
GLY C   O    doub N N 126 
GLY C   OXT  sing N N 127 
GLY OXT HXT  sing N N 128 
HIS N   CA   sing N N 129 
HIS N   H    sing N N 130 
HIS N   H2   sing N N 131 
HIS CA  C    sing N N 132 
HIS CA  CB   sing N N 133 
HIS CA  HA   sing N N 134 
HIS C   O    doub N N 135 
HIS C   OXT  sing N N 136 
HIS CB  CG   sing N N 137 
HIS CB  HB2  sing N N 138 
HIS CB  HB3  sing N N 139 
HIS CG  ND1  sing Y N 140 
HIS CG  CD2  doub Y N 141 
HIS ND1 CE1  doub Y N 142 
HIS ND1 HD1  sing N N 143 
HIS CD2 NE2  sing Y N 144 
HIS CD2 HD2  sing N N 145 
HIS CE1 NE2  sing Y N 146 
HIS CE1 HE1  sing N N 147 
HIS NE2 HE2  sing N N 148 
HIS OXT HXT  sing N N 149 
HOH O   H1   sing N N 150 
HOH O   H2   sing N N 151 
ILE N   CA   sing N N 152 
ILE N   H    sing N N 153 
ILE N   H2   sing N N 154 
ILE CA  C    sing N N 155 
ILE CA  CB   sing N N 156 
ILE CA  HA   sing N N 157 
ILE C   O    doub N N 158 
ILE C   OXT  sing N N 159 
ILE CB  CG1  sing N N 160 
ILE CB  CG2  sing N N 161 
ILE CB  HB   sing N N 162 
ILE CG1 CD1  sing N N 163 
ILE CG1 HG12 sing N N 164 
ILE CG1 HG13 sing N N 165 
ILE CG2 HG21 sing N N 166 
ILE CG2 HG22 sing N N 167 
ILE CG2 HG23 sing N N 168 
ILE CD1 HD11 sing N N 169 
ILE CD1 HD12 sing N N 170 
ILE CD1 HD13 sing N N 171 
ILE OXT HXT  sing N N 172 
LEU N   CA   sing N N 173 
LEU N   H    sing N N 174 
LEU N   H2   sing N N 175 
LEU CA  C    sing N N 176 
LEU CA  CB   sing N N 177 
LEU CA  HA   sing N N 178 
LEU C   O    doub N N 179 
LEU C   OXT  sing N N 180 
LEU CB  CG   sing N N 181 
LEU CB  HB2  sing N N 182 
LEU CB  HB3  sing N N 183 
LEU CG  CD1  sing N N 184 
LEU CG  CD2  sing N N 185 
LEU CG  HG   sing N N 186 
LEU CD1 HD11 sing N N 187 
LEU CD1 HD12 sing N N 188 
LEU CD1 HD13 sing N N 189 
LEU CD2 HD21 sing N N 190 
LEU CD2 HD22 sing N N 191 
LEU CD2 HD23 sing N N 192 
LEU OXT HXT  sing N N 193 
LYS N   CA   sing N N 194 
LYS N   H    sing N N 195 
LYS N   H2   sing N N 196 
LYS CA  C    sing N N 197 
LYS CA  CB   sing N N 198 
LYS CA  HA   sing N N 199 
LYS C   O    doub N N 200 
LYS C   OXT  sing N N 201 
LYS CB  CG   sing N N 202 
LYS CB  HB2  sing N N 203 
LYS CB  HB3  sing N N 204 
LYS CG  CD   sing N N 205 
LYS CG  HG2  sing N N 206 
LYS CG  HG3  sing N N 207 
LYS CD  CE   sing N N 208 
LYS CD  HD2  sing N N 209 
LYS CD  HD3  sing N N 210 
LYS CE  NZ   sing N N 211 
LYS CE  HE2  sing N N 212 
LYS CE  HE3  sing N N 213 
LYS NZ  HZ1  sing N N 214 
LYS NZ  HZ2  sing N N 215 
LYS NZ  HZ3  sing N N 216 
LYS OXT HXT  sing N N 217 
MSE N   CA   sing N N 218 
MSE N   H    sing N N 219 
MSE N   H2   sing N N 220 
MSE CA  C    sing N N 221 
MSE CA  CB   sing N N 222 
MSE CA  HA   sing N N 223 
MSE C   O    doub N N 224 
MSE C   OXT  sing N N 225 
MSE OXT HXT  sing N N 226 
MSE CB  CG   sing N N 227 
MSE CB  HB2  sing N N 228 
MSE CB  HB3  sing N N 229 
MSE CG  SE   sing N N 230 
MSE CG  HG2  sing N N 231 
MSE CG  HG3  sing N N 232 
MSE SE  CE   sing N N 233 
MSE CE  HE1  sing N N 234 
MSE CE  HE2  sing N N 235 
MSE CE  HE3  sing N N 236 
PHE N   CA   sing N N 237 
PHE N   H    sing N N 238 
PHE N   H2   sing N N 239 
PHE CA  C    sing N N 240 
PHE CA  CB   sing N N 241 
PHE CA  HA   sing N N 242 
PHE C   O    doub N N 243 
PHE C   OXT  sing N N 244 
PHE CB  CG   sing N N 245 
PHE CB  HB2  sing N N 246 
PHE CB  HB3  sing N N 247 
PHE CG  CD1  doub Y N 248 
PHE CG  CD2  sing Y N 249 
PHE CD1 CE1  sing Y N 250 
PHE CD1 HD1  sing N N 251 
PHE CD2 CE2  doub Y N 252 
PHE CD2 HD2  sing N N 253 
PHE CE1 CZ   doub Y N 254 
PHE CE1 HE1  sing N N 255 
PHE CE2 CZ   sing Y N 256 
PHE CE2 HE2  sing N N 257 
PHE CZ  HZ   sing N N 258 
PHE OXT HXT  sing N N 259 
PRO N   CA   sing N N 260 
PRO N   CD   sing N N 261 
PRO N   H    sing N N 262 
PRO CA  C    sing N N 263 
PRO CA  CB   sing N N 264 
PRO CA  HA   sing N N 265 
PRO C   O    doub N N 266 
PRO C   OXT  sing N N 267 
PRO CB  CG   sing N N 268 
PRO CB  HB2  sing N N 269 
PRO CB  HB3  sing N N 270 
PRO CG  CD   sing N N 271 
PRO CG  HG2  sing N N 272 
PRO CG  HG3  sing N N 273 
PRO CD  HD2  sing N N 274 
PRO CD  HD3  sing N N 275 
PRO OXT HXT  sing N N 276 
SER N   CA   sing N N 277 
SER N   H    sing N N 278 
SER N   H2   sing N N 279 
SER CA  C    sing N N 280 
SER CA  CB   sing N N 281 
SER CA  HA   sing N N 282 
SER C   O    doub N N 283 
SER C   OXT  sing N N 284 
SER CB  OG   sing N N 285 
SER CB  HB2  sing N N 286 
SER CB  HB3  sing N N 287 
SER OG  HG   sing N N 288 
SER OXT HXT  sing N N 289 
THR N   CA   sing N N 290 
THR N   H    sing N N 291 
THR N   H2   sing N N 292 
THR CA  C    sing N N 293 
THR CA  CB   sing N N 294 
THR CA  HA   sing N N 295 
THR C   O    doub N N 296 
THR C   OXT  sing N N 297 
THR CB  OG1  sing N N 298 
THR CB  CG2  sing N N 299 
THR CB  HB   sing N N 300 
THR OG1 HG1  sing N N 301 
THR CG2 HG21 sing N N 302 
THR CG2 HG22 sing N N 303 
THR CG2 HG23 sing N N 304 
THR OXT HXT  sing N N 305 
TYR N   CA   sing N N 306 
TYR N   H    sing N N 307 
TYR N   H2   sing N N 308 
TYR CA  C    sing N N 309 
TYR CA  CB   sing N N 310 
TYR CA  HA   sing N N 311 
TYR C   O    doub N N 312 
TYR C   OXT  sing N N 313 
TYR CB  CG   sing N N 314 
TYR CB  HB2  sing N N 315 
TYR CB  HB3  sing N N 316 
TYR CG  CD1  doub Y N 317 
TYR CG  CD2  sing Y N 318 
TYR CD1 CE1  sing Y N 319 
TYR CD1 HD1  sing N N 320 
TYR CD2 CE2  doub Y N 321 
TYR CD2 HD2  sing N N 322 
TYR CE1 CZ   doub Y N 323 
TYR CE1 HE1  sing N N 324 
TYR CE2 CZ   sing Y N 325 
TYR CE2 HE2  sing N N 326 
TYR CZ  OH   sing N N 327 
TYR OH  HH   sing N N 328 
TYR OXT HXT  sing N N 329 
VAL N   CA   sing N N 330 
VAL N   H    sing N N 331 
VAL N   H2   sing N N 332 
VAL CA  C    sing N N 333 
VAL CA  CB   sing N N 334 
VAL CA  HA   sing N N 335 
VAL C   O    doub N N 336 
VAL C   OXT  sing N N 337 
VAL CB  CG1  sing N N 338 
VAL CB  CG2  sing N N 339 
VAL CB  HB   sing N N 340 
VAL CG1 HG11 sing N N 341 
VAL CG1 HG12 sing N N 342 
VAL CG1 HG13 sing N N 343 
VAL CG2 HG21 sing N N 344 
VAL CG2 HG22 sing N N 345 
VAL CG2 HG23 sing N N 346 
VAL OXT HXT  sing N N 347 
# 
_pdbx_audit_support.funding_organization   'Ministry of Science and Technology (MoST, China)' 
_pdbx_audit_support.country                China 
_pdbx_audit_support.grant_number           ? 
_pdbx_audit_support.ordinal                1 
# 
_atom_sites.entry_id                    9KQL 
_atom_sites.Cartn_transf_matrix[1][1]   ? 
_atom_sites.Cartn_transf_matrix[1][2]   ? 
_atom_sites.Cartn_transf_matrix[1][3]   ? 
_atom_sites.Cartn_transf_matrix[2][1]   ? 
_atom_sites.Cartn_transf_matrix[2][2]   ? 
_atom_sites.Cartn_transf_matrix[2][3]   ? 
_atom_sites.Cartn_transf_matrix[3][1]   ? 
_atom_sites.Cartn_transf_matrix[3][2]   ? 
_atom_sites.Cartn_transf_matrix[3][3]   ? 
_atom_sites.Cartn_transf_vector[1]      ? 
_atom_sites.Cartn_transf_vector[2]      ? 
_atom_sites.Cartn_transf_vector[3]      ? 
_atom_sites.Cartn_transform_axes        ? 
_atom_sites.fract_transf_matrix[1][1]   0.00378343 
_atom_sites.fract_transf_matrix[1][2]   0.00344540 
_atom_sites.fract_transf_matrix[1][3]   0.00572287 
_atom_sites.fract_transf_matrix[2][1]   -0.00663863 
_atom_sites.fract_transf_matrix[2][2]   0.00266995 
_atom_sites.fract_transf_matrix[2][3]   0.00278142 
_atom_sites.fract_transf_matrix[3][1]   -0.00236358 
_atom_sites.fract_transf_matrix[3][2]   -0.02012925 
_atom_sites.fract_transf_matrix[3][3]   0.01368122 
_atom_sites.fract_transf_vector[1]      0.042867 
_atom_sites.fract_transf_vector[2]      0.184387 
_atom_sites.fract_transf_vector[3]      0.155898 
_atom_sites.solution_primary            ? 
_atom_sites.solution_secondary          ? 
_atom_sites.solution_hydrogens          ? 
_atom_sites.special_details             ? 
# 
loop_
_atom_type.symbol 
C  
N  
O  
S  
SE 
# 
loop_
_atom_site.group_PDB 
_atom_site.id 
_atom_site.type_symbol 
_atom_site.label_atom_id 
_atom_site.label_alt_id 
_atom_site.label_comp_id 
_atom_site.label_asym_id 
_atom_site.label_entity_id 
_atom_site.label_seq_id 
_atom_site.pdbx_PDB_ins_code 
_atom_site.Cartn_x 
_atom_site.Cartn_y 
_atom_site.Cartn_z 
_atom_site.occupancy 
_atom_site.B_iso_or_equiv 
_atom_site.pdbx_formal_charge 
_atom_site.auth_seq_id 
_atom_site.auth_comp_id 
_atom_site.auth_asym_id 
_atom_site.auth_atom_id 
_atom_site.pdbx_PDB_model_num 
ATOM   1    N  N   . SER A 1 4   ? -17.966 38.653  14.515  1.00 86.77  ? 900  SER A N   1 
ATOM   2    C  CA  . SER A 1 4   ? -16.761 39.353  14.945  1.00 105.80 ? 900  SER A CA  1 
ATOM   3    C  C   . SER A 1 4   ? -15.529 38.852  14.198  1.00 104.45 ? 900  SER A C   1 
ATOM   4    O  O   . SER A 1 4   ? -15.595 37.859  13.470  1.00 97.16  ? 900  SER A O   1 
ATOM   5    C  CB  . SER A 1 4   ? -16.559 39.195  16.458  1.00 92.05  ? 900  SER A CB  1 
ATOM   6    O  OG  . SER A 1 4   ? -16.774 37.859  16.870  1.00 88.15  ? 900  SER A OG  1 
ATOM   7    N  N   . LEU A 1 5   ? -14.409 39.555  14.370  1.00 119.00 ? 901  LEU A N   1 
ATOM   8    C  CA  . LEU A 1 5   ? -13.138 39.055  13.864  1.00 107.12 ? 901  LEU A CA  1 
ATOM   9    C  C   . LEU A 1 5   ? -12.595 37.909  14.703  1.00 106.10 ? 901  LEU A C   1 
ATOM   10   O  O   . LEU A 1 5   ? -11.624 37.272  14.286  1.00 103.56 ? 901  LEU A O   1 
ATOM   11   C  CB  . LEU A 1 5   ? -12.098 40.177  13.798  1.00 107.59 ? 901  LEU A CB  1 
ATOM   12   C  CG  . LEU A 1 5   ? -12.438 41.414  12.968  1.00 116.67 ? 901  LEU A CG  1 
ATOM   13   C  CD1 . LEU A 1 5   ? -11.226 42.325  12.863  1.00 102.42 ? 901  LEU A CD1 1 
ATOM   14   C  CD2 . LEU A 1 5   ? -12.927 41.010  11.582  1.00 105.58 ? 901  LEU A CD2 1 
ATOM   15   N  N   . SER A 1 6   ? -13.184 37.644  15.872  1.00 105.90 ? 902  SER A N   1 
ATOM   16   C  CA  . SER A 1 6   ? -12.770 36.502  16.681  1.00 95.25  ? 902  SER A CA  1 
ATOM   17   C  C   . SER A 1 6   ? -13.304 35.202  16.088  1.00 92.07  ? 902  SER A C   1 
ATOM   18   O  O   . SER A 1 6   ? -12.535 34.281  15.782  1.00 91.44  ? 902  SER A O   1 
ATOM   19   C  CB  . SER A 1 6   ? -13.239 36.681  18.127  1.00 74.32  ? 902  SER A CB  1 
ATOM   20   O  OG  . SER A 1 6   ? -14.417 35.934  18.376  1.00 75.49  ? 902  SER A OG  1 
ATOM   21   N  N   . THR A 1 7   ? -14.632 35.102  15.933  1.00 75.55  ? 903  THR A N   1 
ATOM   22   C  CA  . THR A 1 7   ? -15.223 33.983  15.199  1.00 65.52  ? 903  THR A CA  1 
ATOM   23   C  C   . THR A 1 7   ? -14.624 33.845  13.805  1.00 59.70  ? 903  THR A C   1 
ATOM   24   O  O   . THR A 1 7   ? -14.580 32.740  13.252  1.00 70.42  ? 903  THR A O   1 
ATOM   25   C  CB  . THR A 1 7   ? -16.741 34.145  15.108  1.00 69.62  ? 903  THR A CB  1 
ATOM   26   O  OG1 . THR A 1 7   ? -17.064 35.038  14.033  1.00 94.11  ? 903  THR A OG1 1 
ATOM   27   C  CG2 . THR A 1 7   ? -17.297 34.697  16.413  1.00 69.19  ? 903  THR A CG2 1 
ATOM   28   N  N   . ASN A 1 8   ? -14.154 34.948  13.221  1.00 64.44  ? 904  ASN A N   1 
ATOM   29   C  CA  . ASN A 1 8   ? -13.417 34.861  11.966  1.00 58.85  ? 904  ASN A CA  1 
ATOM   30   C  C   . ASN A 1 8   ? -12.003 34.357  12.205  1.00 55.21  ? 904  ASN A C   1 
ATOM   31   O  O   . ASN A 1 8   ? -11.522 33.485  11.475  1.00 48.87  ? 904  ASN A O   1 
ATOM   32   C  CB  . ASN A 1 8   ? -13.392 36.220  11.268  1.00 82.45  ? 904  ASN A CB  1 
ATOM   33   C  CG  . ASN A 1 8   ? -14.592 36.435  10.377  1.00 88.96  ? 904  ASN A CG  1 
ATOM   34   O  OD1 . ASN A 1 8   ? -15.572 35.689  10.443  1.00 76.42  ? 904  ASN A OD1 1 
ATOM   35   N  ND2 . ASN A 1 8   ? -14.524 37.460  9.532   1.00 93.25  ? 904  ASN A ND2 1 
ATOM   36   N  N   . HIS A 1 9   ? -11.320 34.897  13.218  1.00 65.20  ? 905  HIS A N   1 
ATOM   37   C  CA  . HIS A 1 9   ? -9.962  34.452  13.501  1.00 55.81  ? 905  HIS A CA  1 
ATOM   38   C  C   . HIS A 1 9   ? -9.952  33.016  14.011  1.00 57.21  ? 905  HIS A C   1 
ATOM   39   O  O   . HIS A 1 9   ? -9.001  32.272  13.747  1.00 62.09  ? 905  HIS A O   1 
ATOM   40   C  CB  . HIS A 1 9   ? -9.311  35.393  14.516  1.00 52.35  ? 905  HIS A CB  1 
ATOM   41   C  CG  . HIS A 1 9   ? -7.892  35.054  14.849  1.00 80.90  ? 905  HIS A CG  1 
ATOM   42   N  ND1 . HIS A 1 9   ? -7.438  34.951  16.148  1.00 80.03  ? 905  HIS A ND1 1 
ATOM   43   C  CD2 . HIS A 1 9   ? -6.820  34.817  14.056  1.00 77.65  ? 905  HIS A CD2 1 
ATOM   44   C  CE1 . HIS A 1 9   ? -6.151  34.654  16.139  1.00 78.97  ? 905  HIS A CE1 1 
ATOM   45   N  NE2 . HIS A 1 9   ? -5.751  34.566  14.883  1.00 85.13  ? 905  HIS A NE2 1 
ATOM   46   N  N   . GLU A 1 10  ? -11.006 32.604  14.722  1.00 48.98  ? 906  GLU A N   1 
ATOM   47   C  CA  . GLU A 1 10  ? -11.116 31.211  15.143  1.00 29.79  ? 906  GLU A CA  1 
ATOM   48   C  C   . GLU A 1 10  ? -11.369 30.284  13.961  1.00 32.79  ? 906  GLU A C   1 
ATOM   49   O  O   . GLU A 1 10  ? -10.788 29.196  13.888  1.00 47.34  ? 906  GLU A O   1 
ATOM   50   C  CB  . GLU A 1 10  ? -12.195 31.048  16.206  1.00 14.12  ? 906  GLU A CB  1 
ATOM   51   C  CG  . GLU A 1 10  ? -11.744 31.572  17.550  1.00 32.90  ? 906  GLU A CG  1 
ATOM   52   C  CD  . GLU A 1 10  ? -12.642 31.134  18.684  1.00 41.94  ? 906  GLU A CD  1 
ATOM   53   O  OE1 . GLU A 1 10  ? -13.585 30.356  18.418  1.00 41.95  ? 906  GLU A OE1 1 
ATOM   54   O  OE2 . GLU A 1 10  ? -12.390 31.554  19.839  1.00 37.47  ? 906  GLU A OE2 1 
ATOM   55   N  N   . THR A 1 11  ? -12.240 30.681  13.035  1.00 29.86  ? 907  THR A N   1 
ATOM   56   C  CA  . THR A 1 11  ? -12.466 29.850  11.858  1.00 26.10  ? 907  THR A CA  1 
ATOM   57   C  C   . THR A 1 11  ? -11.170 29.650  11.082  1.00 29.10  ? 907  THR A C   1 
ATOM   58   O  O   . THR A 1 11  ? -10.919 28.570  10.537  1.00 32.02  ? 907  THR A O   1 
ATOM   59   C  CB  . THR A 1 11  ? -13.544 30.462  10.965  1.00 28.41  ? 907  THR A CB  1 
ATOM   60   O  OG1 . THR A 1 11  ? -14.652 30.883  11.767  1.00 37.40  ? 907  THR A OG1 1 
ATOM   61   C  CG2 . THR A 1 11  ? -14.029 29.451  9.947   1.00 23.79  ? 907  THR A CG2 1 
ATOM   62   N  N   . ILE A 1 12  ? -10.346 30.691  10.997  1.00 20.87  ? 908  ILE A N   1 
ATOM   63   C  CA  . ILE A 1 12  ? -9.086  30.562  10.282  1.00 27.66  ? 908  ILE A CA  1 
ATOM   64   C  C   . ILE A 1 12  ? -8.165  29.581  11.001  1.00 35.22  ? 908  ILE A C   1 
ATOM   65   O  O   . ILE A 1 12  ? -7.561  28.706  10.368  1.00 35.02  ? 908  ILE A O   1 
ATOM   66   C  CB  . ILE A 1 12  ? -8.433  31.940  10.084  1.00 34.78  ? 908  ILE A CB  1 
ATOM   67   C  CG1 . ILE A 1 12  ? -9.358  32.824  9.246   1.00 24.90  ? 908  ILE A CG1 1 
ATOM   68   C  CG2 . ILE A 1 12  ? -7.072  31.798  9.421   1.00 33.65  ? 908  ILE A CG2 1 
ATOM   69   C  CD1 . ILE A 1 12  ? -8.738  34.117  8.793   1.00 31.12  ? 908  ILE A CD1 1 
ATOM   70   N  N   . ASP A 1 13  ? -8.055  29.696  12.330  1.00 31.36  ? 909  ASP A N   1 
ATOM   71   C  CA  . ASP A 1 13  ? -7.171  28.802  13.079  1.00 36.80  ? 909  ASP A CA  1 
ATOM   72   C  C   . ASP A 1 13  ? -7.585  27.343  12.920  1.00 32.97  ? 909  ASP A C   1 
ATOM   73   O  O   . ASP A 1 13  ? -6.756  26.482  12.599  1.00 36.77  ? 909  ASP A O   1 
ATOM   74   C  CB  . ASP A 1 13  ? -7.159  29.174  14.567  1.00 28.16  ? 909  ASP A CB  1 
ATOM   75   C  CG  . ASP A 1 13  ? -6.479  30.500  14.837  1.00 64.46  ? 909  ASP A CG  1 
ATOM   76   O  OD1 . ASP A 1 13  ? -6.294  31.286  13.881  1.00 64.44  ? 909  ASP A OD1 1 
ATOM   77   O  OD2 . ASP A 1 13  ? -6.119  30.746  16.007  1.00 65.84  ? 909  ASP A OD2 1 
ATOM   78   N  N   . LEU A 1 14  ? -8.876  27.052  13.102  1.00 29.24  ? 910  LEU A N   1 
ATOM   79   C  CA  . LEU A 1 14  ? -9.358  25.680  12.952  1.00 17.25  ? 910  LEU A CA  1 
ATOM   80   C  C   . LEU A 1 14  ? -9.159  25.172  11.538  1.00 22.32  ? 910  LEU A C   1 
ATOM   81   O  O   . LEU A 1 14  ? -8.753  24.023  11.336  1.00 33.08  ? 910  LEU A O   1 
ATOM   82   C  CB  . LEU A 1 14  ? -10.829 25.591  13.341  1.00 23.75  ? 910  LEU A CB  1 
ATOM   83   C  CG  . LEU A 1 14  ? -11.126 25.209  14.787  1.00 27.26  ? 910  LEU A CG  1 
ATOM   84   C  CD1 . LEU A 1 14  ? -10.164 25.855  15.710  1.00 23.46  ? 910  LEU A CD1 1 
ATOM   85   C  CD2 . LEU A 1 14  ? -12.519 25.681  15.111  1.00 28.10  ? 910  LEU A CD2 1 
ATOM   86   N  N   . LEU A 1 15  ? -9.422  26.015  10.541  1.00 18.97  ? 911  LEU A N   1 
ATOM   87   C  CA  . LEU A 1 15  ? -9.191  25.582  9.172   1.00 22.60  ? 911  LEU A CA  1 
ATOM   88   C  C   . LEU A 1 15  ? -7.703  25.399  8.905   1.00 23.30  ? 911  LEU A C   1 
ATOM   89   O  O   . LEU A 1 15  ? -7.304  24.480  8.183   1.00 21.83  ? 911  LEU A O   1 
ATOM   90   C  CB  . LEU A 1 15  ? -9.801  26.581  8.197   1.00 31.63  ? 911  LEU A CB  1 
ATOM   91   C  CG  . LEU A 1 15  ? -11.321 26.468  8.095   1.00 27.14  ? 911  LEU A CG  1 
ATOM   92   C  CD1 . LEU A 1 15  ? -11.890 27.539  7.176   1.00 31.99  ? 911  LEU A CD1 1 
ATOM   93   C  CD2 . LEU A 1 15  ? -11.704 25.084  7.627   1.00 35.47  ? 911  LEU A CD2 1 
ATOM   94   N  N   . VAL A 1 16  ? -6.861  26.250  9.494   1.00 21.89  ? 912  VAL A N   1 
ATOM   95   C  CA  . VAL A 1 16  ? -5.424  26.084  9.306   1.00 19.14  ? 912  VAL A CA  1 
ATOM   96   C  C   . VAL A 1 16  ? -4.949  24.801  9.971   1.00 21.09  ? 912  VAL A C   1 
ATOM   97   O  O   . VAL A 1 16  ? -4.123  24.068  9.414   1.00 21.24  ? 912  VAL A O   1 
ATOM   98   C  CB  . VAL A 1 16  ? -4.667  27.313  9.834   1.00 12.81  ? 912  VAL A CB  1 
ATOM   99   C  CG1 . VAL A 1 16  ? -3.217  26.969  10.079  1.00 20.85  ? 912  VAL A CG1 1 
ATOM   100  C  CG2 . VAL A 1 16  ? -4.766  28.442  8.841   1.00 21.20  ? 912  VAL A CG2 1 
ATOM   101  N  N   . GLN A 1 17  ? -5.488  24.484  11.149  1.00 20.48  ? 913  GLN A N   1 
ATOM   102  C  CA  . GLN A 1 17  ? -5.062  23.268  11.830  1.00 20.13  ? 913  GLN A CA  1 
ATOM   103  C  C   . GLN A 1 17  ? -5.436  22.033  11.024  1.00 21.23  ? 913  GLN A C   1 
ATOM   104  O  O   . GLN A 1 17  ? -4.601  21.149  10.805  1.00 25.97  ? 913  GLN A O   1 
ATOM   105  C  CB  . GLN A 1 17  ? -5.660  23.192  13.233  1.00 14.12  ? 913  GLN A CB  1 
ATOM   106  C  CG  . GLN A 1 17  ? -4.854  22.298  14.159  1.00 21.95  ? 913  GLN A CG  1 
ATOM   107  C  CD  . GLN A 1 17  ? -3.390  22.696  14.215  1.00 34.87  ? 913  GLN A CD  1 
ATOM   108  O  OE1 . GLN A 1 17  ? -3.031  23.684  14.855  1.00 45.80  ? 913  GLN A OE1 1 
ATOM   109  N  NE2 . GLN A 1 17  ? -2.539  21.945  13.520  1.00 26.47  ? 913  GLN A NE2 1 
ATOM   110  N  N   . ILE A 1 18  ? -6.687  21.962  10.562  1.00 13.21  ? 914  ILE A N   1 
ATOM   111  C  CA  . ILE A 1 18  ? -7.112  20.813  9.768   1.00 12.82  ? 914  ILE A CA  1 
ATOM   112  C  C   . ILE A 1 18  ? -6.210  20.659  8.554   1.00 15.86  ? 914  ILE A C   1 
ATOM   113  O  O   . ILE A 1 18  ? -5.730  19.562  8.244   1.00 21.56  ? 914  ILE A O   1 
ATOM   114  C  CB  . ILE A 1 18  ? -8.587  20.951  9.352   1.00 12.14  ? 914  ILE A CB  1 
ATOM   115  C  CG1 . ILE A 1 18  ? -9.507  20.734  10.548  1.00 19.81  ? 914  ILE A CG1 1 
ATOM   116  C  CG2 . ILE A 1 18  ? -8.918  19.955  8.268   1.00 8.40   ? 914  ILE A CG2 1 
ATOM   117  C  CD1 . ILE A 1 18  ? -10.674 21.674  10.581  1.00 22.16  ? 914  ILE A CD1 1 
ATOM   118  N  N   . LEU A 1 19  ? -5.951  21.765  7.859   1.00 15.28  ? 915  LEU A N   1 
ATOM   119  C  CA  . LEU A 1 19  ? -5.125  21.696  6.661   1.00 12.60  ? 915  LEU A CA  1 
ATOM   120  C  C   . LEU A 1 19  ? -3.713  21.229  6.994   1.00 16.69  ? 915  LEU A C   1 
ATOM   121  O  O   . LEU A 1 19  ? -3.130  20.432  6.253   1.00 17.24  ? 915  LEU A O   1 
ATOM   122  C  CB  . LEU A 1 19  ? -5.114  23.056  5.970   1.00 14.65  ? 915  LEU A CB  1 
ATOM   123  C  CG  . LEU A 1 19  ? -4.519  23.143  4.570   1.00 12.57  ? 915  LEU A CG  1 
ATOM   124  C  CD1 . LEU A 1 19  ? -5.069  22.051  3.696   1.00 12.38  ? 915  LEU A CD1 1 
ATOM   125  C  CD2 . LEU A 1 19  ? -4.869  24.494  3.996   1.00 16.80  ? 915  LEU A CD2 1 
ATOM   126  N  N   . ARG A 1 20  ? -3.157  21.695  8.117   1.00 15.56  ? 916  ARG A N   1 
ATOM   127  C  CA  . ARG A 1 20  ? -1.868  21.180  8.572   1.00 13.26  ? 916  ARG A CA  1 
ATOM   128  C  C   . ARG A 1 20  ? -1.915  19.669  8.739   1.00 16.78  ? 916  ARG A C   1 
ATOM   129  O  O   . ARG A 1 20  ? -1.050  18.947  8.231   1.00 21.84  ? 916  ARG A O   1 
ATOM   130  C  CB  . ARG A 1 20  ? -1.478  21.828  9.896   1.00 19.28  ? 916  ARG A CB  1 
ATOM   131  C  CG  . ARG A 1 20  ? -1.016  23.258  9.828   1.00 14.05  ? 916  ARG A CG  1 
ATOM   132  C  CD  . ARG A 1 20  ? -0.750  23.737  11.245  1.00 18.39  ? 916  ARG A CD  1 
ATOM   133  N  NE  . ARG A 1 20  ? -0.418  25.152  11.330  1.00 17.69  ? 916  ARG A NE  1 
ATOM   134  C  CZ  . ARG A 1 20  ? -0.417  25.847  12.460  1.00 17.55  ? 916  ARG A CZ  1 
ATOM   135  N  NH1 . ARG A 1 20  ? -0.732  25.287  13.617  1.00 16.60  ? 916  ARG A NH1 1 
ATOM   136  N  NH2 . ARG A 1 20  ? -0.080  27.132  12.430  1.00 19.21  ? 916  ARG A NH2 1 
ATOM   137  N  N   . ASN A 1 21  ? -2.933  19.173  9.446   1.00 15.12  ? 917  ASN A N   1 
ATOM   138  C  CA  . ASN A 1 21  ? -3.028  17.745  9.721   1.00 10.82  ? 917  ASN A CA  1 
ATOM   139  C  C   . ASN A 1 21  ? -3.112  16.948  8.428   1.00 16.44  ? 917  ASN A C   1 
ATOM   140  O  O   . ASN A 1 21  ? -2.445  15.919  8.281   1.00 20.87  ? 917  ASN A O   1 
ATOM   141  C  CB  . ASN A 1 21  ? -4.238  17.468  10.609  1.00 6.87   ? 917  ASN A CB  1 
ATOM   142  C  CG  . ASN A 1 21  ? -4.183  18.229  11.925  1.00 19.83  ? 917  ASN A CG  1 
ATOM   143  O  OD1 . ASN A 1 21  ? -3.212  18.935  12.211  1.00 24.21  ? 917  ASN A OD1 1 
ATOM   144  N  ND2 . ASN A 1 21  ? -5.237  18.101  12.728  1.00 18.31  ? 917  ASN A ND2 1 
ATOM   145  N  N   . CYS A 1 22  ? -3.908  17.424  7.467   1.00 22.48  ? 918  CYS A N   1 
ATOM   146  C  CA  . CYS A 1 22  ? -4.019  16.740  6.183   1.00 19.99  ? 918  CYS A CA  1 
ATOM   147  C  C   . CYS A 1 22  ? -2.671  16.691  5.480   1.00 14.40  ? 918  CYS A C   1 
ATOM   148  O  O   . CYS A 1 22  ? -2.160  15.616  5.148   1.00 18.98  ? 918  CYS A O   1 
ATOM   149  C  CB  . CYS A 1 22  ? -5.041  17.452  5.297   1.00 14.76  ? 918  CYS A CB  1 
ATOM   150  S  SG  . CYS A 1 22  ? -6.671  16.740  5.310   1.00 48.88  ? 918  CYS A SG  1 
ATOM   151  N  N   . LEU A 1 23  ? -2.065  17.855  5.273   1.00 12.38  ? 919  LEU A N   1 
ATOM   152  C  CA  . LEU A 1 23  ? -0.819  17.914  4.529   1.00 13.36  ? 919  LEU A CA  1 
ATOM   153  C  C   . LEU A 1 23  ? 0.281   17.128  5.227   1.00 19.14  ? 919  LEU A C   1 
ATOM   154  O  O   . LEU A 1 23  ? 1.149   16.553  4.564   1.00 19.38  ? 919  LEU A O   1 
ATOM   155  C  CB  . LEU A 1 23  ? -0.415  19.371  4.349   1.00 22.80  ? 919  LEU A CB  1 
ATOM   156  C  CG  . LEU A 1 23  ? -1.337  20.131  3.397   1.00 10.99  ? 919  LEU A CG  1 
ATOM   157  C  CD1 . LEU A 1 23  ? -0.808  21.535  3.144   1.00 13.72  ? 919  LEU A CD1 1 
ATOM   158  C  CD2 . LEU A 1 23  ? -1.529  19.360  2.104   1.00 20.81  ? 919  LEU A CD2 1 
ATOM   159  N  N   . ARG A 1 24  ? 0.253   17.084  6.563   1.00 18.93  ? 920  ARG A N   1 
ATOM   160  C  CA  . ARG A 1 24  ? 1.229   16.280  7.291   1.00 19.36  ? 920  ARG A CA  1 
ATOM   161  C  C   . ARG A 1 24  ? 1.012   14.792  7.059   1.00 15.20  ? 920  ARG A C   1 
ATOM   162  O  O   . ARG A 1 24  ? 1.977   14.045  6.868   1.00 25.00  ? 920  ARG A O   1 
ATOM   163  C  CB  . ARG A 1 24  ? 1.175   16.589  8.787   1.00 23.86  ? 920  ARG A CB  1 
ATOM   164  C  CG  . ARG A 1 24  ? 2.040   17.764  9.213   1.00 38.60  ? 920  ARG A CG  1 
ATOM   165  C  CD  . ARG A 1 24  ? 1.729   18.204  10.641  1.00 36.45  ? 920  ARG A CD  1 
ATOM   166  N  NE  . ARG A 1 24  ? 1.460   17.074  11.524  1.00 53.04  ? 920  ARG A NE  1 
ATOM   167  C  CZ  . ARG A 1 24  ? 2.388   16.414  12.203  1.00 59.48  ? 920  ARG A CZ  1 
ATOM   168  N  NH1 . ARG A 1 24  ? 3.667   16.744  12.124  1.00 39.13  ? 920  ARG A NH1 1 
ATOM   169  N  NH2 . ARG A 1 24  ? 2.023   15.398  12.982  1.00 58.41  ? 920  ARG A NH2 1 
ATOM   170  N  N   . TYR A 1 25  ? -0.242  14.335  7.088   1.00 14.31  ? 921  TYR A N   1 
ATOM   171  C  CA  . TYR A 1 25  ? -0.500  12.903  6.972   1.00 11.57  ? 921  TYR A CA  1 
ATOM   172  C  C   . TYR A 1 25  ? 0.018   12.352  5.654   1.00 14.95  ? 921  TYR A C   1 
ATOM   173  O  O   . TYR A 1 25  ? 0.628   11.279  5.622   1.00 37.58  ? 921  TYR A O   1 
ATOM   174  C  CB  . TYR A 1 25  ? -1.991  12.610  7.104   1.00 17.66  ? 921  TYR A CB  1 
ATOM   175  C  CG  . TYR A 1 25  ? -2.295  11.181  7.504   1.00 24.70  ? 921  TYR A CG  1 
ATOM   176  C  CD1 . TYR A 1 25  ? -2.233  10.781  8.831   1.00 32.06  ? 921  TYR A CD1 1 
ATOM   177  C  CD2 . TYR A 1 25  ? -2.612  10.225  6.548   1.00 29.68  ? 921  TYR A CD2 1 
ATOM   178  C  CE1 . TYR A 1 25  ? -2.507  9.476   9.203   1.00 34.55  ? 921  TYR A CE1 1 
ATOM   179  C  CE2 . TYR A 1 25  ? -2.883  8.912   6.909   1.00 31.58  ? 921  TYR A CE2 1 
ATOM   180  C  CZ  . TYR A 1 25  ? -2.830  8.544   8.237   1.00 42.06  ? 921  TYR A CZ  1 
ATOM   181  O  OH  . TYR A 1 25  ? -3.101  7.241   8.601   1.00 48.90  ? 921  TYR A OH  1 
ATOM   182  N  N   . PHE A 1 26  ? -0.211  13.067  4.557   1.00 16.10  ? 922  PHE A N   1 
ATOM   183  C  CA  . PHE A 1 26  ? 0.129   12.566  3.236   1.00 16.09  ? 922  PHE A CA  1 
ATOM   184  C  C   . PHE A 1 26  ? 1.454   13.104  2.718   1.00 21.01  ? 922  PHE A C   1 
ATOM   185  O  O   . PHE A 1 26  ? 1.789   12.859  1.557   1.00 26.19  ? 922  PHE A O   1 
ATOM   186  C  CB  . PHE A 1 26  ? -0.981  12.898  2.245   1.00 18.91  ? 922  PHE A CB  1 
ATOM   187  C  CG  . PHE A 1 26  ? -2.321  12.391  2.660   1.00 17.45  ? 922  PHE A CG  1 
ATOM   188  C  CD1 . PHE A 1 26  ? -2.601  11.038  2.627   1.00 27.28  ? 922  PHE A CD1 1 
ATOM   189  C  CD2 . PHE A 1 26  ? -3.302  13.263  3.073   1.00 14.35  ? 922  PHE A CD2 1 
ATOM   190  C  CE1 . PHE A 1 26  ? -3.837  10.564  3.011   1.00 22.97  ? 922  PHE A CE1 1 
ATOM   191  C  CE2 . PHE A 1 26  ? -4.542  12.796  3.455   1.00 22.58  ? 922  PHE A CE2 1 
ATOM   192  C  CZ  . PHE A 1 26  ? -4.811  11.445  3.424   1.00 24.64  ? 922  PHE A CZ  1 
ATOM   193  N  N   . LEU A 1 27  ? 2.207   13.821  3.546   1.00 19.35  ? 923  LEU A N   1 
ATOM   194  C  CA  . LEU A 1 27  ? 3.456   14.430  3.123   1.00 16.88  ? 923  LEU A CA  1 
ATOM   195  C  C   . LEU A 1 27  ? 4.358   13.379  2.482   1.00 27.30  ? 923  LEU A C   1 
ATOM   196  O  O   . LEU A 1 27  ? 4.720   12.398  3.150   1.00 35.52  ? 923  LEU A O   1 
ATOM   197  C  CB  . LEU A 1 27  ? 4.166   15.066  4.313   1.00 15.12  ? 923  LEU A CB  1 
ATOM   198  C  CG  . LEU A 1 27  ? 5.268   16.078  3.999   1.00 23.07  ? 923  LEU A CG  1 
ATOM   199  C  CD1 . LEU A 1 27  ? 4.837   17.039  2.908   1.00 22.74  ? 923  LEU A CD1 1 
ATOM   200  C  CD2 . LEU A 1 27  ? 5.673   16.826  5.257   1.00 30.18  ? 923  LEU A CD2 1 
ATOM   201  N  N   . PRO A 1 28  ? 4.709   13.520  1.204   1.00 38.62  ? 924  PRO A N   1 
ATOM   202  C  CA  . PRO A 1 28  ? 5.653   12.586  0.609   1.00 30.41  ? 924  PRO A CA  1 
ATOM   203  C  C   . PRO A 1 28  ? 6.948   12.583  1.393   1.00 37.02  ? 924  PRO A C   1 
ATOM   204  O  O   . PRO A 1 28  ? 7.335   13.605  1.990   1.00 43.87  ? 924  PRO A O   1 
ATOM   205  C  CB  . PRO A 1 28  ? 5.848   13.141  -0.808  1.00 29.47  ? 924  PRO A CB  1 
ATOM   206  C  CG  . PRO A 1 28  ? 4.538   13.763  -1.109  1.00 26.03  ? 924  PRO A CG  1 
ATOM   207  C  CD  . PRO A 1 28  ? 4.146   14.429  0.193   1.00 36.98  ? 924  PRO A CD  1 
ATOM   208  N  N   . PRO A 1 29  ? 7.647   11.449  1.431   1.00 46.83  ? 925  PRO A N   1 
ATOM   209  C  CA  . PRO A 1 29  ? 8.822   11.347  2.307   1.00 48.76  ? 925  PRO A CA  1 
ATOM   210  C  C   . PRO A 1 29  ? 9.928   12.313  1.947   1.00 52.44  ? 925  PRO A C   1 
ATOM   211  O  O   . PRO A 1 29  ? 10.669  12.755  2.833   1.00 55.53  ? 925  PRO A O   1 
ATOM   212  C  CB  . PRO A 1 29  ? 9.266   9.890   2.117   1.00 63.88  ? 925  PRO A CB  1 
ATOM   213  C  CG  . PRO A 1 29  ? 8.032   9.184   1.614   1.00 60.23  ? 925  PRO A CG  1 
ATOM   214  C  CD  . PRO A 1 29  ? 7.388   10.191  0.714   1.00 39.99  ? 925  PRO A CD  1 
ATOM   215  N  N   . SER A 1 30  ? 10.039  12.684  0.678   1.00 43.86  ? 926  SER A N   1 
ATOM   216  C  CA  . SER A 1 30  ? 11.146  13.489  0.186   1.00 53.23  ? 926  SER A CA  1 
ATOM   217  C  C   . SER A 1 30  ? 10.853  14.982  0.143   1.00 42.53  ? 926  SER A C   1 
ATOM   218  O  O   . SER A 1 30  ? 11.754  15.759  -0.189  1.00 55.67  ? 926  SER A O   1 
ATOM   219  C  CB  . SER A 1 30  ? 11.525  13.028  -1.220  1.00 80.58  ? 926  SER A CB  1 
ATOM   220  O  OG  . SER A 1 30  ? 10.373  12.632  -1.947  1.00 60.00  ? 926  SER A OG  1 
ATOM   221  N  N   . PHE A 1 31  ? 9.638   15.400  0.463   1.00 35.23  ? 927  PHE A N   1 
ATOM   222  C  CA  . PHE A 1 31  ? 9.215   16.760  0.166   1.00 31.20  ? 927  PHE A CA  1 
ATOM   223  C  C   . PHE A 1 31  ? 10.116  17.783  0.850   1.00 25.06  ? 927  PHE A C   1 
ATOM   224  O  O   . PHE A 1 31  ? 10.442  17.624  2.035   1.00 35.66  ? 927  PHE A O   1 
ATOM   225  C  CB  . PHE A 1 31  ? 7.768   16.978  0.591   1.00 31.39  ? 927  PHE A CB  1 
ATOM   226  C  CG  . PHE A 1 31  ? 7.026   17.916  -0.301  1.00 28.74  ? 927  PHE A CG  1 
ATOM   227  C  CD1 . PHE A 1 31  ? 6.898   17.642  -1.647  1.00 26.98  ? 927  PHE A CD1 1 
ATOM   228  C  CD2 . PHE A 1 31  ? 6.473   19.080  0.198   1.00 29.73  ? 927  PHE A CD2 1 
ATOM   229  C  CE1 . PHE A 1 31  ? 6.226   18.501  -2.479  1.00 28.57  ? 927  PHE A CE1 1 
ATOM   230  C  CE2 . PHE A 1 31  ? 5.793   19.943  -0.633  1.00 28.48  ? 927  PHE A CE2 1 
ATOM   231  C  CZ  . PHE A 1 31  ? 5.671   19.651  -1.975  1.00 28.50  ? 927  PHE A CZ  1 
ATOM   232  N  N   . PRO A 1 32  ? 10.570  18.816  0.135   1.00 22.58  ? 928  PRO A N   1 
ATOM   233  C  CA  . PRO A 1 32  ? 11.470  19.808  0.744   1.00 25.93  ? 928  PRO A CA  1 
ATOM   234  C  C   . PRO A 1 32  ? 10.868  20.555  1.922   1.00 23.71  ? 928  PRO A C   1 
ATOM   235  O  O   . PRO A 1 32  ? 11.613  21.234  2.639   1.00 34.96  ? 928  PRO A O   1 
ATOM   236  C  CB  . PRO A 1 32  ? 11.759  20.764  -0.419  1.00 24.20  ? 928  PRO A CB  1 
ATOM   237  C  CG  . PRO A 1 32  ? 11.634  19.886  -1.628  1.00 25.98  ? 928  PRO A CG  1 
ATOM   238  C  CD  . PRO A 1 32  ? 10.462  18.996  -1.323  1.00 23.34  ? 928  PRO A CD  1 
ATOM   239  N  N   . ILE A 1 33  ? 9.561   20.463  2.144   1.00 28.80  ? 929  ILE A N   1 
ATOM   240  C  CA  . ILE A 1 33  ? 8.915   21.072  3.300   1.00 25.52  ? 929  ILE A CA  1 
ATOM   241  C  C   . ILE A 1 33  ? 8.670   19.974  4.327   1.00 33.86  ? 929  ILE A C   1 
ATOM   242  O  O   . ILE A 1 33  ? 8.015   18.966  4.027   1.00 28.06  ? 929  ILE A O   1 
ATOM   243  C  CB  . ILE A 1 33  ? 7.606   21.771  2.912   1.00 17.51  ? 929  ILE A CB  1 
ATOM   244  C  CG1 . ILE A 1 33  ? 7.829   22.678  1.702   1.00 24.55  ? 929  ILE A CG1 1 
ATOM   245  C  CG2 . ILE A 1 33  ? 7.087   22.570  4.080   1.00 20.25  ? 929  ILE A CG2 1 
ATOM   246  C  CD1 . ILE A 1 33  ? 6.688   23.645  1.443   1.00 31.01  ? 929  ILE A CD1 1 
ATOM   247  N  N   . SER A 1 34  ? 9.191   20.167  5.535   1.00 29.15  ? 930  SER A N   1 
ATOM   248  C  CA  . SER A 1 34  ? 9.160   19.146  6.570   1.00 23.10  ? 930  SER A CA  1 
ATOM   249  C  C   . SER A 1 34  ? 7.859   19.192  7.358   1.00 25.23  ? 930  SER A C   1 
ATOM   250  O  O   . SER A 1 34  ? 7.135   20.192  7.359   1.00 25.89  ? 930  SER A O   1 
ATOM   251  C  CB  . SER A 1 34  ? 10.323  19.334  7.539   1.00 31.84  ? 930  SER A CB  1 
ATOM   252  O  OG  . SER A 1 34  ? 10.013  20.359  8.471   1.00 29.89  ? 930  SER A OG  1 
ATOM   253  N  N   . LYS A 1 35  ? 7.587   18.091  8.063   1.00 22.81  ? 931  LYS A N   1 
ATOM   254  C  CA  . LYS A 1 35  ? 6.422   18.055  8.937   1.00 20.52  ? 931  LYS A CA  1 
ATOM   255  C  C   . LYS A 1 35  ? 6.518   19.127  10.007  1.00 23.16  ? 931  LYS A C   1 
ATOM   256  O  O   . LYS A 1 35  ? 5.499   19.705  10.401  1.00 31.79  ? 931  LYS A O   1 
ATOM   257  C  CB  . LYS A 1 35  ? 6.281   16.678  9.579   1.00 27.05  ? 931  LYS A CB  1 
ATOM   258  C  CG  . LYS A 1 35  ? 5.851   15.593  8.614   1.00 30.91  ? 931  LYS A CG  1 
ATOM   259  C  CD  . LYS A 1 35  ? 5.441   14.313  9.329   1.00 48.65  ? 931  LYS A CD  1 
ATOM   260  C  CE  . LYS A 1 35  ? 5.232   13.182  8.324   1.00 63.11  ? 931  LYS A CE  1 
ATOM   261  N  NZ  . LYS A 1 35  ? 4.021   12.369  8.633   1.00 59.51  ? 931  LYS A NZ  1 
ATOM   262  N  N   . LYS A 1 36  ? 7.734   19.424  10.472  1.00 20.86  ? 932  LYS A N   1 
ATOM   263  C  CA  . LYS A 1 36  ? 7.901   20.523  11.415  1.00 24.72  ? 932  LYS A CA  1 
ATOM   264  C  C   . LYS A 1 36  ? 7.499   21.845  10.779  1.00 27.02  ? 932  LYS A C   1 
ATOM   265  O  O   . LYS A 1 36  ? 6.708   22.600  11.355  1.00 32.89  ? 932  LYS A O   1 
ATOM   266  C  CB  . LYS A 1 36  ? 9.344   20.588  11.919  1.00 39.47  ? 932  LYS A CB  1 
ATOM   267  C  CG  . LYS A 1 36  ? 9.564   19.898  13.257  1.00 53.86  ? 932  LYS A CG  1 
ATOM   268  C  CD  . LYS A 1 36  ? 11.040  19.842  13.627  1.00 74.74  ? 932  LYS A CD  1 
ATOM   269  C  CE  . LYS A 1 36  ? 11.338  18.676  14.569  1.00 112.63 ? 932  LYS A CE  1 
ATOM   270  N  NZ  . LYS A 1 36  ? 12.775  18.270  14.527  1.00 117.79 ? 932  LYS A NZ  1 
ATOM   271  N  N   . GLN A 1 37  ? 8.026   22.139  9.582   1.00 25.46  ? 933  GLN A N   1 
ATOM   272  C  CA  . GLN A 1 37  ? 7.642   23.372  8.897   1.00 22.26  ? 933  GLN A CA  1 
ATOM   273  C  C   . GLN A 1 37  ? 6.139   23.435  8.698   1.00 27.67  ? 933  GLN A C   1 
ATOM   274  O  O   . GLN A 1 37  ? 5.512   24.467  8.965   1.00 29.99  ? 933  GLN A O   1 
ATOM   275  C  CB  . GLN A 1 37  ? 8.350   23.491  7.549   1.00 20.62  ? 933  GLN A CB  1 
ATOM   276  C  CG  . GLN A 1 37  ? 9.844   23.751  7.636   1.00 41.73  ? 933  GLN A CG  1 
ATOM   277  C  CD  . GLN A 1 37  ? 10.590  23.295  6.392   1.00 59.18  ? 933  GLN A CD  1 
ATOM   278  O  OE1 . GLN A 1 37  ? 10.380  22.188  5.893   1.00 51.59  ? 933  GLN A OE1 1 
ATOM   279  N  NE2 . GLN A 1 37  ? 11.466  24.148  5.884   1.00 68.31  ? 933  GLN A NE2 1 
ATOM   280  N  N   . LEU A 1 38  ? 5.542   22.323  8.272   1.00 21.51  ? 934  LEU A N   1 
ATOM   281  C  CA  . LEU A 1 38  ? 4.105   22.284  8.042   1.00 14.25  ? 934  LEU A CA  1 
ATOM   282  C  C   . LEU A 1 38  ? 3.328   22.601  9.310   1.00 22.17  ? 934  LEU A C   1 
ATOM   283  O  O   . LEU A 1 38  ? 2.359   23.366  9.276   1.00 35.18  ? 934  LEU A O   1 
ATOM   284  C  CB  . LEU A 1 38  ? 3.705   20.916  7.502   1.00 20.82  ? 934  LEU A CB  1 
ATOM   285  C  CG  . LEU A 1 38  ? 3.325   20.882  6.028   1.00 20.74  ? 934  LEU A CG  1 
ATOM   286  C  CD1 . LEU A 1 38  ? 3.227   19.452  5.557   1.00 28.91  ? 934  LEU A CD1 1 
ATOM   287  C  CD2 . LEU A 1 38  ? 2.010   21.600  5.839   1.00 27.87  ? 934  LEU A CD2 1 
ATOM   288  N  N   . SER A 1 39  ? 3.740   22.025  10.441  1.00 26.41  ? 935  SER A N   1 
ATOM   289  C  CA  . SER A 1 39  ? 2.991   22.204  11.678  1.00 20.81  ? 935  SER A CA  1 
ATOM   290  C  C   . SER A 1 39  ? 2.918   23.658  12.114  1.00 24.08  ? 935  SER A C   1 
ATOM   291  O  O   . SER A 1 39  ? 1.979   24.027  12.828  1.00 43.42  ? 935  SER A O   1 
ATOM   292  C  CB  . SER A 1 39  ? 3.623   21.372  12.792  1.00 24.32  ? 935  SER A CB  1 
ATOM   293  O  OG  . SER A 1 39  ? 3.646   19.997  12.452  1.00 43.85  ? 935  SER A OG  1 
ATOM   294  N  N   . ALA A 1 40  ? 3.871   24.492  11.697  1.00 20.90  ? 936  ALA A N   1 
ATOM   295  C  CA  . ALA A 1 40  ? 3.909   25.892  12.102  1.00 20.02  ? 936  ALA A CA  1 
ATOM   296  C  C   . ALA A 1 40  ? 3.393   26.856  11.044  1.00 26.25  ? 936  ALA A C   1 
ATOM   297  O  O   . ALA A 1 40  ? 3.221   28.040  11.350  1.00 31.48  ? 936  ALA A O   1 
ATOM   298  C  CB  . ALA A 1 40  ? 5.336   26.296  12.491  1.00 18.87  ? 936  ALA A CB  1 
HETATM 299  N  N   . MSE A 1 41  ? 3.158   26.397  9.821   1.00 27.19  ? 937  MSE A N   1 
HETATM 300  C  CA  . MSE A 1 41  ? 2.763   27.292  8.742   1.00 21.11  ? 937  MSE A CA  1 
HETATM 301  C  C   . MSE A 1 41  ? 1.472   28.024  9.074   1.00 24.56  ? 937  MSE A C   1 
HETATM 302  O  O   . MSE A 1 41  ? 0.544   27.443  9.635   1.00 22.20  ? 937  MSE A O   1 
HETATM 303  C  CB  . MSE A 1 41  ? 2.612   26.518  7.433   1.00 25.73  ? 937  MSE A CB  1 
HETATM 304  C  CG  . MSE A 1 41  ? 3.936   26.125  6.811   1.00 32.32  ? 937  MSE A CG  1 
HETATM 305  SE SE  . MSE A 1 41  ? 3.753   25.407  5.020   1.00 59.99  ? 937  MSE A SE  1 
HETATM 306  C  CE  . MSE A 1 41  ? 5.082   26.526  4.118   1.00 41.84  ? 937  MSE A CE  1 
ATOM   307  N  N   . ASN A 1 42  ? 1.435   29.309  8.742   1.00 32.20  ? 938  ASN A N   1 
ATOM   308  C  CA  . ASN A 1 42  ? 0.273   30.152  8.973   1.00 38.57  ? 938  ASN A CA  1 
ATOM   309  C  C   . ASN A 1 42  ? -0.671  30.080  7.770   1.00 34.65  ? 938  ASN A C   1 
ATOM   310  O  O   . ASN A 1 42  ? -0.501  29.257  6.867   1.00 28.79  ? 938  ASN A O   1 
ATOM   311  C  CB  . ASN A 1 42  ? 0.726   31.576  9.285   1.00 42.26  ? 938  ASN A CB  1 
ATOM   312  C  CG  . ASN A 1 42  ? 1.618   32.152  8.204   1.00 46.08  ? 938  ASN A CG  1 
ATOM   313  O  OD1 . ASN A 1 42  ? 1.359   31.996  7.011   1.00 41.99  ? 938  ASN A OD1 1 
ATOM   314  N  ND2 . ASN A 1 42  ? 2.686   32.820  8.622   1.00 52.82  ? 938  ASN A ND2 1 
ATOM   315  N  N   . SER A 1 43  ? -1.678  30.959  7.744   1.00 31.89  ? 939  SER A N   1 
ATOM   316  C  CA  . SER A 1 43  ? -2.664  30.918  6.667   1.00 27.27  ? 939  SER A CA  1 
ATOM   317  C  C   . SER A 1 43  ? -2.059  31.360  5.338   1.00 27.72  ? 939  SER A C   1 
ATOM   318  O  O   . SER A 1 43  ? -2.334  30.757  4.294   1.00 27.06  ? 939  SER A O   1 
ATOM   319  C  CB  . SER A 1 43  ? -3.875  31.776  7.033   1.00 23.18  ? 939  SER A CB  1 
ATOM   320  O  OG  . SER A 1 43  ? -3.564  33.150  6.942   1.00 42.28  ? 939  SER A OG  1 
ATOM   321  N  N   . ASP A 1 44  ? -1.251  32.422  5.344   1.00 29.08  ? 940  ASP A N   1 
ATOM   322  C  CA  . ASP A 1 44  ? -0.657  32.877  4.091   1.00 32.11  ? 940  ASP A CA  1 
ATOM   323  C  C   . ASP A 1 44  ? 0.285   31.824  3.527   1.00 28.60  ? 940  ASP A C   1 
ATOM   324  O  O   . ASP A 1 44  ? 0.301   31.574  2.315   1.00 26.09  ? 940  ASP A O   1 
ATOM   325  C  CB  . ASP A 1 44  ? 0.092   34.192  4.307   1.00 41.06  ? 940  ASP A CB  1 
ATOM   326  C  CG  . ASP A 1 44  ? -0.757  35.245  4.987   1.00 70.87  ? 940  ASP A CG  1 
ATOM   327  O  OD1 . ASP A 1 44  ? -1.943  34.969  5.269   1.00 73.84  ? 940  ASP A OD1 1 
ATOM   328  O  OD2 . ASP A 1 44  ? -0.232  36.350  5.243   1.00 76.25  ? 940  ASP A OD2 1 
ATOM   329  N  N   . GLU A 1 45  ? 1.050   31.168  4.402   1.00 36.09  ? 941  GLU A N   1 
ATOM   330  C  CA  . GLU A 1 45  ? 1.996   30.146  3.971   1.00 23.16  ? 941  GLU A CA  1 
ATOM   331  C  C   . GLU A 1 45  ? 1.279   28.945  3.369   1.00 28.40  ? 941  GLU A C   1 
ATOM   332  O  O   . GLU A 1 45  ? 1.732   28.382  2.364   1.00 24.97  ? 941  GLU A O   1 
ATOM   333  C  CB  . GLU A 1 45  ? 2.847   29.710  5.162   1.00 25.90  ? 941  GLU A CB  1 
ATOM   334  C  CG  . GLU A 1 45  ? 3.986   30.644  5.527   1.00 26.90  ? 941  GLU A CG  1 
ATOM   335  C  CD  . GLU A 1 45  ? 4.837   30.100  6.667   1.00 50.12  ? 941  GLU A CD  1 
ATOM   336  O  OE1 . GLU A 1 45  ? 4.369   30.155  7.824   1.00 51.70  ? 941  GLU A OE1 1 
ATOM   337  O  OE2 . GLU A 1 45  ? 5.960   29.604  6.408   1.00 69.21  ? 941  GLU A OE2 1 
ATOM   338  N  N   . LEU A 1 46  ? 0.168   28.528  3.983   1.00 23.78  ? 942  LEU A N   1 
ATOM   339  C  CA  . LEU A 1 46  ? -0.602  27.410  3.451   1.00 17.11  ? 942  LEU A CA  1 
ATOM   340  C  C   . LEU A 1 46  ? -1.288  27.771  2.141   1.00 27.82  ? 942  LEU A C   1 
ATOM   341  O  O   . LEU A 1 46  ? -1.355  26.947  1.223   1.00 28.15  ? 942  LEU A O   1 
ATOM   342  C  CB  . LEU A 1 46  ? -1.638  26.954  4.473   1.00 16.45  ? 942  LEU A CB  1 
ATOM   343  C  CG  . LEU A 1 46  ? -1.070  26.150  5.635   1.00 18.85  ? 942  LEU A CG  1 
ATOM   344  C  CD1 . LEU A 1 46  ? -2.074  26.099  6.773   1.00 21.66  ? 942  LEU A CD1 1 
ATOM   345  C  CD2 . LEU A 1 46  ? -0.700  24.761  5.172   1.00 20.79  ? 942  LEU A CD2 1 
ATOM   346  N  N   . ILE A 1 47  ? -1.827  28.987  2.044   1.00 32.89  ? 943  ILE A N   1 
ATOM   347  C  CA  . ILE A 1 47  ? -2.545  29.379  0.835   1.00 23.55  ? 943  ILE A CA  1 
ATOM   348  C  C   . ILE A 1 47  ? -1.615  29.354  -0.375  1.00 31.25  ? 943  ILE A C   1 
ATOM   349  O  O   . ILE A 1 47  ? -2.019  28.958  -1.476  1.00 30.14  ? 943  ILE A O   1 
ATOM   350  C  CB  . ILE A 1 47  ? -3.209  30.751  1.041   1.00 19.63  ? 943  ILE A CB  1 
ATOM   351  C  CG1 . ILE A 1 47  ? -4.542  30.560  1.769   1.00 25.20  ? 943  ILE A CG1 1 
ATOM   352  C  CG2 . ILE A 1 47  ? -3.418  31.453  -0.286  1.00 29.55  ? 943  ILE A CG2 1 
ATOM   353  C  CD1 . ILE A 1 47  ? -5.199  31.835  2.238   1.00 22.85  ? 943  ILE A CD1 1 
ATOM   354  N  N   . SER A 1 48  ? -0.350  29.738  -0.188  1.00 28.43  ? 944  SER A N   1 
ATOM   355  C  CA  . SER A 1 48  ? 0.642   29.680  -1.255  1.00 23.42  ? 944  SER A CA  1 
ATOM   356  C  C   . SER A 1 48  ? 1.485   28.406  -1.198  1.00 23.02  ? 944  SER A C   1 
ATOM   357  O  O   . SER A 1 48  ? 2.610   28.384  -1.710  1.00 26.79  ? 944  SER A O   1 
ATOM   358  C  CB  . SER A 1 48  ? 1.541   30.919  -1.217  1.00 27.92  ? 944  SER A CB  1 
ATOM   359  O  OG  . SER A 1 48  ? 2.358   30.928  -0.063  1.00 48.64  ? 944  SER A OG  1 
ATOM   360  N  N   . PHE A 1 49  ? 0.956   27.347  -0.604  1.00 26.41  ? 945  PHE A N   1 
ATOM   361  C  CA  . PHE A 1 49  ? 1.666   26.078  -0.556  1.00 26.35  ? 945  PHE A CA  1 
ATOM   362  C  C   . PHE A 1 49  ? 1.747   25.484  -1.960  1.00 25.67  ? 945  PHE A C   1 
ATOM   363  O  O   . PHE A 1 49  ? 0.801   25.609  -2.742  1.00 47.33  ? 945  PHE A O   1 
ATOM   364  C  CB  . PHE A 1 49  ? 0.931   25.127  0.388   1.00 29.87  ? 945  PHE A CB  1 
ATOM   365  C  CG  . PHE A 1 49  ? 1.653   23.844  0.674   1.00 22.63  ? 945  PHE A CG  1 
ATOM   366  C  CD1 . PHE A 1 49  ? 2.589   23.778  1.686   1.00 22.30  ? 945  PHE A CD1 1 
ATOM   367  C  CD2 . PHE A 1 49  ? 1.348   22.692  -0.026  1.00 24.79  ? 945  PHE A CD2 1 
ATOM   368  C  CE1 . PHE A 1 49  ? 3.239   22.598  1.969   1.00 26.32  ? 945  PHE A CE1 1 
ATOM   369  C  CE2 . PHE A 1 49  ? 1.996   21.503  0.255   1.00 24.76  ? 945  PHE A CE2 1 
ATOM   370  C  CZ  . PHE A 1 49  ? 2.943   21.458  1.253   1.00 21.08  ? 945  PHE A CZ  1 
ATOM   371  N  N   . PRO A 1 50  ? 2.848   24.830  -2.307  1.00 20.11  ? 946  PRO A N   1 
ATOM   372  C  CA  . PRO A 1 50  ? 2.988   24.246  -3.655  1.00 20.75  ? 946  PRO A CA  1 
ATOM   373  C  C   . PRO A 1 50  ? 2.351   22.866  -3.778  1.00 27.16  ? 946  PRO A C   1 
ATOM   374  O  O   . PRO A 1 50  ? 3.011   21.825  -3.840  1.00 23.34  ? 946  PRO A O   1 
ATOM   375  C  CB  . PRO A 1 50  ? 4.504   24.178  -3.828  1.00 19.78  ? 946  PRO A CB  1 
ATOM   376  C  CG  . PRO A 1 50  ? 5.004   23.987  -2.439  1.00 21.68  ? 946  PRO A CG  1 
ATOM   377  C  CD  . PRO A 1 50  ? 4.044   24.602  -1.483  1.00 25.00  ? 946  PRO A CD  1 
ATOM   378  N  N   . LEU A 1 51  ? 1.017   22.871  -3.861  1.00 25.84  ? 947  LEU A N   1 
ATOM   379  C  CA  . LEU A 1 51  ? 0.264   21.620  -3.878  1.00 23.76  ? 947  LEU A CA  1 
ATOM   380  C  C   . LEU A 1 51  ? 0.531   20.802  -5.127  1.00 29.23  ? 947  LEU A C   1 
ATOM   381  O  O   . LEU A 1 51  ? 0.531   19.567  -5.063  1.00 31.65  ? 947  LEU A O   1 
ATOM   382  C  CB  . LEU A 1 51  ? -1.232  21.885  -3.775  1.00 13.49  ? 947  LEU A CB  1 
ATOM   383  C  CG  . LEU A 1 51  ? -1.780  21.869  -2.362  1.00 27.15  ? 947  LEU A CG  1 
ATOM   384  C  CD1 . LEU A 1 51  ? -3.288  22.044  -2.398  1.00 38.00  ? 947  LEU A CD1 1 
ATOM   385  C  CD2 . LEU A 1 51  ? -1.385  20.569  -1.687  1.00 37.29  ? 947  LEU A CD2 1 
ATOM   386  N  N   . LYS A 1 52  ? 0.747   21.454  -6.268  1.00 22.57  ? 948  LYS A N   1 
ATOM   387  C  CA  . LYS A 1 52  ? 0.870   20.701  -7.505  1.00 20.51  ? 948  LYS A CA  1 
ATOM   388  C  C   . LYS A 1 52  ? 2.059   19.750  -7.443  1.00 31.81  ? 948  LYS A C   1 
ATOM   389  O  O   . LYS A 1 52  ? 1.943   18.576  -7.810  1.00 36.34  ? 948  LYS A O   1 
ATOM   390  C  CB  . LYS A 1 52  ? 0.993   21.660  -8.689  1.00 29.52  ? 948  LYS A CB  1 
ATOM   391  C  CG  . LYS A 1 52  ? -0.297  21.844  -9.484  1.00 51.18  ? 948  LYS A CG  1 
ATOM   392  C  CD  . LYS A 1 52  ? -0.664  23.317  -9.656  1.00 65.41  ? 948  LYS A CD  1 
ATOM   393  C  CE  . LYS A 1 52  ? -2.018  23.475  -10.344 1.00 72.76  ? 948  LYS A CE  1 
ATOM   394  N  NZ  . LYS A 1 52  ? -2.652  24.796  -10.066 1.00 77.86  ? 948  LYS A NZ  1 
ATOM   395  N  N   . GLU A 1 53  ? 3.196   20.219  -6.926  1.00 29.18  ? 949  GLU A N   1 
ATOM   396  C  CA  . GLU A 1 53  ? 4.318   19.310  -6.737  1.00 24.10  ? 949  GLU A CA  1 
ATOM   397  C  C   . GLU A 1 53  ? 4.034   18.316  -5.622  1.00 30.41  ? 949  GLU A C   1 
ATOM   398  O  O   . GLU A 1 53  ? 4.391   17.137  -5.729  1.00 37.10  ? 949  GLU A O   1 
ATOM   399  C  CB  . GLU A 1 53  ? 5.595   20.087  -6.442  1.00 30.26  ? 949  GLU A CB  1 
ATOM   400  C  CG  . GLU A 1 53  ? 6.806   19.184  -6.371  1.00 43.24  ? 949  GLU A CG  1 
ATOM   401  C  CD  . GLU A 1 53  ? 7.350   18.856  -7.747  1.00 58.84  ? 949  GLU A CD  1 
ATOM   402  O  OE1 . GLU A 1 53  ? 6.840   19.438  -8.732  1.00 54.27  ? 949  GLU A OE1 1 
ATOM   403  O  OE2 . GLU A 1 53  ? 8.272   18.010  -7.843  1.00 57.43  ? 949  GLU A OE2 1 
ATOM   404  N  N   . TYR A 1 54  ? 3.420   18.783  -4.533  1.00 28.78  ? 950  TYR A N   1 
ATOM   405  C  CA  . TYR A 1 54  ? 3.017   17.895  -3.446  1.00 30.04  ? 950  TYR A CA  1 
ATOM   406  C  C   . TYR A 1 54  ? 2.224   16.702  -3.967  1.00 28.93  ? 950  TYR A C   1 
ATOM   407  O  O   . TYR A 1 54  ? 2.561   15.546  -3.693  1.00 31.17  ? 950  TYR A O   1 
ATOM   408  C  CB  . TYR A 1 54  ? 2.191   18.685  -2.431  1.00 26.04  ? 950  TYR A CB  1 
ATOM   409  C  CG  . TYR A 1 54  ? 1.668   17.905  -1.243  1.00 26.07  ? 950  TYR A CG  1 
ATOM   410  C  CD1 . TYR A 1 54  ? 0.431   17.272  -1.295  1.00 32.32  ? 950  TYR A CD1 1 
ATOM   411  C  CD2 . TYR A 1 54  ? 2.367   17.874  -0.042  1.00 28.51  ? 950  TYR A CD2 1 
ATOM   412  C  CE1 . TYR A 1 54  ? -0.070  16.579  -0.205  1.00 23.93  ? 950  TYR A CE1 1 
ATOM   413  C  CE2 . TYR A 1 54  ? 1.871   17.188  1.056   1.00 24.81  ? 950  TYR A CE2 1 
ATOM   414  C  CZ  . TYR A 1 54  ? 0.652   16.545  0.968   1.00 25.39  ? 950  TYR A CZ  1 
ATOM   415  O  OH  . TYR A 1 54  ? 0.153   15.867  2.053   1.00 25.99  ? 950  TYR A OH  1 
ATOM   416  N  N   . PHE A 1 55  ? 1.181   16.970  -4.757  1.00 25.67  ? 951  PHE A N   1 
ATOM   417  C  CA  . PHE A 1 55  ? 0.380   15.885  -5.316  1.00 21.30  ? 951  PHE A CA  1 
ATOM   418  C  C   . PHE A 1 55  ? 1.217   14.996  -6.222  1.00 29.71  ? 951  PHE A C   1 
ATOM   419  O  O   . PHE A 1 55  ? 1.106   13.766  -6.167  1.00 35.42  ? 951  PHE A O   1 
ATOM   420  C  CB  . PHE A 1 55  ? -0.807  16.462  -6.083  1.00 22.09  ? 951  PHE A CB  1 
ATOM   421  C  CG  . PHE A 1 55  ? -1.938  16.913  -5.208  1.00 27.53  ? 951  PHE A CG  1 
ATOM   422  C  CD1 . PHE A 1 55  ? -2.443  16.091  -4.221  1.00 30.46  ? 951  PHE A CD1 1 
ATOM   423  C  CD2 . PHE A 1 55  ? -2.468  18.184  -5.348  1.00 28.31  ? 951  PHE A CD2 1 
ATOM   424  C  CE1 . PHE A 1 55  ? -3.481  16.515  -3.417  1.00 26.56  ? 951  PHE A CE1 1 
ATOM   425  C  CE2 . PHE A 1 55  ? -3.501  18.614  -4.541  1.00 24.98  ? 951  PHE A CE2 1 
ATOM   426  C  CZ  . PHE A 1 55  ? -4.009  17.779  -3.578  1.00 23.84  ? 951  PHE A CZ  1 
ATOM   427  N  N   . LYS A 1 56  ? 2.067   15.601  -7.057  1.00 27.51  ? 952  LYS A N   1 
ATOM   428  C  CA  . LYS A 1 56  ? 2.882   14.810  -7.972  1.00 24.22  ? 952  LYS A CA  1 
ATOM   429  C  C   . LYS A 1 56  ? 3.816   13.886  -7.207  1.00 28.35  ? 952  LYS A C   1 
ATOM   430  O  O   . LYS A 1 56  ? 3.853   12.676  -7.459  1.00 31.83  ? 952  LYS A O   1 
ATOM   431  C  CB  . LYS A 1 56  ? 3.681   15.719  -8.911  1.00 32.75  ? 952  LYS A CB  1 
ATOM   432  C  CG  . LYS A 1 56  ? 4.549   14.930  -9.887  1.00 39.65  ? 952  LYS A CG  1 
ATOM   433  C  CD  . LYS A 1 56  ? 5.854   15.624  -10.281 1.00 50.10  ? 952  LYS A CD  1 
ATOM   434  C  CE  . LYS A 1 56  ? 5.641   17.049  -10.763 1.00 63.32  ? 952  LYS A CE  1 
ATOM   435  N  NZ  . LYS A 1 56  ? 6.847   17.551  -11.488 1.00 62.11  ? 952  LYS A NZ  1 
ATOM   436  N  N   . GLN A 1 57  ? 4.568   14.437  -6.249  1.00 29.28  ? 953  GLN A N   1 
ATOM   437  C  CA  . GLN A 1 57  ? 5.505   13.618  -5.487  1.00 27.94  ? 953  GLN A CA  1 
ATOM   438  C  C   . GLN A 1 57  ? 4.789   12.524  -4.716  1.00 29.27  ? 953  GLN A C   1 
ATOM   439  O  O   . GLN A 1 57  ? 5.372   11.464  -4.463  1.00 28.40  ? 953  GLN A O   1 
ATOM   440  C  CB  . GLN A 1 57  ? 6.318   14.490  -4.538  1.00 17.03  ? 953  GLN A CB  1 
ATOM   441  C  CG  . GLN A 1 57  ? 7.232   15.469  -5.242  1.00 28.80  ? 953  GLN A CG  1 
ATOM   442  C  CD  . GLN A 1 57  ? 8.481   15.775  -4.447  1.00 42.05  ? 953  GLN A CD  1 
ATOM   443  O  OE1 . GLN A 1 57  ? 8.650   15.290  -3.327  1.00 43.71  ? 953  GLN A OE1 1 
ATOM   444  N  NE2 . GLN A 1 57  ? 9.362   16.595  -5.017  1.00 46.28  ? 953  GLN A NE2 1 
ATOM   445  N  N   . TYR A 1 58  ? 3.530   12.753  -4.335  1.00 22.55  ? 954  TYR A N   1 
ATOM   446  C  CA  . TYR A 1 58  ? 2.759   11.693  -3.696  1.00 29.78  ? 954  TYR A CA  1 
ATOM   447  C  C   . TYR A 1 58  ? 2.527   10.532  -4.652  1.00 33.86  ? 954  TYR A C   1 
ATOM   448  O  O   . TYR A 1 58  ? 2.728   9.367   -4.293  1.00 36.93  ? 954  TYR A O   1 
ATOM   449  C  CB  . TYR A 1 58  ? 1.425   12.236  -3.188  1.00 31.36  ? 954  TYR A CB  1 
ATOM   450  C  CG  . TYR A 1 58  ? 0.506   11.156  -2.664  1.00 33.90  ? 954  TYR A CG  1 
ATOM   451  C  CD1 . TYR A 1 58  ? 0.615   10.690  -1.359  1.00 39.72  ? 954  TYR A CD1 1 
ATOM   452  C  CD2 . TYR A 1 58  ? -0.470  10.597  -3.479  1.00 35.49  ? 954  TYR A CD2 1 
ATOM   453  C  CE1 . TYR A 1 58  ? -0.225  9.699   -0.883  1.00 33.59  ? 954  TYR A CE1 1 
ATOM   454  C  CE2 . TYR A 1 58  ? -1.310  9.608   -3.012  1.00 43.12  ? 954  TYR A CE2 1 
ATOM   455  C  CZ  . TYR A 1 58  ? -1.184  9.163   -1.716  1.00 32.28  ? 954  TYR A CZ  1 
ATOM   456  O  OH  . TYR A 1 58  ? -2.024  8.177   -1.260  1.00 31.31  ? 954  TYR A OH  1 
ATOM   457  N  N   . GLU A 1 59  ? 2.106   10.836  -5.882  1.00 36.71  ? 955  GLU A N   1 
ATOM   458  C  CA  . GLU A 1 59  ? 1.845   9.781   -6.855  1.00 29.64  ? 955  GLU A CA  1 
ATOM   459  C  C   . GLU A 1 59  ? 3.107   8.986   -7.153  1.00 33.06  ? 955  GLU A C   1 
ATOM   460  O  O   . GLU A 1 59  ? 3.056   7.757   -7.283  1.00 39.59  ? 955  GLU A O   1 
ATOM   461  C  CB  . GLU A 1 59  ? 1.276   10.381  -8.138  1.00 26.39  ? 955  GLU A CB  1 
ATOM   462  C  CG  . GLU A 1 59  ? -0.193  10.767  -8.055  1.00 26.70  ? 955  GLU A CG  1 
ATOM   463  C  CD  . GLU A 1 59  ? -1.098  9.591   -7.712  1.00 57.34  ? 955  GLU A CD  1 
ATOM   464  O  OE1 . GLU A 1 59  ? -0.825  8.464   -8.184  1.00 67.92  ? 955  GLU A OE1 1 
ATOM   465  O  OE2 . GLU A 1 59  ? -2.091  9.792   -6.977  1.00 51.13  ? 955  GLU A OE2 1 
ATOM   466  N  N   . VAL A 1 60  ? 4.250   9.665   -7.254  1.00 28.90  ? 956  VAL A N   1 
ATOM   467  C  CA  . VAL A 1 60  ? 5.514   8.958   -7.447  1.00 31.18  ? 956  VAL A CA  1 
ATOM   468  C  C   . VAL A 1 60  ? 5.764   8.003   -6.286  1.00 33.54  ? 956  VAL A C   1 
ATOM   469  O  O   . VAL A 1 60  ? 6.102   6.831   -6.482  1.00 39.26  ? 956  VAL A O   1 
ATOM   470  C  CB  . VAL A 1 60  ? 6.675   9.957   -7.612  1.00 33.33  ? 956  VAL A CB  1 
ATOM   471  C  CG1 . VAL A 1 60  ? 7.969   9.227   -7.946  1.00 30.92  ? 956  VAL A CG1 1 
ATOM   472  C  CG2 . VAL A 1 60  ? 6.350   10.984  -8.676  1.00 41.37  ? 956  VAL A CG2 1 
ATOM   473  N  N   . GLY A 1 61  ? 5.600   8.496   -5.058  1.00 34.73  ? 957  GLY A N   1 
ATOM   474  C  CA  . GLY A 1 61  ? 5.813   7.646   -3.899  1.00 37.27  ? 957  GLY A CA  1 
ATOM   475  C  C   . GLY A 1 61  ? 4.845   6.481   -3.848  1.00 30.79  ? 957  GLY A C   1 
ATOM   476  O  O   . GLY A 1 61  ? 5.236   5.351   -3.550  1.00 41.44  ? 957  GLY A O   1 
ATOM   477  N  N   . LEU A 1 62  ? 3.570   6.744   -4.143  1.00 25.96  ? 958  LEU A N   1 
ATOM   478  C  CA  . LEU A 1 62  ? 2.581   5.673   -4.194  1.00 33.23  ? 958  LEU A CA  1 
ATOM   479  C  C   . LEU A 1 62  ? 2.952   4.623   -5.228  1.00 38.63  ? 958  LEU A C   1 
ATOM   480  O  O   . LEU A 1 62  ? 2.884   3.417   -4.959  1.00 38.70  ? 958  LEU A O   1 
ATOM   481  C  CB  . LEU A 1 62  ? 1.200   6.250   -4.504  1.00 38.88  ? 958  LEU A CB  1 
ATOM   482  C  CG  . LEU A 1 62  ? 0.005   5.355   -4.181  1.00 27.01  ? 958  LEU A CG  1 
ATOM   483  C  CD1 . LEU A 1 62  ? 0.221   4.645   -2.862  1.00 36.58  ? 958  LEU A CD1 1 
ATOM   484  C  CD2 . LEU A 1 62  ? -1.265  6.190   -4.144  1.00 27.49  ? 958  LEU A CD2 1 
ATOM   485  N  N   . GLN A 1 63  ? 3.357   5.064   -6.420  1.00 41.13  ? 959  GLN A N   1 
ATOM   486  C  CA  . GLN A 1 63  ? 3.748   4.114   -7.454  1.00 40.91  ? 959  GLN A CA  1 
ATOM   487  C  C   . GLN A 1 63  ? 4.947   3.289   -7.010  1.00 41.81  ? 959  GLN A C   1 
ATOM   488  O  O   . GLN A 1 63  ? 4.955   2.064   -7.166  1.00 50.81  ? 959  GLN A O   1 
ATOM   489  C  CB  . GLN A 1 63  ? 4.034   4.848   -8.762  1.00 31.57  ? 959  GLN A CB  1 
ATOM   490  C  CG  . GLN A 1 63  ? 4.149   3.905   -9.932  1.00 55.64  ? 959  GLN A CG  1 
ATOM   491  C  CD  . GLN A 1 63  ? 2.824   3.237   -10.252 1.00 63.77  ? 959  GLN A CD  1 
ATOM   492  O  OE1 . GLN A 1 63  ? 1.831   3.911   -10.533 1.00 71.67  ? 959  GLN A OE1 1 
ATOM   493  N  NE2 . GLN A 1 63  ? 2.802   1.908   -10.204 1.00 41.14  ? 959  GLN A NE2 1 
ATOM   494  N  N   . ASN A 1 64  ? 5.956   3.941   -6.431  1.00 35.22  ? 960  ASN A N   1 
ATOM   495  C  CA  . ASN A 1 64  ? 7.118   3.215   -5.930  1.00 39.28  ? 960  ASN A CA  1 
ATOM   496  C  C   . ASN A 1 64  ? 6.716   2.182   -4.889  1.00 41.15  ? 960  ASN A C   1 
ATOM   497  O  O   . ASN A 1 64  ? 7.305   1.097   -4.823  1.00 52.94  ? 960  ASN A O   1 
ATOM   498  C  CB  . ASN A 1 64  ? 8.131   4.192   -5.343  1.00 42.07  ? 960  ASN A CB  1 
ATOM   499  C  CG  . ASN A 1 64  ? 8.737   5.087   -6.393  1.00 59.77  ? 960  ASN A CG  1 
ATOM   500  O  OD1 . ASN A 1 64  ? 8.383   5.003   -7.569  1.00 47.60  ? 960  ASN A OD1 1 
ATOM   501  N  ND2 . ASN A 1 64  ? 9.644   5.963   -5.974  1.00 81.11  ? 960  ASN A ND2 1 
ATOM   502  N  N   . LEU A 1 65  ? 5.727   2.506   -4.056  1.00 34.41  ? 961  LEU A N   1 
ATOM   503  C  CA  . LEU A 1 65  ? 5.293   1.565   -3.030  1.00 40.04  ? 961  LEU A CA  1 
ATOM   504  C  C   . LEU A 1 65  ? 4.679   0.316   -3.643  1.00 49.14  ? 961  LEU A C   1 
ATOM   505  O  O   . LEU A 1 65  ? 5.060   -0.807  -3.293  1.00 55.10  ? 961  LEU A O   1 
ATOM   506  C  CB  . LEU A 1 65  ? 4.298   2.231   -2.084  1.00 35.26  ? 961  LEU A CB  1 
ATOM   507  C  CG  . LEU A 1 65  ? 4.003   1.374   -0.855  1.00 33.78  ? 961  LEU A CG  1 
ATOM   508  C  CD1 . LEU A 1 65  ? 5.262   1.182   -0.035  1.00 34.58  ? 961  LEU A CD1 1 
ATOM   509  C  CD2 . LEU A 1 65  ? 2.911   2.006   -0.018  1.00 33.62  ? 961  LEU A CD2 1 
ATOM   510  N  N   . CYS A 1 66  ? 3.721   0.492   -4.552  1.00 46.73  ? 962  CYS A N   1 
ATOM   511  C  CA  . CYS A 1 66  ? 3.078   -0.655  -5.183  1.00 47.11  ? 962  CYS A CA  1 
ATOM   512  C  C   . CYS A 1 66  ? 4.076   -1.481  -5.984  1.00 50.33  ? 962  CYS A C   1 
ATOM   513  O  O   . CYS A 1 66  ? 4.031   -2.718  -5.959  1.00 54.35  ? 962  CYS A O   1 
ATOM   514  C  CB  . CYS A 1 66  ? 1.929   -0.183  -6.067  1.00 41.82  ? 962  CYS A CB  1 
ATOM   515  S  SG  . CYS A 1 66  ? 0.717   0.806   -5.172  1.00 53.61  ? 962  CYS A SG  1 
ATOM   516  N  N   . ASN A 1 67  ? 4.980   -0.815  -6.706  1.00 44.06  ? 963  ASN A N   1 
ATOM   517  C  CA  . ASN A 1 67  ? 6.001   -1.533  -7.460  1.00 36.31  ? 963  ASN A CA  1 
ATOM   518  C  C   . ASN A 1 67  ? 6.869   -2.387  -6.549  1.00 55.03  ? 963  ASN A C   1 
ATOM   519  O  O   . ASN A 1 67  ? 7.312   -3.470  -6.948  1.00 73.83  ? 963  ASN A O   1 
ATOM   520  C  CB  . ASN A 1 67  ? 6.855   -0.537  -8.241  1.00 38.34  ? 963  ASN A CB  1 
ATOM   521  C  CG  . ASN A 1 67  ? 6.056   0.216   -9.282  1.00 48.83  ? 963  ASN A CG  1 
ATOM   522  O  OD1 . ASN A 1 67  ? 4.904   -0.120  -9.561  1.00 53.35  ? 963  ASN A OD1 1 
ATOM   523  N  ND2 . ASN A 1 67  ? 6.655   1.255   -9.848  1.00 56.21  ? 963  ASN A ND2 1 
ATOM   524  N  N   . SER A 1 68  ? 7.119   -1.923  -5.322  1.00 51.70  ? 964  SER A N   1 
ATOM   525  C  CA  . SER A 1 68  ? 7.899   -2.713  -4.374  1.00 53.34  ? 964  SER A CA  1 
ATOM   526  C  C   . SER A 1 68  ? 7.114   -3.924  -3.884  1.00 53.48  ? 964  SER A C   1 
ATOM   527  O  O   . SER A 1 68  ? 7.674   -5.015  -3.734  1.00 66.25  ? 964  SER A O   1 
ATOM   528  C  CB  . SER A 1 68  ? 8.323   -1.836  -3.199  1.00 64.33  ? 964  SER A CB  1 
ATOM   529  O  OG  . SER A 1 68  ? 8.624   -0.522  -3.629  1.00 71.41  ? 964  SER A OG  1 
ATOM   530  N  N   . TYR A 1 69  ? 5.820   -3.745  -3.617  1.00 57.47  ? 965  TYR A N   1 
ATOM   531  C  CA  . TYR A 1 69  ? 4.980   -4.864  -3.199  1.00 59.36  ? 965  TYR A CA  1 
ATOM   532  C  C   . TYR A 1 69  ? 4.922   -5.940  -4.275  1.00 54.09  ? 965  TYR A C   1 
ATOM   533  O  O   . TYR A 1 69  ? 4.876   -7.137  -3.966  1.00 57.82  ? 965  TYR A O   1 
ATOM   534  C  CB  . TYR A 1 69  ? 3.580   -4.370  -2.841  1.00 63.01  ? 965  TYR A CB  1 
ATOM   535  C  CG  . TYR A 1 69  ? 3.453   -3.916  -1.405  1.00 59.41  ? 965  TYR A CG  1 
ATOM   536  C  CD1 . TYR A 1 69  ? 3.152   -4.820  -0.398  1.00 62.06  ? 965  TYR A CD1 1 
ATOM   537  C  CD2 . TYR A 1 69  ? 3.638   -2.585  -1.055  1.00 63.04  ? 965  TYR A CD2 1 
ATOM   538  C  CE1 . TYR A 1 69  ? 3.036   -4.412  0.915   1.00 63.84  ? 965  TYR A CE1 1 
ATOM   539  C  CE2 . TYR A 1 69  ? 3.523   -2.167  0.256   1.00 65.75  ? 965  TYR A CE2 1 
ATOM   540  C  CZ  . TYR A 1 69  ? 3.223   -3.087  1.238   1.00 67.28  ? 965  TYR A CZ  1 
ATOM   541  O  OH  . TYR A 1 69  ? 3.109   -2.681  2.547   1.00 77.96  ? 965  TYR A OH  1 
ATOM   542  N  N   . GLN A 1 70  ? 4.935   -5.534  -5.544  1.00 54.28  ? 966  GLN A N   1 
ATOM   543  C  CA  . GLN A 1 70  ? 4.875   -6.485  -6.646  1.00 56.79  ? 966  GLN A CA  1 
ATOM   544  C  C   . GLN A 1 70  ? 6.212   -7.146  -6.917  1.00 53.88  ? 966  GLN A C   1 
ATOM   545  O  O   . GLN A 1 70  ? 6.240   -8.272  -7.423  1.00 65.43  ? 966  GLN A O   1 
ATOM   546  C  CB  . GLN A 1 70  ? 4.439   -5.782  -7.927  1.00 43.85  ? 966  GLN A CB  1 
ATOM   547  C  CG  . GLN A 1 70  ? 3.291   -6.417  -8.654  1.00 49.93  ? 966  GLN A CG  1 
ATOM   548  C  CD  . GLN A 1 70  ? 3.063   -5.767  -10.001 1.00 63.92  ? 966  GLN A CD  1 
ATOM   549  O  OE1 . GLN A 1 70  ? 3.821   -4.883  -10.409 1.00 53.98  ? 966  GLN A OE1 1 
ATOM   550  N  NE2 . GLN A 1 70  ? 2.019   -6.198  -10.703 1.00 74.63  ? 966  GLN A NE2 1 
ATOM   551  N  N   . SER A 1 71  ? 7.312   -6.500  -6.546  1.00 44.86  ? 967  SER A N   1 
ATOM   552  C  CA  . SER A 1 71  ? 8.616   -7.095  -6.783  1.00 45.32  ? 967  SER A CA  1 
ATOM   553  C  C   . SER A 1 71  ? 8.964   -8.056  -5.663  1.00 50.28  ? 967  SER A C   1 
ATOM   554  O  O   . SER A 1 71  ? 9.547   -9.115  -5.909  1.00 66.73  ? 967  SER A O   1 
ATOM   555  C  CB  . SER A 1 71  ? 9.669   -6.005  -6.929  1.00 43.69  ? 967  SER A CB  1 
ATOM   556  O  OG  . SER A 1 71  ? 9.127   -4.894  -7.616  1.00 59.78  ? 967  SER A OG  1 
ATOM   557  N  N   . ARG A 1 72  ? 8.616   -7.698  -4.428  1.00 54.05  ? 968  ARG A N   1 
ATOM   558  C  CA  . ARG A 1 72  ? 8.772   -8.646  -3.337  1.00 61.01  ? 968  ARG A CA  1 
ATOM   559  C  C   . ARG A 1 72  ? 7.904   -9.871  -3.592  1.00 67.25  ? 968  ARG A C   1 
ATOM   560  O  O   . ARG A 1 72  ? 8.288   -11.001 -3.269  1.00 79.03  ? 968  ARG A O   1 
ATOM   561  C  CB  . ARG A 1 72  ? 8.395   -7.994  -2.008  1.00 65.39  ? 968  ARG A CB  1 
ATOM   562  C  CG  . ARG A 1 72  ? 8.680   -8.874  -0.807  1.00 79.72  ? 968  ARG A CG  1 
ATOM   563  C  CD  . ARG A 1 72  ? 7.810   -8.500  0.367   1.00 85.40  ? 968  ARG A CD  1 
ATOM   564  N  NE  . ARG A 1 72  ? 6.421   -8.816  0.053   1.00 104.86 ? 968  ARG A NE  1 
ATOM   565  C  CZ  . ARG A 1 72  ? 5.824   -9.957  0.374   1.00 104.11 ? 968  ARG A CZ  1 
ATOM   566  N  NH1 . ARG A 1 72  ? 6.465   -10.915 1.023   1.00 98.18  ? 968  ARG A NH1 1 
ATOM   567  N  NH2 . ARG A 1 72  ? 4.559   -10.152 0.011   1.00 95.46  ? 968  ARG A NH2 1 
ATOM   568  N  N   . ALA A 1 73  ? 6.721   -9.658  -4.171  1.00 60.34  ? 969  ALA A N   1 
ATOM   569  C  CA  . ALA A 1 73  ? 5.854   -10.778 -4.507  1.00 58.63  ? 969  ALA A CA  1 
ATOM   570  C  C   . ALA A 1 73  ? 6.447   -11.618 -5.626  1.00 56.32  ? 969  ALA A C   1 
ATOM   571  O  O   . ALA A 1 73  ? 6.369   -12.850 -5.592  1.00 65.99  ? 969  ALA A O   1 
ATOM   572  C  CB  . ALA A 1 73  ? 4.474   -10.273 -4.907  1.00 66.84  ? 969  ALA A CB  1 
ATOM   573  N  N   . ASP A 1 74  ? 7.031   -10.975 -6.638  1.00 61.35  ? 970  ASP A N   1 
ATOM   574  C  CA  . ASP A 1 74  ? 7.629   -11.746 -7.722  1.00 57.04  ? 970  ASP A CA  1 
ATOM   575  C  C   . ASP A 1 74  ? 8.843   -12.536 -7.245  1.00 57.56  ? 970  ASP A C   1 
ATOM   576  O  O   . ASP A 1 74  ? 9.013   -13.699 -7.625  1.00 68.60  ? 970  ASP A O   1 
ATOM   577  C  CB  . ASP A 1 74  ? 8.000   -10.829 -8.887  1.00 49.13  ? 970  ASP A CB  1 
ATOM   578  C  CG  . ASP A 1 74  ? 6.782   -10.305 -9.628  1.00 61.20  ? 970  ASP A CG  1 
ATOM   579  O  OD1 . ASP A 1 74  ? 5.662   -10.778 -9.343  1.00 73.34  ? 970  ASP A OD1 1 
ATOM   580  O  OD2 . ASP A 1 74  ? 6.940   -9.417  -10.493 1.00 52.09  ? 970  ASP A OD2 1 
ATOM   581  N  N   . SER A 1 75  ? 9.689   -11.934 -6.404  1.00 61.87  ? 971  SER A N   1 
ATOM   582  C  CA  . SER A 1 75  ? 10.862  -12.651 -5.903  1.00 66.61  ? 971  SER A CA  1 
ATOM   583  C  C   . SER A 1 75  ? 10.464  -13.848 -5.048  1.00 62.24  ? 971  SER A C   1 
ATOM   584  O  O   . SER A 1 75  ? 11.113  -14.898 -5.099  1.00 70.14  ? 971  SER A O   1 
ATOM   585  C  CB  . SER A 1 75  ? 11.774  -11.708 -5.117  1.00 63.90  ? 971  SER A CB  1 
ATOM   586  O  OG  . SER A 1 75  ? 11.028  -10.781 -4.353  1.00 77.58  ? 971  SER A OG  1 
ATOM   587  N  N   . ARG A 1 76  ? 9.417   -13.702 -4.232  1.00 58.22  ? 972  ARG A N   1 
ATOM   588  C  CA  . ARG A 1 76  ? 8.968   -14.834 -3.429  1.00 60.89  ? 972  ARG A CA  1 
ATOM   589  C  C   . ARG A 1 76  ? 8.425   -15.951 -4.314  1.00 68.00  ? 972  ARG A C   1 
ATOM   590  O  O   . ARG A 1 76  ? 8.619   -17.135 -4.015  1.00 70.14  ? 972  ARG A O   1 
ATOM   591  C  CB  . ARG A 1 76  ? 7.941   -14.374 -2.388  1.00 77.32  ? 972  ARG A CB  1 
ATOM   592  C  CG  . ARG A 1 76  ? 6.495   -14.318 -2.861  1.00 97.36  ? 972  ARG A CG  1 
ATOM   593  C  CD  . ARG A 1 76  ? 5.517   -14.500 -1.708  1.00 104.88 ? 972  ARG A CD  1 
ATOM   594  N  NE  . ARG A 1 76  ? 5.890   -15.612 -0.841  1.00 116.65 ? 972  ARG A NE  1 
ATOM   595  C  CZ  . ARG A 1 76  ? 5.980   -15.537 0.480   1.00 120.07 ? 972  ARG A CZ  1 
ATOM   596  N  NH1 . ARG A 1 76  ? 5.731   -14.410 1.128   1.00 123.05 ? 972  ARG A NH1 1 
ATOM   597  N  NH2 . ARG A 1 76  ? 6.329   -16.621 1.168   1.00 113.92 ? 972  ARG A NH2 1 
ATOM   598  N  N   . ALA A 1 77  ? 7.747   -15.599 -5.410  1.00 66.04  ? 973  ALA A N   1 
ATOM   599  C  CA  . ALA A 1 77  ? 7.262   -16.621 -6.331  1.00 61.27  ? 973  ALA A CA  1 
ATOM   600  C  C   . ALA A 1 77  ? 8.416   -17.309 -7.051  1.00 68.43  ? 973  ALA A C   1 
ATOM   601  O  O   . ALA A 1 77  ? 8.405   -18.535 -7.218  1.00 72.28  ? 973  ALA A O   1 
ATOM   602  C  CB  . ALA A 1 77  ? 6.293   -16.007 -7.338  1.00 63.68  ? 973  ALA A CB  1 
ATOM   603  N  N   . LYS A 1 78  ? 9.424   -16.541 -7.481  1.00 64.50  ? 974  LYS A N   1 
ATOM   604  C  CA  . LYS A 1 78  ? 10.561  -17.139 -8.174  1.00 58.68  ? 974  LYS A CA  1 
ATOM   605  C  C   . LYS A 1 78  ? 11.310  -18.115 -7.278  1.00 65.21  ? 974  LYS A C   1 
ATOM   606  O  O   . LYS A 1 78  ? 11.689  -19.205 -7.721  1.00 85.23  ? 974  LYS A O   1 
ATOM   607  C  CB  . LYS A 1 78  ? 11.527  -16.062 -8.667  1.00 48.19  ? 974  LYS A CB  1 
ATOM   608  C  CG  . LYS A 1 78  ? 10.995  -15.127 -9.734  1.00 74.09  ? 974  LYS A CG  1 
ATOM   609  C  CD  . LYS A 1 78  ? 12.097  -14.170 -10.186 1.00 75.45  ? 974  LYS A CD  1 
ATOM   610  C  CE  . LYS A 1 78  ? 11.578  -12.756 -10.393 1.00 77.72  ? 974  LYS A CE  1 
ATOM   611  N  NZ  . LYS A 1 78  ? 12.286  -11.781 -9.514  1.00 73.86  ? 974  LYS A NZ  1 
ATOM   612  N  N   . ALA A 1 79  ? 11.533  -17.745 -6.016  1.00 53.43  ? 975  ALA A N   1 
ATOM   613  C  CA  . ALA A 1 79  ? 12.225  -18.644 -5.099  1.00 42.19  ? 975  ALA A CA  1 
ATOM   614  C  C   . ALA A 1 79  ? 11.428  -19.918 -4.871  1.00 49.37  ? 975  ALA A C   1 
ATOM   615  O  O   . ALA A 1 79  ? 12.005  -21.003 -4.735  1.00 57.28  ? 975  ALA A O   1 
ATOM   616  C  CB  . ALA A 1 79  ? 12.502  -17.937 -3.775  1.00 47.40  ? 975  ALA A CB  1 
ATOM   617  N  N   . SER A 1 80  ? 10.100  -19.809 -4.815  1.00 60.12  ? 976  SER A N   1 
ATOM   618  C  CA  . SER A 1 80  ? 9.279   -21.002 -4.639  1.00 61.71  ? 976  SER A CA  1 
ATOM   619  C  C   . SER A 1 80  ? 9.328   -21.885 -5.878  1.00 58.07  ? 976  SER A C   1 
ATOM   620  O  O   . SER A 1 80  ? 9.340   -23.116 -5.768  1.00 54.39  ? 976  SER A O   1 
ATOM   621  C  CB  . SER A 1 80  ? 7.842   -20.609 -4.310  1.00 74.30  ? 976  SER A CB  1 
ATOM   622  O  OG  . SER A 1 80  ? 7.111   -20.347 -5.494  1.00 92.88  ? 976  SER A OG  1 
ATOM   623  N  N   . GLU A 1 81  ? 9.355   -21.277 -7.067  1.00 50.57  ? 977  GLU A N   1 
ATOM   624  C  CA  . GLU A 1 81  ? 9.422   -22.066 -8.293  1.00 54.00  ? 977  GLU A CA  1 
ATOM   625  C  C   . GLU A 1 81  ? 10.730  -22.841 -8.369  1.00 53.65  ? 977  GLU A C   1 
ATOM   626  O  O   . GLU A 1 81  ? 10.737  -24.037 -8.675  1.00 60.60  ? 977  GLU A O   1 
ATOM   627  C  CB  . GLU A 1 81  ? 9.273   -21.159 -9.516  1.00 52.42  ? 977  GLU A CB  1 
ATOM   628  C  CG  . GLU A 1 81  ? 7.845   -20.998 -9.999  1.00 85.25  ? 977  GLU A CG  1 
ATOM   629  C  CD  . GLU A 1 81  ? 7.507   -19.552 -10.332 1.00 110.67 ? 977  GLU A CD  1 
ATOM   630  O  OE1 . GLU A 1 81  ? 8.312   -18.904 -11.037 1.00 104.31 ? 977  GLU A OE1 1 
ATOM   631  O  OE2 . GLU A 1 81  ? 6.443   -19.064 -9.888  1.00 97.63  ? 977  GLU A OE2 1 
ATOM   632  N  N   . GLU A 1 82  ? 11.848  -22.178 -8.064  1.00 55.63  ? 978  GLU A N   1 
ATOM   633  C  CA  . GLU A 1 82  ? 13.144  -22.845 -8.130  1.00 55.33  ? 978  GLU A CA  1 
ATOM   634  C  C   . GLU A 1 82  ? 13.245  -23.963 -7.100  1.00 54.50  ? 978  GLU A C   1 
ATOM   635  O  O   . GLU A 1 82  ? 13.836  -25.015 -7.374  1.00 70.32  ? 978  GLU A O   1 
ATOM   636  C  CB  . GLU A 1 82  ? 14.273  -21.827 -7.963  1.00 46.53  ? 978  GLU A CB  1 
ATOM   637  C  CG  . GLU A 1 82  ? 14.179  -20.667 -8.954  1.00 81.95  ? 978  GLU A CG  1 
ATOM   638  C  CD  . GLU A 1 82  ? 15.305  -19.652 -8.810  1.00 108.45 ? 978  GLU A CD  1 
ATOM   639  O  OE1 . GLU A 1 82  ? 16.310  -19.964 -8.140  1.00 101.80 ? 978  GLU A OE1 1 
ATOM   640  O  OE2 . GLU A 1 82  ? 15.181  -18.537 -9.367  1.00 101.04 ? 978  GLU A OE2 1 
ATOM   641  N  N   . SER A 1 83  ? 12.680  -23.760 -5.910  1.00 51.55  ? 979  SER A N   1 
ATOM   642  C  CA  . SER A 1 83  ? 12.605  -24.854 -4.948  1.00 55.47  ? 979  SER A CA  1 
ATOM   643  C  C   . SER A 1 83  ? 11.754  -25.995 -5.488  1.00 59.69  ? 979  SER A C   1 
ATOM   644  O  O   . SER A 1 83  ? 12.038  -27.170 -5.229  1.00 61.07  ? 979  SER A O   1 
ATOM   645  C  CB  . SER A 1 83  ? 12.050  -24.354 -3.616  1.00 55.94  ? 979  SER A CB  1 
ATOM   646  O  OG  . SER A 1 83  ? 12.664  -23.139 -3.231  1.00 78.51  ? 979  SER A OG  1 
ATOM   647  N  N   . LEU A 1 84  ? 10.694  -25.667 -6.234  1.00 64.07  ? 980  LEU A N   1 
ATOM   648  C  CA  . LEU A 1 84  ? 9.918   -26.710 -6.897  1.00 55.57  ? 980  LEU A CA  1 
ATOM   649  C  C   . LEU A 1 84  ? 10.726  -27.373 -8.004  1.00 60.02  ? 980  LEU A C   1 
ATOM   650  O  O   . LEU A 1 84  ? 10.646  -28.592 -8.196  1.00 74.69  ? 980  LEU A O   1 
ATOM   651  C  CB  . LEU A 1 84  ? 8.622   -26.127 -7.462  1.00 43.37  ? 980  LEU A CB  1 
ATOM   652  C  CG  . LEU A 1 84  ? 7.672   -27.101 -8.159  1.00 30.55  ? 980  LEU A CG  1 
ATOM   653  C  CD1 . LEU A 1 84  ? 7.339   -28.266 -7.246  1.00 43.70  ? 980  LEU A CD1 1 
ATOM   654  C  CD2 . LEU A 1 84  ? 6.406   -26.390 -8.607  1.00 35.82  ? 980  LEU A CD2 1 
ATOM   655  N  N   . ARG A 1 85  ? 11.528  -26.588 -8.728  1.00 51.22  ? 981  ARG A N   1 
ATOM   656  C  CA  . ARG A 1 85  ? 12.321  -27.138 -9.822  1.00 47.59  ? 981  ARG A CA  1 
ATOM   657  C  C   . ARG A 1 85  ? 13.311  -28.180 -9.318  1.00 55.04  ? 981  ARG A C   1 
ATOM   658  O  O   . ARG A 1 85  ? 13.371  -29.296 -9.847  1.00 66.97  ? 981  ARG A O   1 
ATOM   659  C  CB  . ARG A 1 85  ? 13.041  -26.015 -10.567 1.00 48.76  ? 981  ARG A CB  1 
ATOM   660  C  CG  . ARG A 1 85  ? 12.098  -25.048 -11.264 1.00 55.90  ? 981  ARG A CG  1 
ATOM   661  C  CD  . ARG A 1 85  ? 12.374  -24.929 -12.750 1.00 74.69  ? 981  ARG A CD  1 
ATOM   662  N  NE  . ARG A 1 85  ? 11.351  -24.129 -13.413 1.00 93.33  ? 981  ARG A NE  1 
ATOM   663  C  CZ  . ARG A 1 85  ? 11.359  -22.803 -13.476 1.00 93.45  ? 981  ARG A CZ  1 
ATOM   664  N  NH1 . ARG A 1 85  ? 12.334  -22.091 -12.932 1.00 95.89  ? 981  ARG A NH1 1 
ATOM   665  N  NH2 . ARG A 1 85  ? 10.359  -22.176 -14.090 1.00 75.03  ? 981  ARG A NH2 1 
ATOM   666  N  N   . THR A 1 86  ? 14.086  -27.843 -8.282  1.00 46.32  ? 982  THR A N   1 
ATOM   667  C  CA  . THR A 1 86  ? 15.084  -28.792 -7.792  1.00 56.28  ? 982  THR A CA  1 
ATOM   668  C  C   . THR A 1 86  ? 14.423  -30.027 -7.193  1.00 54.31  ? 982  THR A C   1 
ATOM   669  O  O   . THR A 1 86  ? 14.937  -31.141 -7.344  1.00 77.45  ? 982  THR A O   1 
ATOM   670  C  CB  . THR A 1 86  ? 16.019  -28.139 -6.774  1.00 48.50  ? 982  THR A CB  1 
ATOM   671  O  OG1 . THR A 1 86  ? 15.346  -27.998 -5.519  1.00 76.02  ? 982  THR A OG1 1 
ATOM   672  C  CG2 . THR A 1 86  ? 16.498  -26.781 -7.274  1.00 41.33  ? 982  THR A CG2 1 
ATOM   673  N  N   . SER A 1 87  ? 13.294  -29.863 -6.501  1.00 42.27  ? 983  SER A N   1 
ATOM   674  C  CA  . SER A 1 87  ? 12.627  -31.042 -5.955  1.00 59.83  ? 983  SER A CA  1 
ATOM   675  C  C   . SER A 1 87  ? 12.102  -31.932 -7.076  1.00 60.08  ? 983  SER A C   1 
ATOM   676  O  O   . SER A 1 87  ? 12.224  -33.159 -7.007  1.00 58.57  ? 983  SER A O   1 
ATOM   677  C  CB  . SER A 1 87  ? 11.501  -30.639 -5.003  1.00 60.03  ? 983  SER A CB  1 
ATOM   678  O  OG  . SER A 1 87  ? 10.323  -30.301 -5.710  1.00 72.85  ? 983  SER A OG  1 
ATOM   679  N  N   . GLU A 1 88  ? 11.539  -31.331 -8.131  1.00 56.91  ? 984  GLU A N   1 
ATOM   680  C  CA  . GLU A 1 88  ? 11.133  -32.125 -9.287  1.00 58.45  ? 984  GLU A CA  1 
ATOM   681  C  C   . GLU A 1 88  ? 12.337  -32.757 -9.972  1.00 55.11  ? 984  GLU A C   1 
ATOM   682  O  O   . GLU A 1 88  ? 12.219  -33.837 -10.558 1.00 57.95  ? 984  GLU A O   1 
ATOM   683  C  CB  . GLU A 1 88  ? 10.357  -31.267 -10.289 1.00 62.36  ? 984  GLU A CB  1 
ATOM   684  C  CG  . GLU A 1 88  ? 8.957   -30.866 -9.850  1.00 64.61  ? 984  GLU A CG  1 
ATOM   685  C  CD  . GLU A 1 88  ? 8.233   -30.038 -10.905 1.00 79.77  ? 984  GLU A CD  1 
ATOM   686  O  OE1 . GLU A 1 88  ? 8.911   -29.315 -11.668 1.00 85.92  ? 984  GLU A OE1 1 
ATOM   687  O  OE2 . GLU A 1 88  ? 6.985   -30.107 -10.970 1.00 72.34  ? 984  GLU A OE2 1 
ATOM   688  N  N   . ARG A 1 89  ? 13.497  -32.102 -9.907  1.00 52.50  ? 985  ARG A N   1 
ATOM   689  C  CA  . ARG A 1 89  ? 14.715  -32.686 -10.456 1.00 48.34  ? 985  ARG A CA  1 
ATOM   690  C  C   . ARG A 1 89  ? 15.176  -33.882 -9.626  1.00 56.48  ? 985  ARG A C   1 
ATOM   691  O  O   . ARG A 1 89  ? 15.464  -34.953 -10.172 1.00 58.02  ? 985  ARG A O   1 
ATOM   692  C  CB  . ARG A 1 89  ? 15.813  -31.626 -10.544 1.00 43.31  ? 985  ARG A CB  1 
ATOM   693  C  CG  . ARG A 1 89  ? 17.209  -32.195 -10.705 1.00 46.90  ? 985  ARG A CG  1 
ATOM   694  C  CD  . ARG A 1 89  ? 18.255  -31.094 -10.685 1.00 42.82  ? 985  ARG A CD  1 
ATOM   695  N  NE  . ARG A 1 89  ? 18.708  -30.829 -9.324  1.00 61.04  ? 985  ARG A NE  1 
ATOM   696  C  CZ  . ARG A 1 89  ? 19.562  -31.587 -8.647  1.00 78.35  ? 985  ARG A CZ  1 
ATOM   697  N  NH1 . ARG A 1 89  ? 20.079  -32.686 -9.173  1.00 89.07  ? 985  ARG A NH1 1 
ATOM   698  N  NH2 . ARG A 1 89  ? 19.895  -31.240 -7.406  1.00 75.74  ? 985  ARG A NH2 1 
ATOM   699  N  N   . LYS A 1 90  ? 15.278  -33.712 -8.303  1.00 53.79  ? 986  LYS A N   1 
ATOM   700  C  CA  . LYS A 1 90  ? 15.699  -34.818 -7.448  1.00 46.62  ? 986  LYS A CA  1 
ATOM   701  C  C   . LYS A 1 90  ? 14.733  -35.992 -7.517  1.00 45.52  ? 986  LYS A C   1 
ATOM   702  O  O   . LYS A 1 90  ? 15.153  -37.143 -7.359  1.00 50.63  ? 986  LYS A O   1 
ATOM   703  C  CB  . LYS A 1 90  ? 15.848  -34.342 -6.004  1.00 53.38  ? 986  LYS A CB  1 
ATOM   704  C  CG  . LYS A 1 90  ? 16.760  -33.138 -5.843  1.00 73.00  ? 986  LYS A CG  1 
ATOM   705  C  CD  . LYS A 1 90  ? 17.423  -33.104 -4.477  1.00 65.37  ? 986  LYS A CD  1 
ATOM   706  C  CE  . LYS A 1 90  ? 18.239  -31.830 -4.297  1.00 97.62  ? 986  LYS A CE  1 
ATOM   707  N  NZ  . LYS A 1 90  ? 17.439  -30.724 -3.691  1.00 83.95  ? 986  LYS A NZ  1 
ATOM   708  N  N   . LEU A 1 91  ? 13.441  -35.730 -7.735  1.00 51.01  ? 987  LEU A N   1 
ATOM   709  C  CA  . LEU A 1 91  ? 12.497  -36.827 -7.936  1.00 46.34  ? 987  LEU A CA  1 
ATOM   710  C  C   . LEU A 1 91  ? 12.800  -37.577 -9.226  1.00 58.05  ? 987  LEU A C   1 
ATOM   711  O  O   . LEU A 1 91  ? 12.765  -38.812 -9.255  1.00 64.92  ? 987  LEU A O   1 
ATOM   712  C  CB  . LEU A 1 91  ? 11.061  -36.300 -7.934  1.00 38.20  ? 987  LEU A CB  1 
ATOM   713  C  CG  . LEU A 1 91  ? 9.904   -37.239 -7.561  1.00 34.13  ? 987  LEU A CG  1 
ATOM   714  C  CD1 . LEU A 1 91  ? 8.638   -36.429 -7.356  1.00 59.10  ? 987  LEU A CD1 1 
ATOM   715  C  CD2 . LEU A 1 91  ? 9.652   -38.315 -8.603  1.00 56.96  ? 987  LEU A CD2 1 
ATOM   716  N  N   . ARG A 1 92  ? 13.107  -36.850 -10.301 1.00 49.01  ? 988  ARG A N   1 
ATOM   717  C  CA  . ARG A 1 92  ? 13.490  -37.502 -11.548 1.00 40.80  ? 988  ARG A CA  1 
ATOM   718  C  C   . ARG A 1 92  ? 14.714  -38.390 -11.345 1.00 44.63  ? 988  ARG A C   1 
ATOM   719  O  O   . ARG A 1 92  ? 14.695  -39.578 -11.683 1.00 53.66  ? 988  ARG A O   1 
ATOM   720  C  CB  . ARG A 1 92  ? 13.740  -36.446 -12.625 1.00 42.72  ? 988  ARG A CB  1 
ATOM   721  C  CG  . ARG A 1 92  ? 12.464  -35.792 -13.146 1.00 44.86  ? 988  ARG A CG  1 
ATOM   722  C  CD  . ARG A 1 92  ? 12.718  -34.873 -14.333 1.00 36.18  ? 988  ARG A CD  1 
ATOM   723  N  NE  . ARG A 1 92  ? 12.702  -33.471 -13.931 1.00 49.77  ? 988  ARG A NE  1 
ATOM   724  C  CZ  . ARG A 1 92  ? 13.709  -32.626 -14.114 1.00 59.88  ? 988  ARG A CZ  1 
ATOM   725  N  NH1 . ARG A 1 92  ? 14.819  -32.998 -14.730 1.00 44.63  ? 988  ARG A NH1 1 
ATOM   726  N  NH2 . ARG A 1 92  ? 13.599  -31.379 -13.663 1.00 63.52  ? 988  ARG A NH2 1 
ATOM   727  N  N   . GLU A 1 93  ? 15.781  -37.838 -10.763 1.00 43.86  ? 989  GLU A N   1 
ATOM   728  C  CA  . GLU A 1 93  ? 17.013  -38.606 -10.606 1.00 48.08  ? 989  GLU A CA  1 
ATOM   729  C  C   . GLU A 1 93  ? 16.808  -39.841 -9.732  1.00 43.32  ? 989  GLU A C   1 
ATOM   730  O  O   . GLU A 1 93  ? 17.303  -40.925 -10.059 1.00 52.31  ? 989  GLU A O   1 
ATOM   731  C  CB  . GLU A 1 93  ? 18.120  -37.721 -10.036 1.00 54.86  ? 989  GLU A CB  1 
ATOM   732  C  CG  . GLU A 1 93  ? 18.358  -36.435 -10.816 1.00 59.68  ? 989  GLU A CG  1 
ATOM   733  C  CD  . GLU A 1 93  ? 19.562  -35.663 -10.311 1.00 68.58  ? 989  GLU A CD  1 
ATOM   734  O  OE1 . GLU A 1 93  ? 19.730  -35.559 -9.076  1.00 61.97  ? 989  GLU A OE1 1 
ATOM   735  O  OE2 . GLU A 1 93  ? 20.345  -35.168 -11.150 1.00 67.36  ? 989  GLU A OE2 1 
ATOM   736  N  N   . THR A 1 94  ? 16.095  -39.701 -8.611  1.00 41.99  ? 990  THR A N   1 
ATOM   737  C  CA  . THR A 1 94  ? 15.894  -40.855 -7.736  1.00 53.72  ? 990  THR A CA  1 
ATOM   738  C  C   . THR A 1 94  ? 14.922  -41.859 -8.348  1.00 46.58  ? 990  THR A C   1 
ATOM   739  O  O   . THR A 1 94  ? 15.090  -43.072 -8.180  1.00 48.25  ? 990  THR A O   1 
ATOM   740  C  CB  . THR A 1 94  ? 15.416  -40.409 -6.356  1.00 53.23  ? 990  THR A CB  1 
ATOM   741  O  OG1 . THR A 1 94  ? 14.240  -39.605 -6.492  1.00 75.36  ? 990  THR A OG1 1 
ATOM   742  C  CG2 . THR A 1 94  ? 16.504  -39.609 -5.647  1.00 48.55  ? 990  THR A CG2 1 
ATOM   743  N  N   . GLU A 1 95  ? 13.899  -41.379 -9.057  1.00 45.93  ? 991  GLU A N   1 
ATOM   744  C  CA  . GLU A 1 95  ? 12.986  -42.300 -9.725  1.00 43.18  ? 991  GLU A CA  1 
ATOM   745  C  C   . GLU A 1 95  ? 13.711  -43.090 -10.806 1.00 44.61  ? 991  GLU A C   1 
ATOM   746  O  O   . GLU A 1 95  ? 13.440  -44.279 -11.006 1.00 47.81  ? 991  GLU A O   1 
ATOM   747  C  CB  . GLU A 1 95  ? 11.803  -41.537 -10.317 1.00 43.25  ? 991  GLU A CB  1 
ATOM   748  C  CG  . GLU A 1 95  ? 10.681  -42.418 -10.839 1.00 67.82  ? 991  GLU A CG  1 
ATOM   749  C  CD  . GLU A 1 95  ? 9.762   -42.920 -9.742  1.00 75.14  ? 991  GLU A CD  1 
ATOM   750  O  OE1 . GLU A 1 95  ? 9.061   -42.082 -9.130  1.00 77.00  ? 991  GLU A OE1 1 
ATOM   751  O  OE2 . GLU A 1 95  ? 9.738   -44.149 -9.500  1.00 66.60  ? 991  GLU A OE2 1 
ATOM   752  N  N   . GLU A 1 96  ? 14.648  -42.447 -11.505 1.00 43.72  ? 992  GLU A N   1 
ATOM   753  C  CA  . GLU A 1 96  ? 15.483  -43.156 -12.469 1.00 38.27  ? 992  GLU A CA  1 
ATOM   754  C  C   . GLU A 1 96  ? 16.276  -44.269 -11.793 1.00 41.59  ? 992  GLU A C   1 
ATOM   755  O  O   . GLU A 1 96  ? 16.184  -45.438 -12.184 1.00 51.09  ? 992  GLU A O   1 
ATOM   756  C  CB  . GLU A 1 96  ? 16.416  -42.174 -13.177 1.00 30.29  ? 992  GLU A CB  1 
ATOM   757  C  CG  . GLU A 1 96  ? 15.701  -41.213 -14.117 1.00 35.14  ? 992  GLU A CG  1 
ATOM   758  C  CD  . GLU A 1 96  ? 16.660  -40.399 -14.966 1.00 41.56  ? 992  GLU A CD  1 
ATOM   759  O  OE1 . GLU A 1 96  ? 17.769  -40.087 -14.484 1.00 42.47  ? 992  GLU A OE1 1 
ATOM   760  O  OE2 . GLU A 1 96  ? 16.310  -40.072 -16.120 1.00 34.99  ? 992  GLU A OE2 1 
ATOM   761  N  N   . LYS A 1 97  ? 17.063  -43.921 -10.768 1.00 38.89  ? 993  LYS A N   1 
ATOM   762  C  CA  . LYS A 1 97  ? 17.826  -44.924 -10.029 1.00 34.31  ? 993  LYS A CA  1 
ATOM   763  C  C   . LYS A 1 97  ? 16.939  -46.065 -9.548  1.00 39.75  ? 993  LYS A C   1 
ATOM   764  O  O   . LYS A 1 97  ? 17.346  -47.233 -9.576  1.00 52.22  ? 993  LYS A O   1 
ATOM   765  C  CB  . LYS A 1 97  ? 18.549  -44.282 -8.844  1.00 38.87  ? 993  LYS A CB  1 
ATOM   766  C  CG  . LYS A 1 97  ? 19.501  -43.156 -9.209  1.00 38.61  ? 993  LYS A CG  1 
ATOM   767  C  CD  . LYS A 1 97  ? 19.816  -42.307 -7.989  1.00 34.19  ? 993  LYS A CD  1 
ATOM   768  C  CE  . LYS A 1 97  ? 20.967  -41.351 -8.254  1.00 38.45  ? 993  LYS A CE  1 
ATOM   769  N  NZ  . LYS A 1 97  ? 21.056  -40.272 -7.225  1.00 35.24  ? 993  LYS A NZ  1 
ATOM   770  N  N   . LEU A 1 98  ? 15.727  -45.748 -9.093  1.00 33.36  ? 994  LEU A N   1 
ATOM   771  C  CA  . LEU A 1 98  ? 14.822  -46.795 -8.640  1.00 39.53  ? 994  LEU A CA  1 
ATOM   772  C  C   . LEU A 1 98  ? 14.510  -47.771 -9.765  1.00 41.56  ? 994  LEU A C   1 
ATOM   773  O  O   . LEU A 1 98  ? 14.512  -48.989 -9.557  1.00 52.09  ? 994  LEU A O   1 
ATOM   774  C  CB  . LEU A 1 98  ? 13.533  -46.177 -8.104  1.00 48.74  ? 994  LEU A CB  1 
ATOM   775  C  CG  . LEU A 1 98  ? 12.397  -47.153 -7.797  1.00 50.39  ? 994  LEU A CG  1 
ATOM   776  C  CD1 . LEU A 1 98  ? 12.806  -48.095 -6.680  1.00 50.60  ? 994  LEU A CD1 1 
ATOM   777  C  CD2 . LEU A 1 98  ? 11.108  -46.413 -7.451  1.00 47.75  ? 994  LEU A CD2 1 
ATOM   778  N  N   . GLN A 1 99  ? 14.249  -47.253 -10.965 1.00 39.74  ? 995  GLN A N   1 
ATOM   779  C  CA  . GLN A 1 99  ? 13.887  -48.117 -12.083 1.00 39.94  ? 995  GLN A CA  1 
ATOM   780  C  C   . GLN A 1 99  ? 15.084  -48.894 -12.613 1.00 47.09  ? 995  GLN A C   1 
ATOM   781  O  O   . GLN A 1 99  ? 14.912  -49.981 -13.175 1.00 54.54  ? 995  GLN A O   1 
ATOM   782  C  CB  . GLN A 1 99  ? 13.235  -47.286 -13.184 1.00 41.99  ? 995  GLN A CB  1 
ATOM   783  C  CG  . GLN A 1 99  ? 12.077  -46.466 -12.660 1.00 38.34  ? 995  GLN A CG  1 
ATOM   784  C  CD  . GLN A 1 99  ? 10.914  -47.305 -12.172 1.00 48.84  ? 995  GLN A CD  1 
ATOM   785  O  OE1 . GLN A 1 99  ? 10.893  -48.526 -12.318 1.00 58.40  ? 995  GLN A OE1 1 
ATOM   786  N  NE2 . GLN A 1 99  ? 9.977   -46.654 -11.504 1.00 61.30  ? 995  GLN A NE2 1 
ATOM   787  N  N   . LYS A 1 100 ? 16.294  -48.349 -12.480 1.00 46.42  ? 996  LYS A N   1 
ATOM   788  C  CA  . LYS A 1 100 ? 17.473  -49.114 -12.867 1.00 44.99  ? 996  LYS A CA  1 
ATOM   789  C  C   . LYS A 1 100 ? 17.617  -50.370 -12.011 1.00 60.73  ? 996  LYS A C   1 
ATOM   790  O  O   . LYS A 1 100 ? 17.758  -51.478 -12.540 1.00 86.26  ? 996  LYS A O   1 
ATOM   791  C  CB  . LYS A 1 100 ? 18.729  -48.246 -12.770 1.00 52.53  ? 996  LYS A CB  1 
ATOM   792  C  CG  . LYS A 1 100 ? 18.730  -47.038 -13.703 1.00 47.97  ? 996  LYS A CG  1 
ATOM   793  C  CD  . LYS A 1 100 ? 20.142  -46.688 -14.165 1.00 52.40  ? 996  LYS A CD  1 
ATOM   794  C  CE  . LYS A 1 100 ? 20.488  -45.208 -14.017 1.00 52.18  ? 996  LYS A CE  1 
ATOM   795  N  NZ  . LYS A 1 100 ? 21.747  -44.998 -13.237 1.00 46.93  ? 996  LYS A NZ  1 
ATOM   796  N  N   . LEU A 1 101 ? 17.590  -50.216 -10.682 1.00 52.11  ? 997  LEU A N   1 
ATOM   797  C  CA  . LEU A 1 101 ? 17.688  -51.375 -9.793  1.00 49.07  ? 997  LEU A CA  1 
ATOM   798  C  C   . LEU A 1 101 ? 16.512  -52.336 -9.950  1.00 61.17  ? 997  LEU A C   1 
ATOM   799  O  O   . LEU A 1 101 ? 16.650  -53.527 -9.646  1.00 79.70  ? 997  LEU A O   1 
ATOM   800  C  CB  . LEU A 1 101 ? 17.834  -50.943 -8.333  1.00 40.25  ? 997  LEU A CB  1 
ATOM   801  C  CG  . LEU A 1 101 ? 19.012  -50.021 -8.016  1.00 51.26  ? 997  LEU A CG  1 
ATOM   802  C  CD1 . LEU A 1 101 ? 19.085  -49.745 -6.524  1.00 56.58  ? 997  LEU A CD1 1 
ATOM   803  C  CD2 . LEU A 1 101 ? 20.317  -50.614 -8.526  1.00 52.15  ? 997  LEU A CD2 1 
ATOM   804  N  N   . ARG A 1 102 ? 15.348  -51.851 -10.391 1.00 56.07  ? 998  ARG A N   1 
ATOM   805  C  CA  . ARG A 1 102 ? 14.209  -52.749 -10.560 1.00 49.84  ? 998  ARG A CA  1 
ATOM   806  C  C   . ARG A 1 102 ? 14.496  -53.799 -11.626 1.00 60.08  ? 998  ARG A C   1 
ATOM   807  O  O   . ARG A 1 102 ? 14.131  -54.970 -11.469 1.00 78.45  ? 998  ARG A O   1 
ATOM   808  C  CB  . ARG A 1 102 ? 12.951  -51.956 -10.917 1.00 47.51  ? 998  ARG A CB  1 
ATOM   809  C  CG  . ARG A 1 102 ? 12.171  -51.406 -9.727  1.00 43.42  ? 998  ARG A CG  1 
ATOM   810  C  CD  . ARG A 1 102 ? 10.669  -51.374 -10.013 1.00 47.20  ? 998  ARG A CD  1 
ATOM   811  N  NE  . ARG A 1 102 ? 9.954   -50.488 -9.100  1.00 77.28  ? 998  ARG A NE  1 
ATOM   812  C  CZ  . ARG A 1 102 ? 8.906   -49.745 -9.437  1.00 81.54  ? 998  ARG A CZ  1 
ATOM   813  N  NH1 . ARG A 1 102 ? 8.409   -49.764 -10.665 1.00 79.31  ? 998  ARG A NH1 1 
ATOM   814  N  NH2 . ARG A 1 102 ? 8.339   -48.965 -8.519  1.00 65.92  ? 998  ARG A NH2 1 
ATOM   815  N  N   . THR A 1 103 ? 15.142  -53.400 -12.723 1.00 54.14  ? 999  THR A N   1 
ATOM   816  C  CA  . THR A 1 103 ? 15.577  -54.386 -13.708 1.00 69.48  ? 999  THR A CA  1 
ATOM   817  C  C   . THR A 1 103 ? 16.705  -55.260 -13.157 1.00 97.59  ? 999  THR A C   1 
ATOM   818  O  O   . THR A 1 103 ? 16.771  -56.457 -13.460 1.00 90.84  ? 999  THR A O   1 
ATOM   819  C  CB  . THR A 1 103 ? 15.999  -53.689 -14.999 1.00 56.00  ? 999  THR A CB  1 
ATOM   820  O  OG1 . THR A 1 103 ? 17.344  -53.215 -14.876 1.00 86.72  ? 999  THR A OG1 1 
ATOM   821  C  CG2 . THR A 1 103 ? 15.099  -52.514 -15.265 1.00 48.65  ? 999  THR A CG2 1 
ATOM   822  N  N   . ASN A 1 104 ? 17.593  -54.684 -12.341 1.00 98.84  ? 1000 ASN A N   1 
ATOM   823  C  CA  . ASN A 1 104 ? 18.719  -55.421 -11.745 1.00 93.61  ? 1000 ASN A CA  1 
ATOM   824  C  C   . ASN A 1 104 ? 18.321  -56.211 -10.499 1.00 92.76  ? 1000 ASN A C   1 
ATOM   825  O  O   . ASN A 1 104 ? 17.169  -56.609 -10.335 1.00 101.51 ? 1000 ASN A O   1 
ATOM   826  C  CB  . ASN A 1 104 ? 19.864  -54.468 -11.365 1.00 95.70  ? 1000 ASN A CB  1 
ATOM   827  C  CG  . ASN A 1 104 ? 20.645  -53.954 -12.560 1.00 84.19  ? 1000 ASN A CG  1 
ATOM   828  O  OD1 . ASN A 1 104 ? 20.174  -53.113 -13.326 1.00 77.85  ? 1000 ASN A OD1 1 
ATOM   829  N  ND2 . ASN A 1 104 ? 21.872  -54.436 -12.694 1.00 71.50  ? 1000 ASN A ND2 1 
ATOM   830  N  N   . LEU B 1 5   ? -14.528 41.697  7.143   1.00 90.95  ? 901  LEU B N   1 
ATOM   831  C  CA  . LEU B 1 5   ? -13.286 42.452  7.026   1.00 91.76  ? 901  LEU B CA  1 
ATOM   832  C  C   . LEU B 1 5   ? -12.657 42.201  5.652   1.00 99.03  ? 901  LEU B C   1 
ATOM   833  O  O   . LEU B 1 5   ? -11.695 42.871  5.265   1.00 97.19  ? 901  LEU B O   1 
ATOM   834  C  CB  . LEU B 1 5   ? -12.323 42.075  8.158   1.00 75.29  ? 901  LEU B CB  1 
ATOM   835  C  CG  . LEU B 1 5   ? -10.941 42.733  8.208   1.00 80.82  ? 901  LEU B CG  1 
ATOM   836  C  CD1 . LEU B 1 5   ? -11.061 44.248  8.157   1.00 93.54  ? 901  LEU B CD1 1 
ATOM   837  C  CD2 . LEU B 1 5   ? -10.174 42.298  9.443   1.00 76.83  ? 901  LEU B CD2 1 
ATOM   838  N  N   . SER B 1 6   ? -13.222 41.226  4.929   1.00 102.32 ? 902  SER B N   1 
ATOM   839  C  CA  . SER B 1 6   ? -12.806 40.849  3.577   1.00 98.07  ? 902  SER B CA  1 
ATOM   840  C  C   . SER B 1 6   ? -11.442 40.178  3.620   1.00 100.22 ? 902  SER B C   1 
ATOM   841  O  O   . SER B 1 6   ? -11.287 39.047  3.149   1.00 91.65  ? 902  SER B O   1 
ATOM   842  C  CB  . SER B 1 6   ? -12.781 42.054  2.631   1.00 97.33  ? 902  SER B CB  1 
ATOM   843  O  OG  . SER B 1 6   ? -11.496 42.651  2.608   1.00 120.50 ? 902  SER B OG  1 
ATOM   844  N  N   . THR B 1 7   ? -10.445 40.877  4.168   1.00 104.73 ? 903  THR B N   1 
ATOM   845  C  CA  . THR B 1 7   ? -9.157  40.248  4.425   1.00 100.32 ? 903  THR B CA  1 
ATOM   846  C  C   . THR B 1 7   ? -9.308  38.974  5.248   1.00 102.67 ? 903  THR B C   1 
ATOM   847  O  O   . THR B 1 7   ? -8.504  38.046  5.107   1.00 113.78 ? 903  THR B O   1 
ATOM   848  C  CB  . THR B 1 7   ? -8.233  41.236  5.135   1.00 103.24 ? 903  THR B CB  1 
ATOM   849  O  OG1 . THR B 1 7   ? -8.612  41.340  6.513   1.00 112.61 ? 903  THR B OG1 1 
ATOM   850  C  CG2 . THR B 1 7   ? -8.330  42.608  4.486   1.00 97.50  ? 903  THR B CG2 1 
ATOM   851  N  N   . ASN B 1 8   ? -10.328 38.906  6.107   1.00 93.70  ? 904  ASN B N   1 
ATOM   852  C  CA  . ASN B 1 8   ? -10.619 37.661  6.812   1.00 72.30  ? 904  ASN B CA  1 
ATOM   853  C  C   . ASN B 1 8   ? -11.397 36.685  5.936   1.00 73.14  ? 904  ASN B C   1 
ATOM   854  O  O   . ASN B 1 8   ? -11.027 35.512  5.821   1.00 82.45  ? 904  ASN B O   1 
ATOM   855  C  CB  . ASN B 1 8   ? -11.401 37.954  8.096   1.00 78.65  ? 904  ASN B CB  1 
ATOM   856  C  CG  . ASN B 1 8   ? -10.515 38.454  9.217   1.00 94.67  ? 904  ASN B CG  1 
ATOM   857  O  OD1 . ASN B 1 8   ? -9.362  38.820  8.999   1.00 102.08 ? 904  ASN B OD1 1 
ATOM   858  N  ND2 . ASN B 1 8   ? -11.056 38.478  10.430  1.00 90.44  ? 904  ASN B ND2 1 
ATOM   859  N  N   . HIS B 1 9   ? -12.470 37.158  5.296   1.00 66.44  ? 905  HIS B N   1 
ATOM   860  C  CA  . HIS B 1 9   ? -13.320 36.265  4.513   1.00 74.61  ? 905  HIS B CA  1 
ATOM   861  C  C   . HIS B 1 9   ? -12.630 35.763  3.254   1.00 70.36  ? 905  HIS B C   1 
ATOM   862  O  O   . HIS B 1 9   ? -12.944 34.669  2.771   1.00 56.58  ? 905  HIS B O   1 
ATOM   863  C  CB  . HIS B 1 9   ? -14.640 36.957  4.182   1.00 83.95  ? 905  HIS B CB  1 
ATOM   864  C  CG  . HIS B 1 9   ? -15.563 37.055  5.355   1.00 95.37  ? 905  HIS B CG  1 
ATOM   865  N  ND1 . HIS B 1 9   ? -16.196 35.955  5.894   1.00 91.92  ? 905  HIS B ND1 1 
ATOM   866  C  CD2 . HIS B 1 9   ? -15.941 38.113  6.110   1.00 93.88  ? 905  HIS B CD2 1 
ATOM   867  C  CE1 . HIS B 1 9   ? -16.928 36.333  6.927   1.00 86.92  ? 905  HIS B CE1 1 
ATOM   868  N  NE2 . HIS B 1 9   ? -16.796 37.638  7.075   1.00 98.12  ? 905  HIS B NE2 1 
ATOM   869  N  N   . GLU B 1 10  ? -11.697 36.536  2.704   1.00 78.32  ? 906  GLU B N   1 
ATOM   870  C  CA  . GLU B 1 10  ? -10.933 36.037  1.569   1.00 77.07  ? 906  GLU B CA  1 
ATOM   871  C  C   . GLU B 1 10  ? -10.089 34.838  1.978   1.00 73.35  ? 906  GLU B C   1 
ATOM   872  O  O   . GLU B 1 10  ? -10.032 33.833  1.259   1.00 71.08  ? 906  GLU B O   1 
ATOM   873  C  CB  . GLU B 1 10  ? -10.047 37.150  1.013   1.00 100.33 ? 906  GLU B CB  1 
ATOM   874  C  CG  . GLU B 1 10  ? -9.666  37.009  -0.449  1.00 109.97 ? 906  GLU B CG  1 
ATOM   875  C  CD  . GLU B 1 10  ? -8.718  38.112  -0.897  1.00 107.77 ? 906  GLU B CD  1 
ATOM   876  O  OE1 . GLU B 1 10  ? -8.460  39.031  -0.089  1.00 112.08 ? 906  GLU B OE1 1 
ATOM   877  O  OE2 . GLU B 1 10  ? -8.229  38.060  -2.046  1.00 91.08  ? 906  GLU B OE2 1 
ATOM   878  N  N   . THR B 1 11  ? -9.439  34.922  3.139   1.00 66.51  ? 907  THR B N   1 
ATOM   879  C  CA  . THR B 1 11  ? -8.643  33.801  3.630   1.00 49.35  ? 907  THR B CA  1 
ATOM   880  C  C   . THR B 1 11  ? -9.501  32.567  3.873   1.00 43.13  ? 907  THR B C   1 
ATOM   881  O  O   . THR B 1 11  ? -9.109  31.452  3.516   1.00 43.35  ? 907  THR B O   1 
ATOM   882  C  CB  . THR B 1 11  ? -7.918  34.198  4.914   1.00 44.21  ? 907  THR B CB  1 
ATOM   883  O  OG1 . THR B 1 11  ? -7.512  35.568  4.830   1.00 67.63  ? 907  THR B OG1 1 
ATOM   884  C  CG2 . THR B 1 11  ? -6.694  33.332  5.124   1.00 56.42  ? 907  THR B CG2 1 
ATOM   885  N  N   . ILE B 1 12  ? -10.690 32.748  4.450   1.00 33.05  ? 908  ILE B N   1 
ATOM   886  C  CA  . ILE B 1 12  ? -11.522 31.597  4.786   1.00 29.16  ? 908  ILE B CA  1 
ATOM   887  C  C   . ILE B 1 12  ? -11.943 30.858  3.524   1.00 41.85  ? 908  ILE B C   1 
ATOM   888  O  O   . ILE B 1 12  ? -11.817 29.631  3.431   1.00 40.49  ? 908  ILE B O   1 
ATOM   889  C  CB  . ILE B 1 12  ? -12.741 32.038  5.613   1.00 24.65  ? 908  ILE B CB  1 
ATOM   890  C  CG1 . ILE B 1 12  ? -12.297 32.577  6.970   1.00 30.28  ? 908  ILE B CG1 1 
ATOM   891  C  CG2 . ILE B 1 12  ? -13.702 30.874  5.795   1.00 19.22  ? 908  ILE B CG2 1 
ATOM   892  C  CD1 . ILE B 1 12  ? -13.404 33.280  7.745   1.00 53.82  ? 908  ILE B CD1 1 
ATOM   893  N  N   . ASP B 1 13  ? -12.444 31.594  2.531   1.00 58.74  ? 909  ASP B N   1 
ATOM   894  C  CA  . ASP B 1 13  ? -12.864 30.961  1.285   1.00 52.23  ? 909  ASP B CA  1 
ATOM   895  C  C   . ASP B 1 13  ? -11.689 30.283  0.596   1.00 36.39  ? 909  ASP B C   1 
ATOM   896  O  O   . ASP B 1 13  ? -11.825 29.176  0.060   1.00 37.44  ? 909  ASP B O   1 
ATOM   897  C  CB  . ASP B 1 13  ? -13.533 31.985  0.370   1.00 55.06  ? 909  ASP B CB  1 
ATOM   898  C  CG  . ASP B 1 13  ? -14.897 32.416  0.883   1.00 90.92  ? 909  ASP B CG  1 
ATOM   899  O  OD1 . ASP B 1 13  ? -15.839 31.595  0.815   1.00 90.98  ? 909  ASP B OD1 1 
ATOM   900  O  OD2 . ASP B 1 13  ? -15.027 33.571  1.353   1.00 96.75  ? 909  ASP B OD2 1 
ATOM   901  N  N   . LEU B 1 14  ? -10.532 30.942  0.581   1.00 37.95  ? 910  LEU B N   1 
ATOM   902  C  CA  . LEU B 1 14  ? -9.344  30.343  -0.013  1.00 47.02  ? 910  LEU B CA  1 
ATOM   903  C  C   . LEU B 1 14  ? -8.946  29.066  0.713   1.00 50.85  ? 910  LEU B C   1 
ATOM   904  O  O   . LEU B 1 14  ? -8.554  28.078  0.080   1.00 39.64  ? 910  LEU B O   1 
ATOM   905  C  CB  . LEU B 1 14  ? -8.193  31.344  0.013   1.00 46.15  ? 910  LEU B CB  1 
ATOM   906  C  CG  . LEU B 1 14  ? -8.065  32.271  -1.188  1.00 31.64  ? 910  LEU B CG  1 
ATOM   907  C  CD1 . LEU B 1 14  ? -7.194  33.444  -0.819  1.00 38.29  ? 910  LEU B CD1 1 
ATOM   908  C  CD2 . LEU B 1 14  ? -7.459  31.510  -2.354  1.00 32.62  ? 910  LEU B CD2 1 
ATOM   909  N  N   . LEU B 1 15  ? -9.034  29.071  2.046   1.00 44.26  ? 911  LEU B N   1 
ATOM   910  C  CA  . LEU B 1 15  ? -8.702  27.876  2.810   1.00 21.63  ? 911  LEU B CA  1 
ATOM   911  C  C   . LEU B 1 15  ? -9.727  26.775  2.580   1.00 27.51  ? 911  LEU B C   1 
ATOM   912  O  O   . LEU B 1 15  ? -9.369  25.596  2.498   1.00 32.09  ? 911  LEU B O   1 
ATOM   913  C  CB  . LEU B 1 15  ? -8.605  28.213  4.299   1.00 12.90  ? 911  LEU B CB  1 
ATOM   914  C  CG  . LEU B 1 15  ? -7.305  28.901  4.730   1.00 16.04  ? 911  LEU B CG  1 
ATOM   915  C  CD1 . LEU B 1 15  ? -7.418  29.484  6.126   1.00 10.35  ? 911  LEU B CD1 1 
ATOM   916  C  CD2 . LEU B 1 15  ? -6.126  27.956  4.636   1.00 11.80  ? 911  LEU B CD2 1 
ATOM   917  N  N   . VAL B 1 16  ? -11.001 27.144  2.436   1.00 36.86  ? 912  VAL B N   1 
ATOM   918  C  CA  . VAL B 1 16  ? -12.037 26.143  2.200   1.00 29.41  ? 912  VAL B CA  1 
ATOM   919  C  C   . VAL B 1 16  ? -11.844 25.487  0.842   1.00 33.29  ? 912  VAL B C   1 
ATOM   920  O  O   . VAL B 1 16  ? -12.023 24.272  0.695   1.00 29.03  ? 912  VAL B O   1 
ATOM   921  C  CB  . VAL B 1 16  ? -13.432 26.782  2.324   1.00 20.03  ? 912  VAL B CB  1 
ATOM   922  C  CG1 . VAL B 1 16  ? -14.484 25.865  1.723   1.00 28.84  ? 912  VAL B CG1 1 
ATOM   923  C  CG2 . VAL B 1 16  ? -13.750 27.090  3.773   1.00 24.88  ? 912  VAL B CG2 1 
ATOM   924  N  N   . GLN B 1 17  ? -11.466 26.271  -0.166  1.00 30.63  ? 913  GLN B N   1 
ATOM   925  C  CA  . GLN B 1 17  ? -11.267 25.707  -1.493  1.00 45.74  ? 913  GLN B CA  1 
ATOM   926  C  C   . GLN B 1 17  ? -10.106 24.722  -1.503  1.00 47.13  ? 913  GLN B C   1 
ATOM   927  O  O   . GLN B 1 17  ? -10.232 23.602  -2.014  1.00 36.90  ? 913  GLN B O   1 
ATOM   928  C  CB  . GLN B 1 17  ? -11.047 26.826  -2.512  1.00 53.30  ? 913  GLN B CB  1 
ATOM   929  C  CG  . GLN B 1 17  ? -11.426 26.419  -3.929  1.00 78.17  ? 913  GLN B CG  1 
ATOM   930  C  CD  . GLN B 1 17  ? -12.900 26.065  -4.057  1.00 88.40  ? 913  GLN B CD  1 
ATOM   931  O  OE1 . GLN B 1 17  ? -13.771 26.867  -3.717  1.00 84.56  ? 913  GLN B OE1 1 
ATOM   932  N  NE2 . GLN B 1 17  ? -13.187 24.854  -4.539  1.00 59.93  ? 913  GLN B NE2 1 
ATOM   933  N  N   . ILE B 1 18  ? -8.967  25.121  -0.938  1.00 42.14  ? 914  ILE B N   1 
ATOM   934  C  CA  . ILE B 1 18  ? -7.808  24.234  -0.892  1.00 41.25  ? 914  ILE B CA  1 
ATOM   935  C  C   . ILE B 1 18  ? -8.158  22.949  -0.154  1.00 38.53  ? 914  ILE B C   1 
ATOM   936  O  O   . ILE B 1 18  ? -7.861  21.840  -0.613  1.00 33.73  ? 914  ILE B O   1 
ATOM   937  C  CB  . ILE B 1 18  ? -6.615  24.949  -0.236  1.00 30.13  ? 914  ILE B CB  1 
ATOM   938  C  CG1 . ILE B 1 18  ? -6.188  26.154  -1.071  1.00 41.52  ? 914  ILE B CG1 1 
ATOM   939  C  CG2 . ILE B 1 18  ? -5.449  23.998  -0.101  1.00 26.42  ? 914  ILE B CG2 1 
ATOM   940  C  CD1 . ILE B 1 18  ? -5.344  27.148  -0.315  1.00 41.35  ? 914  ILE B CD1 1 
ATOM   941  N  N   . LEU B 1 19  ? -8.809  23.089  1.003   1.00 33.85  ? 915  LEU B N   1 
ATOM   942  C  CA  . LEU B 1 19  ? -9.167  21.934  1.820   1.00 25.71  ? 915  LEU B CA  1 
ATOM   943  C  C   . LEU B 1 19  ? -10.111 20.996  1.082   1.00 31.57  ? 915  LEU B C   1 
ATOM   944  O  O   . LEU B 1 19  ? -10.001 19.770  1.200   1.00 29.00  ? 915  LEU B O   1 
ATOM   945  C  CB  . LEU B 1 19  ? -9.799  22.417  3.122   1.00 23.67  ? 915  LEU B CB  1 
ATOM   946  C  CG  . LEU B 1 19  ? -9.761  21.495  4.329   1.00 19.29  ? 915  LEU B CG  1 
ATOM   947  C  CD1 . LEU B 1 19  ? -8.424  20.801  4.429   1.00 23.97  ? 915  LEU B CD1 1 
ATOM   948  C  CD2 . LEU B 1 19  ? -10.035 22.312  5.572   1.00 23.13  ? 915  LEU B CD2 1 
ATOM   949  N  N   . ARG B 1 20  ? -11.056 21.557  0.324   1.00 35.55  ? 916  ARG B N   1 
ATOM   950  C  CA  . ARG B 1 20  ? -11.904 20.740  -0.534  1.00 30.92  ? 916  ARG B CA  1 
ATOM   951  C  C   . ARG B 1 20  ? -11.060 19.906  -1.489  1.00 38.33  ? 916  ARG B C   1 
ATOM   952  O  O   . ARG B 1 20  ? -11.269 18.696  -1.629  1.00 36.86  ? 916  ARG B O   1 
ATOM   953  C  CB  . ARG B 1 20  ? -12.861 21.631  -1.322  1.00 36.45  ? 916  ARG B CB  1 
ATOM   954  C  CG  . ARG B 1 20  ? -14.051 22.165  -0.552  1.00 30.03  ? 916  ARG B CG  1 
ATOM   955  C  CD  . ARG B 1 20  ? -15.064 22.739  -1.531  1.00 45.81  ? 916  ARG B CD  1 
ATOM   956  N  NE  . ARG B 1 20  ? -16.184 23.404  -0.876  1.00 45.86  ? 916  ARG B NE  1 
ATOM   957  C  CZ  . ARG B 1 20  ? -16.610 24.619  -1.194  1.00 42.39  ? 916  ARG B CZ  1 
ATOM   958  N  NH1 . ARG B 1 20  ? -16.029 25.325  -2.149  1.00 43.41  ? 916  ARG B NH1 1 
ATOM   959  N  NH2 . ARG B 1 20  ? -17.648 25.134  -0.542  1.00 46.24  ? 916  ARG B NH2 1 
ATOM   960  N  N   . ASN B 1 21  ? -10.090 20.548  -2.150  1.00 33.69  ? 917  ASN B N   1 
ATOM   961  C  CA  . ASN B 1 21  ? -9.300  19.867  -3.170  1.00 31.23  ? 917  ASN B CA  1 
ATOM   962  C  C   . ASN B 1 21  ? -8.544  18.684  -2.585  1.00 32.52  ? 917  ASN B C   1 
ATOM   963  O  O   . ASN B 1 21  ? -8.540  17.591  -3.166  1.00 34.35  ? 917  ASN B O   1 
ATOM   964  C  CB  . ASN B 1 21  ? -8.325  20.851  -3.814  1.00 38.88  ? 917  ASN B CB  1 
ATOM   965  C  CG  . ASN B 1 21  ? -9.021  22.087  -4.357  1.00 71.73  ? 917  ASN B CG  1 
ATOM   966  O  OD1 . ASN B 1 21  ? -10.248 22.117  -4.488  1.00 80.30  ? 917  ASN B OD1 1 
ATOM   967  N  ND2 . ASN B 1 21  ? -8.240  23.122  -4.665  1.00 67.50  ? 917  ASN B ND2 1 
ATOM   968  N  N   . CYS B 1 22  ? -7.914  18.878  -1.425  1.00 27.01  ? 918  CYS B N   1 
ATOM   969  C  CA  . CYS B 1 22  ? -7.180  17.789  -0.787  1.00 28.53  ? 918  CYS B CA  1 
ATOM   970  C  C   . CYS B 1 22  ? -8.108  16.642  -0.417  1.00 32.15  ? 918  CYS B C   1 
ATOM   971  O  O   . CYS B 1 22  ? -7.874  15.489  -0.799  1.00 29.59  ? 918  CYS B O   1 
ATOM   972  C  CB  . CYS B 1 22  ? -6.443  18.302  0.446   1.00 24.12  ? 918  CYS B CB  1 
ATOM   973  S  SG  . CYS B 1 22  ? -5.232  19.570  0.081   1.00 44.92  ? 918  CYS B SG  1 
ATOM   974  N  N   . LEU B 1 23  ? -9.175  16.941  0.327   1.00 26.59  ? 919  LEU B N   1 
ATOM   975  C  CA  . LEU B 1 23  ? -10.069 15.887  0.785   1.00 22.95  ? 919  LEU B CA  1 
ATOM   976  C  C   . LEU B 1 23  ? -10.684 15.134  -0.387  1.00 33.24  ? 919  LEU B C   1 
ATOM   977  O  O   . LEU B 1 23  ? -10.919 13.924  -0.295  1.00 36.68  ? 919  LEU B O   1 
ATOM   978  C  CB  . LEU B 1 23  ? -11.154 16.489  1.670   1.00 25.36  ? 919  LEU B CB  1 
ATOM   979  C  CG  . LEU B 1 23  ? -10.659 16.851  3.069   1.00 23.39  ? 919  LEU B CG  1 
ATOM   980  C  CD1 . LEU B 1 23  ? -11.765 17.482  3.887   1.00 17.93  ? 919  LEU B CD1 1 
ATOM   981  C  CD2 . LEU B 1 23  ? -10.119 15.616  3.768   1.00 26.42  ? 919  LEU B CD2 1 
ATOM   982  N  N   . ARG B 1 24  ? -10.924 15.822  -1.506  1.00 32.83  ? 920  ARG B N   1 
ATOM   983  C  CA  . ARG B 1 24  ? -11.384 15.123  -2.699  1.00 36.67  ? 920  ARG B CA  1 
ATOM   984  C  C   . ARG B 1 24  ? -10.286 14.229  -3.259  1.00 32.59  ? 920  ARG B C   1 
ATOM   985  O  O   . ARG B 1 24  ? -10.541 13.077  -3.627  1.00 31.08  ? 920  ARG B O   1 
ATOM   986  C  CB  . ARG B 1 24  ? -11.851 16.120  -3.761  1.00 36.46  ? 920  ARG B CB  1 
ATOM   987  C  CG  . ARG B 1 24  ? -13.158 16.832  -3.438  1.00 47.60  ? 920  ARG B CG  1 
ATOM   988  C  CD  . ARG B 1 24  ? -13.374 18.036  -4.356  1.00 48.03  ? 920  ARG B CD  1 
ATOM   989  N  NE  . ARG B 1 24  ? -13.120 17.703  -5.753  1.00 64.61  ? 920  ARG B NE  1 
ATOM   990  C  CZ  . ARG B 1 24  ? -14.003 17.124  -6.554  1.00 60.02  ? 920  ARG B CZ  1 
ATOM   991  N  NH1 . ARG B 1 24  ? -15.214 16.802  -6.130  1.00 49.91  ? 920  ARG B NH1 1 
ATOM   992  N  NH2 . ARG B 1 24  ? -13.661 16.854  -7.812  1.00 60.92  ? 920  ARG B NH2 1 
ATOM   993  N  N   . TYR B 1 25  ? -9.054  14.742  -3.313  1.00 26.43  ? 921  TYR B N   1 
ATOM   994  C  CA  . TYR B 1 25  ? -7.960  14.004  -3.939  1.00 25.00  ? 921  TYR B CA  1 
ATOM   995  C  C   . TYR B 1 25  ? -7.700  12.670  -3.252  1.00 28.81  ? 921  TYR B C   1 
ATOM   996  O  O   . TYR B 1 25  ? -7.484  11.655  -3.921  1.00 30.42  ? 921  TYR B O   1 
ATOM   997  C  CB  . TYR B 1 25  ? -6.694  14.858  -3.936  1.00 26.01  ? 921  TYR B CB  1 
ATOM   998  C  CG  . TYR B 1 25  ? -5.527  14.261  -4.696  1.00 24.83  ? 921  TYR B CG  1 
ATOM   999  C  CD1 . TYR B 1 25  ? -4.752  13.252  -4.140  1.00 26.00  ? 921  TYR B CD1 1 
ATOM   1000 C  CD2 . TYR B 1 25  ? -5.188  14.721  -5.957  1.00 28.43  ? 921  TYR B CD2 1 
ATOM   1001 C  CE1 . TYR B 1 25  ? -3.687  12.709  -4.823  1.00 27.78  ? 921  TYR B CE1 1 
ATOM   1002 C  CE2 . TYR B 1 25  ? -4.122  14.185  -6.648  1.00 30.17  ? 921  TYR B CE2 1 
ATOM   1003 C  CZ  . TYR B 1 25  ? -3.375  13.178  -6.075  1.00 28.28  ? 921  TYR B CZ  1 
ATOM   1004 O  OH  . TYR B 1 25  ? -2.310  12.639  -6.754  1.00 40.23  ? 921  TYR B OH  1 
ATOM   1005 N  N   . PHE B 1 26  ? -7.705  12.654  -1.923  1.00 35.19  ? 922  PHE B N   1 
ATOM   1006 C  CA  . PHE B 1 26  ? -7.308  11.480  -1.158  1.00 25.95  ? 922  PHE B CA  1 
ATOM   1007 C  C   . PHE B 1 26  ? -8.488  10.642  -0.692  1.00 34.08  ? 922  PHE B C   1 
ATOM   1008 O  O   . PHE B 1 26  ? -8.293  9.714   0.097   1.00 37.21  ? 922  PHE B O   1 
ATOM   1009 C  CB  . PHE B 1 26  ? -6.469  11.903  0.043   1.00 20.30  ? 922  PHE B CB  1 
ATOM   1010 C  CG  . PHE B 1 26  ? -5.116  12.431  -0.327  1.00 31.17  ? 922  PHE B CG  1 
ATOM   1011 C  CD1 . PHE B 1 26  ? -4.167  11.599  -0.901  1.00 37.75  ? 922  PHE B CD1 1 
ATOM   1012 C  CD2 . PHE B 1 26  ? -4.799  13.761  -0.120  1.00 22.89  ? 922  PHE B CD2 1 
ATOM   1013 C  CE1 . PHE B 1 26  ? -2.917  12.081  -1.253  1.00 24.48  ? 922  PHE B CE1 1 
ATOM   1014 C  CE2 . PHE B 1 26  ? -3.553  14.250  -0.468  1.00 23.10  ? 922  PHE B CE2 1 
ATOM   1015 C  CZ  . PHE B 1 26  ? -2.612  13.410  -1.038  1.00 28.42  ? 922  PHE B CZ  1 
ATOM   1016 N  N   . LEU B 1 27  ? -9.694  10.944  -1.165  1.00 33.45  ? 923  LEU B N   1 
ATOM   1017 C  CA  . LEU B 1 27  ? -10.914 10.294  -0.712  1.00 29.03  ? 923  LEU B CA  1 
ATOM   1018 C  C   . LEU B 1 27  ? -10.784 8.773   -0.783  1.00 34.33  ? 923  LEU B C   1 
ATOM   1019 O  O   . LEU B 1 27  ? -10.578 8.226   -1.874  1.00 41.52  ? 923  LEU B O   1 
ATOM   1020 C  CB  . LEU B 1 27  ? -12.098 10.746  -1.559  1.00 33.31  ? 923  LEU B CB  1 
ATOM   1021 C  CG  . LEU B 1 27  ? -13.457 10.223  -1.093  1.00 34.59  ? 923  LEU B CG  1 
ATOM   1022 C  CD1 . LEU B 1 27  ? -13.791 10.815  0.262   1.00 34.58  ? 923  LEU B CD1 1 
ATOM   1023 C  CD2 . LEU B 1 27  ? -14.541 10.544  -2.102  1.00 44.77  ? 923  LEU B CD2 1 
ATOM   1024 N  N   . PRO B 1 28  ? -10.871 8.070   0.347   1.00 39.56  ? 924  PRO B N   1 
ATOM   1025 C  CA  . PRO B 1 28  ? -10.865 6.615   0.301   1.00 30.62  ? 924  PRO B CA  1 
ATOM   1026 C  C   . PRO B 1 28  ? -12.011 6.109   -0.548  1.00 43.40  ? 924  PRO B C   1 
ATOM   1027 O  O   . PRO B 1 28  ? -13.063 6.767   -0.659  1.00 54.38  ? 924  PRO B O   1 
ATOM   1028 C  CB  . PRO B 1 28  ? -11.041 6.220   1.773   1.00 30.74  ? 924  PRO B CB  1 
ATOM   1029 C  CG  . PRO B 1 28  ? -10.454 7.360   2.516   1.00 32.80  ? 924  PRO B CG  1 
ATOM   1030 C  CD  . PRO B 1 28  ? -10.902 8.565   1.732   1.00 42.59  ? 924  PRO B CD  1 
ATOM   1031 N  N   . PRO B 1 29  ? -11.845 4.954   -1.193  1.00 50.10  ? 925  PRO B N   1 
ATOM   1032 C  CA  . PRO B 1 29  ? -12.894 4.471   -2.106  1.00 47.77  ? 925  PRO B CA  1 
ATOM   1033 C  C   . PRO B 1 29  ? -14.213 4.167   -1.416  1.00 53.70  ? 925  PRO B C   1 
ATOM   1034 O  O   . PRO B 1 29  ? -15.273 4.318   -2.034  1.00 57.91  ? 925  PRO B O   1 
ATOM   1035 C  CB  . PRO B 1 29  ? -12.267 3.206   -2.706  1.00 56.17  ? 925  PRO B CB  1 
ATOM   1036 C  CG  . PRO B 1 29  ? -10.787 3.441   -2.609  1.00 53.46  ? 925  PRO B CG  1 
ATOM   1037 C  CD  . PRO B 1 29  ? -10.599 4.177   -1.314  1.00 55.12  ? 925  PRO B CD  1 
ATOM   1038 N  N   . SER B 1 30  ? -14.184 3.757   -0.147  1.00 49.30  ? 926  SER B N   1 
ATOM   1039 C  CA  . SER B 1 30  ? -15.383 3.333   0.567   1.00 60.38  ? 926  SER B CA  1 
ATOM   1040 C  C   . SER B 1 30  ? -16.017 4.430   1.413   1.00 64.17  ? 926  SER B C   1 
ATOM   1041 O  O   . SER B 1 30  ? -17.076 4.194   2.002   1.00 65.97  ? 926  SER B O   1 
ATOM   1042 C  CB  . SER B 1 30  ? -15.062 2.141   1.478   1.00 71.88  ? 926  SER B CB  1 
ATOM   1043 O  OG  . SER B 1 30  ? -14.634 2.587   2.757   1.00 71.11  ? 926  SER B OG  1 
ATOM   1044 N  N   . PHE B 1 31  ? -15.390 5.600   1.507   1.00 64.06  ? 927  PHE B N   1 
ATOM   1045 C  CA  . PHE B 1 31  ? -15.805 6.592   2.491   1.00 48.71  ? 927  PHE B CA  1 
ATOM   1046 C  C   . PHE B 1 31  ? -17.237 7.048   2.227   1.00 37.68  ? 927  PHE B C   1 
ATOM   1047 O  O   . PHE B 1 31  ? -17.564 7.429   1.095   1.00 40.71  ? 927  PHE B O   1 
ATOM   1048 C  CB  . PHE B 1 31  ? -14.858 7.787   2.478   1.00 39.92  ? 927  PHE B CB  1 
ATOM   1049 C  CG  . PHE B 1 31  ? -14.850 8.558   3.759   1.00 32.86  ? 927  PHE B CG  1 
ATOM   1050 C  CD1 . PHE B 1 31  ? -14.338 7.999   4.917   1.00 37.60  ? 927  PHE B CD1 1 
ATOM   1051 C  CD2 . PHE B 1 31  ? -15.360 9.844   3.807   1.00 43.61  ? 927  PHE B CD2 1 
ATOM   1052 C  CE1 . PHE B 1 31  ? -14.329 8.712   6.100   1.00 42.27  ? 927  PHE B CE1 1 
ATOM   1053 C  CE2 . PHE B 1 31  ? -15.358 10.565  4.983   1.00 42.95  ? 927  PHE B CE2 1 
ATOM   1054 C  CZ  . PHE B 1 31  ? -14.841 9.999   6.133   1.00 47.49  ? 927  PHE B CZ  1 
ATOM   1055 N  N   . PRO B 1 32  ? -18.107 7.046   3.242   1.00 43.12  ? 928  PRO B N   1 
ATOM   1056 C  CA  . PRO B 1 32  ? -19.523 7.394   3.027   1.00 52.38  ? 928  PRO B CA  1 
ATOM   1057 C  C   . PRO B 1 32  ? -19.791 8.811   2.530   1.00 45.00  ? 928  PRO B C   1 
ATOM   1058 O  O   . PRO B 1 32  ? -20.940 9.102   2.176   1.00 65.89  ? 928  PRO B O   1 
ATOM   1059 C  CB  . PRO B 1 32  ? -20.138 7.164   4.410   1.00 51.42  ? 928  PRO B CB  1 
ATOM   1060 C  CG  . PRO B 1 32  ? -19.309 6.037   4.954   1.00 54.48  ? 928  PRO B CG  1 
ATOM   1061 C  CD  . PRO B 1 32  ? -17.904 6.395   4.546   1.00 44.00  ? 928  PRO B CD  1 
ATOM   1062 N  N   . ILE B 1 33  ? -18.810 9.702   2.513   1.00 34.34  ? 929  ILE B N   1 
ATOM   1063 C  CA  . ILE B 1 33  ? -19.000 11.051  1.992   1.00 36.46  ? 929  ILE B CA  1 
ATOM   1064 C  C   . ILE B 1 33  ? -18.402 11.124  0.590   1.00 48.86  ? 929  ILE B C   1 
ATOM   1065 O  O   . ILE B 1 33  ? -17.223 10.806  0.392   1.00 62.34  ? 929  ILE B O   1 
ATOM   1066 C  CB  . ILE B 1 33  ? -18.380 12.099  2.926   1.00 40.12  ? 929  ILE B CB  1 
ATOM   1067 C  CG1 . ILE B 1 33  ? -19.246 12.255  4.175   1.00 41.79  ? 929  ILE B CG1 1 
ATOM   1068 C  CG2 . ILE B 1 33  ? -18.243 13.434  2.214   1.00 45.90  ? 929  ILE B CG2 1 
ATOM   1069 C  CD1 . ILE B 1 33  ? -18.645 13.154  5.227   1.00 53.99  ? 929  ILE B CD1 1 
ATOM   1070 N  N   . SER B 1 34  ? -19.214 11.537  -0.384  1.00 48.45  ? 930  SER B N   1 
ATOM   1071 C  CA  . SER B 1 34  ? -18.835 11.543  -1.791  1.00 44.42  ? 930  SER B CA  1 
ATOM   1072 C  C   . SER B 1 34  ? -18.102 12.827  -2.169  1.00 49.21  ? 930  SER B C   1 
ATOM   1073 O  O   . SER B 1 34  ? -18.154 13.836  -1.462  1.00 51.59  ? 930  SER B O   1 
ATOM   1074 C  CB  . SER B 1 34  ? -20.068 11.393  -2.679  1.00 59.84  ? 930  SER B CB  1 
ATOM   1075 O  OG  . SER B 1 34  ? -20.932 12.505  -2.511  1.00 68.25  ? 930  SER B OG  1 
ATOM   1076 N  N   . LYS B 1 35  ? -17.434 12.783  -3.328  1.00 42.63  ? 931  LYS B N   1 
ATOM   1077 C  CA  . LYS B 1 35  ? -16.740 13.966  -3.827  1.00 42.76  ? 931  LYS B CA  1 
ATOM   1078 C  C   . LYS B 1 35  ? -17.698 15.130  -4.043  1.00 51.36  ? 931  LYS B C   1 
ATOM   1079 O  O   . LYS B 1 35  ? -17.316 16.291  -3.857  1.00 47.91  ? 931  LYS B O   1 
ATOM   1080 C  CB  . LYS B 1 35  ? -15.990 13.641  -5.125  1.00 33.55  ? 931  LYS B CB  1 
ATOM   1081 C  CG  . LYS B 1 35  ? -14.702 12.845  -4.920  1.00 50.55  ? 931  LYS B CG  1 
ATOM   1082 C  CD  . LYS B 1 35  ? -13.884 12.699  -6.207  1.00 60.36  ? 931  LYS B CD  1 
ATOM   1083 C  CE  . LYS B 1 35  ? -12.755 11.671  -6.040  1.00 48.48  ? 931  LYS B CE  1 
ATOM   1084 N  NZ  . LYS B 1 35  ? -11.579 11.907  -6.936  1.00 34.78  ? 931  LYS B NZ  1 
ATOM   1085 N  N   . LYS B 1 36  ? -18.940 14.847  -4.436  1.00 56.80  ? 932  LYS B N   1 
ATOM   1086 C  CA  . LYS B 1 36  ? -19.932 15.912  -4.556  1.00 49.36  ? 932  LYS B CA  1 
ATOM   1087 C  C   . LYS B 1 36  ? -20.216 16.541  -3.196  1.00 50.27  ? 932  LYS B C   1 
ATOM   1088 O  O   . LYS B 1 36  ? -20.183 17.773  -3.043  1.00 52.95  ? 932  LYS B O   1 
ATOM   1089 C  CB  . LYS B 1 36  ? -21.209 15.358  -5.188  1.00 43.75  ? 932  LYS B CB  1 
ATOM   1090 C  CG  . LYS B 1 36  ? -21.121 15.178  -6.696  1.00 64.16  ? 932  LYS B CG  1 
ATOM   1091 C  CD  . LYS B 1 36  ? -22.283 14.354  -7.225  1.00 81.69  ? 932  LYS B CD  1 
ATOM   1092 C  CE  . LYS B 1 36  ? -22.114 14.040  -8.705  1.00 86.55  ? 932  LYS B CE  1 
ATOM   1093 N  NZ  . LYS B 1 36  ? -23.316 13.356  -9.259  1.00 72.16  ? 932  LYS B NZ  1 
ATOM   1094 N  N   . GLN B 1 37  ? -20.486 15.703  -2.187  1.00 40.25  ? 933  GLN B N   1 
ATOM   1095 C  CA  . GLN B 1 37  ? -20.709 16.209  -0.837  1.00 44.52  ? 933  GLN B CA  1 
ATOM   1096 C  C   . GLN B 1 37  ? -19.525 17.047  -0.374  1.00 45.39  ? 933  GLN B C   1 
ATOM   1097 O  O   . GLN B 1 37  ? -19.705 18.123  0.207   1.00 40.31  ? 933  GLN B O   1 
ATOM   1098 C  CB  . GLN B 1 37  ? -20.953 15.053  0.135   1.00 39.94  ? 933  GLN B CB  1 
ATOM   1099 C  CG  . GLN B 1 37  ? -22.350 14.449  0.082   1.00 38.15  ? 933  GLN B CG  1 
ATOM   1100 C  CD  . GLN B 1 37  ? -22.368 12.990  0.503   1.00 47.24  ? 933  GLN B CD  1 
ATOM   1101 O  OE1 . GLN B 1 37  ? -21.696 12.153  -0.100  1.00 56.76  ? 933  GLN B OE1 1 
ATOM   1102 N  NE2 . GLN B 1 37  ? -23.141 12.675  1.540   1.00 41.50  ? 933  GLN B NE2 1 
ATOM   1103 N  N   . LEU B 1 38  ? -18.304 16.570  -0.638  1.00 43.41  ? 934  LEU B N   1 
ATOM   1104 C  CA  . LEU B 1 38  ? -17.109 17.319  -0.261  1.00 42.55  ? 934  LEU B CA  1 
ATOM   1105 C  C   . LEU B 1 38  ? -17.084 18.678  -0.947  1.00 42.99  ? 934  LEU B C   1 
ATOM   1106 O  O   . LEU B 1 38  ? -16.852 19.708  -0.305  1.00 40.34  ? 934  LEU B O   1 
ATOM   1107 C  CB  . LEU B 1 38  ? -15.860 16.515  -0.625  1.00 48.99  ? 934  LEU B CB  1 
ATOM   1108 C  CG  . LEU B 1 38  ? -15.282 15.567  0.425   1.00 36.07  ? 934  LEU B CG  1 
ATOM   1109 C  CD1 . LEU B 1 38  ? -14.162 14.748  -0.183  1.00 30.12  ? 934  LEU B CD1 1 
ATOM   1110 C  CD2 . LEU B 1 38  ? -14.792 16.339  1.632   1.00 45.32  ? 934  LEU B CD2 1 
ATOM   1111 N  N   . SER B 1 39  ? -17.346 18.698  -2.257  1.00 52.29  ? 935  SER B N   1 
ATOM   1112 C  CA  . SER B 1 39  ? -17.338 19.947  -3.007  1.00 40.74  ? 935  SER B CA  1 
ATOM   1113 C  C   . SER B 1 39  ? -18.405 20.905  -2.507  1.00 35.65  ? 935  SER B C   1 
ATOM   1114 O  O   . SER B 1 39  ? -18.307 22.112  -2.753  1.00 24.47  ? 935  SER B O   1 
ATOM   1115 C  CB  . SER B 1 39  ? -17.524 19.675  -4.500  1.00 43.07  ? 935  SER B CB  1 
ATOM   1116 O  OG  . SER B 1 39  ? -16.315 19.228  -5.094  1.00 46.60  ? 935  SER B OG  1 
ATOM   1117 N  N   . ALA B 1 40  ? -19.416 20.394  -1.808  1.00 41.45  ? 936  ALA B N   1 
ATOM   1118 C  CA  . ALA B 1 40  ? -20.520 21.215  -1.332  1.00 44.99  ? 936  ALA B CA  1 
ATOM   1119 C  C   . ALA B 1 40  ? -20.350 21.681  0.111   1.00 51.39  ? 936  ALA B C   1 
ATOM   1120 O  O   . ALA B 1 40  ? -21.280 22.274  0.666   1.00 47.77  ? 936  ALA B O   1 
ATOM   1121 C  CB  . ALA B 1 40  ? -21.835 20.444  -1.465  1.00 51.37  ? 936  ALA B CB  1 
HETATM 1122 N  N   . MSE B 1 41  ? -19.194 21.448  0.730   1.00 50.62  ? 937  MSE B N   1 
HETATM 1123 C  CA  . MSE B 1 41  ? -19.032 21.780  2.148   1.00 43.94  ? 937  MSE B CA  1 
HETATM 1124 C  C   . MSE B 1 41  ? -18.560 23.206  2.410   1.00 37.77  ? 937  MSE B C   1 
HETATM 1125 O  O   . MSE B 1 41  ? -17.695 23.726  1.710   1.00 38.39  ? 937  MSE B O   1 
HETATM 1126 C  CB  . MSE B 1 41  ? -18.065 20.812  2.828   1.00 42.28  ? 937  MSE B CB  1 
HETATM 1127 C  CG  . MSE B 1 41  ? -18.531 19.371  2.855   1.00 42.66  ? 937  MSE B CG  1 
HETATM 1128 SE SE  . MSE B 1 41  ? -17.500 18.313  4.126   1.00 68.08  ? 937  MSE B SE  1 
HETATM 1129 C  CE  . MSE B 1 41  ? -18.498 16.635  4.031   1.00 37.68  ? 937  MSE B CE  1 
ATOM   1130 N  N   . ASN B 1 42  ? -19.135 23.817  3.442   1.00 41.33  ? 938  ASN B N   1 
ATOM   1131 C  CA  . ASN B 1 42  ? -18.807 25.173  3.855   1.00 41.86  ? 938  ASN B CA  1 
ATOM   1132 C  C   . ASN B 1 42  ? -17.667 25.137  4.870   1.00 41.84  ? 938  ASN B C   1 
ATOM   1133 O  O   . ASN B 1 42  ? -17.043 24.099  5.100   1.00 53.68  ? 938  ASN B O   1 
ATOM   1134 C  CB  . ASN B 1 42  ? -20.047 25.862  4.423   1.00 51.08  ? 938  ASN B CB  1 
ATOM   1135 C  CG  . ASN B 1 42  ? -20.619 25.138  5.641   1.00 79.87  ? 938  ASN B CG  1 
ATOM   1136 O  OD1 . ASN B 1 42  ? -19.890 24.779  6.571   1.00 73.97  ? 938  ASN B OD1 1 
ATOM   1137 N  ND2 . ASN B 1 42  ? -21.932 24.908  5.633   1.00 82.40  ? 938  ASN B ND2 1 
ATOM   1138 N  N   . SER B 1 43  ? -17.391 26.276  5.503   1.00 36.85  ? 939  SER B N   1 
ATOM   1139 C  CA  . SER B 1 43  ? -16.296 26.335  6.463   1.00 30.39  ? 939  SER B CA  1 
ATOM   1140 C  C   . SER B 1 43  ? -16.643 25.577  7.738   1.00 37.95  ? 939  SER B C   1 
ATOM   1141 O  O   . SER B 1 43  ? -15.840 24.783  8.246   1.00 48.46  ? 939  SER B O   1 
ATOM   1142 C  CB  . SER B 1 43  ? -15.973 27.791  6.786   1.00 41.24  ? 939  SER B CB  1 
ATOM   1143 O  OG  . SER B 1 43  ? -17.026 28.379  7.530   1.00 56.26  ? 939  SER B OG  1 
ATOM   1144 N  N   . ASP B 1 44  ? -17.846 25.802  8.264   1.00 45.29  ? 940  ASP B N   1 
ATOM   1145 C  CA  . ASP B 1 44  ? -18.240 25.164  9.514   1.00 50.24  ? 940  ASP B CA  1 
ATOM   1146 C  C   . ASP B 1 44  ? -18.350 23.652  9.359   1.00 34.19  ? 940  ASP B C   1 
ATOM   1147 O  O   . ASP B 1 44  ? -17.992 22.902  10.274  1.00 38.46  ? 940  ASP B O   1 
ATOM   1148 C  CB  . ASP B 1 44  ? -19.549 25.773  10.009  1.00 66.68  ? 940  ASP B CB  1 
ATOM   1149 C  CG  . ASP B 1 44  ? -19.424 27.266  10.288  1.00 84.82  ? 940  ASP B CG  1 
ATOM   1150 O  OD1 . ASP B 1 44  ? -18.634 27.646  11.182  1.00 75.44  ? 940  ASP B OD1 1 
ATOM   1151 O  OD2 . ASP B 1 44  ? -20.098 28.060  9.595   1.00 88.79  ? 940  ASP B OD2 1 
ATOM   1152 N  N   . GLU B 1 45  ? -18.853 23.181  8.217   1.00 35.90  ? 941  GLU B N   1 
ATOM   1153 C  CA  . GLU B 1 45  ? -18.951 21.741  8.000   1.00 37.48  ? 941  GLU B CA  1 
ATOM   1154 C  C   . GLU B 1 45  ? -17.571 21.104  7.918   1.00 40.08  ? 941  GLU B C   1 
ATOM   1155 O  O   . GLU B 1 45  ? -17.360 19.996  8.423   1.00 45.84  ? 941  GLU B O   1 
ATOM   1156 C  CB  . GLU B 1 45  ? -19.753 21.451  6.735   1.00 43.34  ? 941  GLU B CB  1 
ATOM   1157 C  CG  . GLU B 1 45  ? -21.250 21.575  6.925   1.00 55.14  ? 941  GLU B CG  1 
ATOM   1158 C  CD  . GLU B 1 45  ? -22.027 20.975  5.776   1.00 60.08  ? 941  GLU B CD  1 
ATOM   1159 O  OE1 . GLU B 1 45  ? -21.745 21.332  4.612   1.00 62.07  ? 941  GLU B OE1 1 
ATOM   1160 O  OE2 . GLU B 1 45  ? -22.919 20.144  6.035   1.00 67.66  ? 941  GLU B OE2 1 
ATOM   1161 N  N   . LEU B 1 46  ? -16.621 21.791  7.282   1.00 40.38  ? 942  LEU B N   1 
ATOM   1162 C  CA  . LEU B 1 46  ? -15.254 21.287  7.223   1.00 26.53  ? 942  LEU B CA  1 
ATOM   1163 C  C   . LEU B 1 46  ? -14.625 21.250  8.607   1.00 26.89  ? 942  LEU B C   1 
ATOM   1164 O  O   . LEU B 1 46  ? -13.904 20.306  8.939   1.00 33.32  ? 942  LEU B O   1 
ATOM   1165 C  CB  . LEU B 1 46  ? -14.410 22.156  6.296   1.00 19.07  ? 942  LEU B CB  1 
ATOM   1166 C  CG  . LEU B 1 46  ? -14.491 21.837  4.811   1.00 19.93  ? 942  LEU B CG  1 
ATOM   1167 C  CD1 . LEU B 1 46  ? -13.803 22.918  4.010   1.00 30.29  ? 942  LEU B CD1 1 
ATOM   1168 C  CD2 . LEU B 1 46  ? -13.844 20.504  4.556   1.00 24.51  ? 942  LEU B CD2 1 
ATOM   1169 N  N   . ILE B 1 47  ? -14.891 22.262  9.431   1.00 25.49  ? 943  ILE B N   1 
ATOM   1170 C  CA  . ILE B 1 47  ? -14.278 22.300  10.755  1.00 20.26  ? 943  ILE B CA  1 
ATOM   1171 C  C   . ILE B 1 47  ? -14.671 21.066  11.565  1.00 23.84  ? 943  ILE B C   1 
ATOM   1172 O  O   . ILE B 1 47  ? -13.858 20.518  12.319  1.00 39.29  ? 943  ILE B O   1 
ATOM   1173 C  CB  . ILE B 1 47  ? -14.650 23.612  11.472  1.00 28.32  ? 943  ILE B CB  1 
ATOM   1174 C  CG1 . ILE B 1 47  ? -13.740 24.750  11.000  1.00 22.29  ? 943  ILE B CG1 1 
ATOM   1175 C  CG2 . ILE B 1 47  ? -14.596 23.453  12.987  1.00 30.66  ? 943  ILE B CG2 1 
ATOM   1176 C  CD1 . ILE B 1 47  ? -14.115 26.098  11.565  1.00 25.33  ? 943  ILE B CD1 1 
ATOM   1177 N  N   . SER B 1 48  ? -15.907 20.591  11.405  1.00 28.32  ? 944  SER B N   1 
ATOM   1178 C  CA  . SER B 1 48  ? -16.374 19.382  12.076  1.00 35.48  ? 944  SER B CA  1 
ATOM   1179 C  C   . SER B 1 48  ? -16.268 18.139  11.188  1.00 35.62  ? 944  SER B C   1 
ATOM   1180 O  O   . SER B 1 48  ? -17.017 17.174  11.374  1.00 35.34  ? 944  SER B O   1 
ATOM   1181 C  CB  . SER B 1 48  ? -17.802 19.574  12.586  1.00 28.11  ? 944  SER B CB  1 
ATOM   1182 O  OG  . SER B 1 48  ? -18.641 20.121  11.586  1.00 55.50  ? 944  SER B OG  1 
ATOM   1183 N  N   . PHE B 1 49  ? -15.357 18.151  10.221  1.00 31.59  ? 945  PHE B N   1 
ATOM   1184 C  CA  . PHE B 1 49  ? -15.126 16.985  9.373   1.00 31.21  ? 945  PHE B CA  1 
ATOM   1185 C  C   . PHE B 1 49  ? -14.450 15.865  10.168  1.00 26.24  ? 945  PHE B C   1 
ATOM   1186 O  O   . PHE B 1 49  ? -13.634 16.138  11.053  1.00 37.72  ? 945  PHE B O   1 
ATOM   1187 C  CB  . PHE B 1 49  ? -14.264 17.386  8.175   1.00 24.05  ? 945  PHE B CB  1 
ATOM   1188 C  CG  . PHE B 1 49  ? -14.036 16.290  7.181   1.00 21.72  ? 945  PHE B CG  1 
ATOM   1189 C  CD1 . PHE B 1 49  ? -14.984 15.995  6.218   1.00 32.70  ? 945  PHE B CD1 1 
ATOM   1190 C  CD2 . PHE B 1 49  ? -12.856 15.571  7.196   1.00 29.47  ? 945  PHE B CD2 1 
ATOM   1191 C  CE1 . PHE B 1 49  ? -14.764 14.988  5.296   1.00 29.53  ? 945  PHE B CE1 1 
ATOM   1192 C  CE2 . PHE B 1 49  ? -12.630 14.565  6.276   1.00 29.25  ? 945  PHE B CE2 1 
ATOM   1193 C  CZ  . PHE B 1 49  ? -13.585 14.272  5.328   1.00 29.80  ? 945  PHE B CZ  1 
ATOM   1194 N  N   . PRO B 1 50  ? -14.776 14.595  9.888   1.00 24.14  ? 946  PRO B N   1 
ATOM   1195 C  CA  . PRO B 1 50  ? -14.155 13.450  10.598  1.00 26.40  ? 946  PRO B CA  1 
ATOM   1196 C  C   . PRO B 1 50  ? -12.822 12.984  10.012  1.00 25.26  ? 946  PRO B C   1 
ATOM   1197 O  O   . PRO B 1 50  ? -12.718 11.965  9.329   1.00 30.14  ? 946  PRO B O   1 
ATOM   1198 C  CB  . PRO B 1 50  ? -15.216 12.359  10.455  1.00 36.07  ? 946  PRO B CB  1 
ATOM   1199 C  CG  . PRO B 1 50  ? -15.818 12.641  9.120   1.00 27.41  ? 946  PRO B CG  1 
ATOM   1200 C  CD  . PRO B 1 50  ? -15.878 14.151  9.017   1.00 36.55  ? 946  PRO B CD  1 
ATOM   1201 N  N   . LEU B 1 51  ? -11.757 13.734  10.307  1.00 21.70  ? 947  LEU B N   1 
ATOM   1202 C  CA  . LEU B 1 51  ? -10.465 13.430  9.701   1.00 15.94  ? 947  LEU B CA  1 
ATOM   1203 C  C   . LEU B 1 51  ? -9.913  12.089  10.162  1.00 27.40  ? 947  LEU B C   1 
ATOM   1204 O  O   . LEU B 1 51  ? -9.314  11.357  9.364   1.00 35.45  ? 947  LEU B O   1 
ATOM   1205 C  CB  . LEU B 1 51  ? -9.454  14.525  10.022  1.00 12.60  ? 947  LEU B CB  1 
ATOM   1206 C  CG  . LEU B 1 51  ? -9.108  15.501  8.913   1.00 18.41  ? 947  LEU B CG  1 
ATOM   1207 C  CD1 . LEU B 1 51  ? -7.837  16.237  9.293   1.00 21.35  ? 947  LEU B CD1 1 
ATOM   1208 C  CD2 . LEU B 1 51  ? -8.915  14.741  7.620   1.00 23.66  ? 947  LEU B CD2 1 
ATOM   1209 N  N   . LYS B 1 52  ? -10.097 11.742  11.437  1.00 26.06  ? 948  LYS B N   1 
ATOM   1210 C  CA  . LYS B 1 52  ? -9.472  10.525  11.947  1.00 20.64  ? 948  LYS B CA  1 
ATOM   1211 C  C   . LYS B 1 52  ? -10.038 9.286   11.265  1.00 25.43  ? 948  LYS B C   1 
ATOM   1212 O  O   . LYS B 1 52  ? -9.287  8.369   10.917  1.00 30.20  ? 948  LYS B O   1 
ATOM   1213 C  CB  . LYS B 1 52  ? -9.611  10.451  13.467  1.00 33.94  ? 948  LYS B CB  1 
ATOM   1214 C  CG  . LYS B 1 52  ? -8.904  11.599  14.177  1.00 52.29  ? 948  LYS B CG  1 
ATOM   1215 C  CD  . LYS B 1 52  ? -7.887  11.098  15.194  1.00 66.98  ? 948  LYS B CD  1 
ATOM   1216 C  CE  . LYS B 1 52  ? -6.824  12.155  15.490  1.00 76.60  ? 948  LYS B CE  1 
ATOM   1217 N  NZ  . LYS B 1 52  ? -6.970  12.775  16.842  1.00 56.21  ? 948  LYS B NZ  1 
ATOM   1218 N  N   . GLU B 1 53  ? -11.352 9.245   11.038  1.00 26.06  ? 949  GLU B N   1 
ATOM   1219 C  CA  . GLU B 1 53  ? -11.905 8.134   10.271  1.00 29.34  ? 949  GLU B CA  1 
ATOM   1220 C  C   . GLU B 1 53  ? -11.450 8.201   8.820   1.00 30.92  ? 949  GLU B C   1 
ATOM   1221 O  O   . GLU B 1 53  ? -11.100 7.174   8.224   1.00 29.63  ? 949  GLU B O   1 
ATOM   1222 C  CB  . GLU B 1 53  ? -13.429 8.137   10.350  1.00 29.50  ? 949  GLU B CB  1 
ATOM   1223 C  CG  . GLU B 1 53  ? -14.060 6.965   9.635   1.00 35.95  ? 949  GLU B CG  1 
ATOM   1224 C  CD  . GLU B 1 53  ? -13.693 5.650   10.277  1.00 46.40  ? 949  GLU B CD  1 
ATOM   1225 O  OE1 . GLU B 1 53  ? -13.541 5.628   11.516  1.00 51.37  ? 949  GLU B OE1 1 
ATOM   1226 O  OE2 . GLU B 1 53  ? -13.533 4.647   9.547   1.00 51.50  ? 949  GLU B OE2 1 
ATOM   1227 N  N   . TYR B 1 54  ? -11.443 9.406   8.246   1.00 28.21  ? 950  TYR B N   1 
ATOM   1228 C  CA  . TYR B 1 54  ? -10.944 9.621   6.892   1.00 25.32  ? 950  TYR B CA  1 
ATOM   1229 C  C   . TYR B 1 54  ? -9.579  8.968   6.701   1.00 31.02  ? 950  TYR B C   1 
ATOM   1230 O  O   . TYR B 1 54  ? -9.342  8.266   5.711   1.00 37.67  ? 950  TYR B O   1 
ATOM   1231 C  CB  . TYR B 1 54  ? -10.883 11.123  6.613   1.00 23.88  ? 950  TYR B CB  1 
ATOM   1232 C  CG  . TYR B 1 54  ? -10.487 11.500  5.205   1.00 28.28  ? 950  TYR B CG  1 
ATOM   1233 C  CD1 . TYR B 1 54  ? -11.425 11.548  4.187   1.00 33.78  ? 950  TYR B CD1 1 
ATOM   1234 C  CD2 . TYR B 1 54  ? -9.173  11.816  4.898   1.00 29.37  ? 950  TYR B CD2 1 
ATOM   1235 C  CE1 . TYR B 1 54  ? -11.063 11.899  2.898   1.00 26.92  ? 950  TYR B CE1 1 
ATOM   1236 C  CE2 . TYR B 1 54  ? -8.803  12.168  3.616   1.00 27.90  ? 950  TYR B CE2 1 
ATOM   1237 C  CZ  . TYR B 1 54  ? -9.752  12.209  2.620   1.00 28.17  ? 950  TYR B CZ  1 
ATOM   1238 O  OH  . TYR B 1 54  ? -9.379  12.560  1.342   1.00 36.63  ? 950  TYR B OH  1 
ATOM   1239 N  N   . PHE B 1 55  ? -8.659  9.202   7.638   1.00 30.12  ? 951  PHE B N   1 
ATOM   1240 C  CA  . PHE B 1 55  ? -7.344  8.575   7.558   1.00 25.34  ? 951  PHE B CA  1 
ATOM   1241 C  C   . PHE B 1 55  ? -7.435  7.057   7.651   1.00 32.70  ? 951  PHE B C   1 
ATOM   1242 O  O   . PHE B 1 55  ? -6.740  6.345   6.917   1.00 33.23  ? 951  PHE B O   1 
ATOM   1243 C  CB  . PHE B 1 55  ? -6.439  9.120   8.656   1.00 24.80  ? 951  PHE B CB  1 
ATOM   1244 C  CG  . PHE B 1 55  ? -6.152  10.579  8.521   1.00 24.33  ? 951  PHE B CG  1 
ATOM   1245 C  CD1 . PHE B 1 55  ? -6.057  11.159  7.271   1.00 24.74  ? 951  PHE B CD1 1 
ATOM   1246 C  CD2 . PHE B 1 55  ? -5.977  11.372  9.639   1.00 22.02  ? 951  PHE B CD2 1 
ATOM   1247 C  CE1 . PHE B 1 55  ? -5.791  12.507  7.139   1.00 26.58  ? 951  PHE B CE1 1 
ATOM   1248 C  CE2 . PHE B 1 55  ? -5.711  12.722  9.513   1.00 26.22  ? 951  PHE B CE2 1 
ATOM   1249 C  CZ  . PHE B 1 55  ? -5.618  13.289  8.261   1.00 28.00  ? 951  PHE B CZ  1 
ATOM   1250 N  N   . LYS B 1 56  ? -8.282  6.545   8.548   1.00 33.93  ? 952  LYS B N   1 
ATOM   1251 C  CA  . LYS B 1 56  ? -8.395  5.098   8.716   1.00 29.69  ? 952  LYS B CA  1 
ATOM   1252 C  C   . LYS B 1 56  ? -8.866  4.435   7.429   1.00 35.87  ? 952  LYS B C   1 
ATOM   1253 O  O   . LYS B 1 56  ? -8.249  3.475   6.950   1.00 42.11  ? 952  LYS B O   1 
ATOM   1254 C  CB  . LYS B 1 56  ? -9.347  4.770   9.866   1.00 24.55  ? 952  LYS B CB  1 
ATOM   1255 C  CG  . LYS B 1 56  ? -8.860  5.262   11.216  1.00 45.71  ? 952  LYS B CG  1 
ATOM   1256 C  CD  . LYS B 1 56  ? -8.848  4.159   12.259  1.00 57.70  ? 952  LYS B CD  1 
ATOM   1257 C  CE  . LYS B 1 56  ? -8.416  4.703   13.619  1.00 57.91  ? 952  LYS B CE  1 
ATOM   1258 N  NZ  . LYS B 1 56  ? -6.995  5.160   13.623  1.00 49.42  ? 952  LYS B NZ  1 
ATOM   1259 N  N   . GLN B 1 57  ? -9.957  4.940   6.849   1.00 32.09  ? 953  GLN B N   1 
ATOM   1260 C  CA  . GLN B 1 57  ? -10.448 4.366   5.600   1.00 40.78  ? 953  GLN B CA  1 
ATOM   1261 C  C   . GLN B 1 57  ? -9.417  4.495   4.491   1.00 33.86  ? 953  GLN B C   1 
ATOM   1262 O  O   . GLN B 1 57  ? -9.364  3.652   3.589   1.00 40.86  ? 953  GLN B O   1 
ATOM   1263 C  CB  . GLN B 1 57  ? -11.756 5.042   5.188   1.00 50.23  ? 953  GLN B CB  1 
ATOM   1264 C  CG  . GLN B 1 57  ? -12.801 5.064   6.282   1.00 58.98  ? 953  GLN B CG  1 
ATOM   1265 C  CD  . GLN B 1 57  ? -13.614 3.789   6.308   1.00 79.18  ? 953  GLN B CD  1 
ATOM   1266 O  OE1 . GLN B 1 57  ? -14.641 3.681   5.633   1.00 85.77  ? 953  GLN B OE1 1 
ATOM   1267 N  NE2 . GLN B 1 57  ? -13.151 2.804   7.078   1.00 58.18  ? 953  GLN B NE2 1 
ATOM   1268 N  N   . TYR B 1 58  ? -8.581  5.530   4.546   1.00 28.33  ? 954  TYR B N   1 
ATOM   1269 C  CA  . TYR B 1 58  ? -7.506  5.644   3.572   1.00 30.02  ? 954  TYR B CA  1 
ATOM   1270 C  C   . TYR B 1 58  ? -6.507  4.513   3.738   1.00 32.74  ? 954  TYR B C   1 
ATOM   1271 O  O   . TYR B 1 58  ? -6.104  3.878   2.758   1.00 41.38  ? 954  TYR B O   1 
ATOM   1272 C  CB  . TYR B 1 58  ? -6.815  6.996   3.703   1.00 23.36  ? 954  TYR B CB  1 
ATOM   1273 C  CG  . TYR B 1 58  ? -5.507  7.063   2.959   1.00 24.76  ? 954  TYR B CG  1 
ATOM   1274 C  CD1 . TYR B 1 58  ? -5.475  7.349   1.602   1.00 25.01  ? 954  TYR B CD1 1 
ATOM   1275 C  CD2 . TYR B 1 58  ? -4.301  6.838   3.611   1.00 38.33  ? 954  TYR B CD2 1 
ATOM   1276 C  CE1 . TYR B 1 58  ? -4.279  7.410   0.914   1.00 27.14  ? 954  TYR B CE1 1 
ATOM   1277 C  CE2 . TYR B 1 58  ? -3.101  6.896   2.934   1.00 33.32  ? 954  TYR B CE2 1 
ATOM   1278 C  CZ  . TYR B 1 58  ? -3.095  7.182   1.586   1.00 31.41  ? 954  TYR B CZ  1 
ATOM   1279 O  OH  . TYR B 1 58  ? -1.899  7.243   0.912   1.00 41.31  ? 954  TYR B OH  1 
ATOM   1280 N  N   . GLU B 1 59  ? -6.096  4.246   4.981   1.00 41.60  ? 955  GLU B N   1 
ATOM   1281 C  CA  . GLU B 1 59  ? -5.117  3.194   5.230   1.00 45.15  ? 955  GLU B CA  1 
ATOM   1282 C  C   . GLU B 1 59  ? -5.645  1.828   4.806   1.00 42.63  ? 955  GLU B C   1 
ATOM   1283 O  O   . GLU B 1 59  ? -4.897  1.011   4.258   1.00 42.27  ? 955  GLU B O   1 
ATOM   1284 C  CB  . GLU B 1 59  ? -4.714  3.193   6.705   1.00 34.28  ? 955  GLU B CB  1 
ATOM   1285 C  CG  . GLU B 1 59  ? -3.886  4.410   7.096   1.00 46.92  ? 955  GLU B CG  1 
ATOM   1286 C  CD  . GLU B 1 59  ? -2.452  4.332   6.588   1.00 69.29  ? 955  GLU B CD  1 
ATOM   1287 O  OE1 . GLU B 1 59  ? -2.026  3.236   6.160   1.00 78.22  ? 955  GLU B OE1 1 
ATOM   1288 O  OE2 . GLU B 1 59  ? -1.751  5.370   6.608   1.00 55.31  ? 955  GLU B OE2 1 
ATOM   1289 N  N   . VAL B 1 60  ? -6.931  1.563   5.051   1.00 38.51  ? 956  VAL B N   1 
ATOM   1290 C  CA  . VAL B 1 60  ? -7.535  0.322   4.569   1.00 38.67  ? 956  VAL B CA  1 
ATOM   1291 C  C   . VAL B 1 60  ? -7.446  0.248   3.049   1.00 39.96  ? 956  VAL B C   1 
ATOM   1292 O  O   . VAL B 1 60  ? -7.036  -0.772  2.482   1.00 44.48  ? 956  VAL B O   1 
ATOM   1293 C  CB  . VAL B 1 60  ? -8.991  0.207   5.055   1.00 28.39  ? 956  VAL B CB  1 
ATOM   1294 C  CG1 . VAL B 1 60  ? -9.633  -1.048  4.494   1.00 29.38  ? 956  VAL B CG1 1 
ATOM   1295 C  CG2 . VAL B 1 60  ? -9.046  0.201   6.566   1.00 22.21  ? 956  VAL B CG2 1 
ATOM   1296 N  N   . GLY B 1 61  ? -7.815  1.336   2.369   1.00 35.73  ? 957  GLY B N   1 
ATOM   1297 C  CA  . GLY B 1 61  ? -7.753  1.347   0.917   1.00 30.19  ? 957  GLY B CA  1 
ATOM   1298 C  C   . GLY B 1 61  ? -6.346  1.123   0.400   1.00 31.08  ? 957  GLY B C   1 
ATOM   1299 O  O   . GLY B 1 61  ? -6.139  0.389   -0.568  1.00 40.77  ? 957  GLY B O   1 
ATOM   1300 N  N   . LEU B 1 62  ? -5.360  1.755   1.040   1.00 30.46  ? 958  LEU B N   1 
ATOM   1301 C  CA  . LEU B 1 62  ? -3.967  1.523   0.676   1.00 24.95  ? 958  LEU B CA  1 
ATOM   1302 C  C   . LEU B 1 62  ? -3.596  0.056   0.824   1.00 41.51  ? 958  LEU B C   1 
ATOM   1303 O  O   . LEU B 1 62  ? -2.903  -0.506  -0.031  1.00 51.71  ? 958  LEU B O   1 
ATOM   1304 C  CB  . LEU B 1 62  ? -3.044  2.384   1.531   1.00 27.47  ? 958  LEU B CB  1 
ATOM   1305 C  CG  . LEU B 1 62  ? -2.256  3.444   0.775   1.00 28.00  ? 958  LEU B CG  1 
ATOM   1306 C  CD1 . LEU B 1 62  ? -1.091  3.904   1.620   1.00 33.26  ? 958  LEU B CD1 1 
ATOM   1307 C  CD2 . LEU B 1 62  ? -1.770  2.861   -0.531  1.00 41.06  ? 958  LEU B CD2 1 
ATOM   1308 N  N   . GLN B 1 63  ? -4.026  -0.573  1.917   1.00 44.36  ? 959  GLN B N   1 
ATOM   1309 C  CA  . GLN B 1 63  ? -3.756  -1.994  2.093   1.00 44.45  ? 959  GLN B CA  1 
ATOM   1310 C  C   . GLN B 1 63  ? -4.406  -2.806  0.981   1.00 50.07  ? 959  GLN B C   1 
ATOM   1311 O  O   . GLN B 1 63  ? -3.779  -3.697  0.398   1.00 61.35  ? 959  GLN B O   1 
ATOM   1312 C  CB  . GLN B 1 63  ? -4.254  -2.459  3.459   1.00 43.62  ? 959  GLN B CB  1 
ATOM   1313 C  CG  . GLN B 1 63  ? -3.590  -3.720  3.956   1.00 53.68  ? 959  GLN B CG  1 
ATOM   1314 C  CD  . GLN B 1 63  ? -4.489  -4.505  4.890   1.00 86.20  ? 959  GLN B CD  1 
ATOM   1315 O  OE1 . GLN B 1 63  ? -4.600  -5.728  4.785   1.00 88.93  ? 959  GLN B OE1 1 
ATOM   1316 N  NE2 . GLN B 1 63  ? -5.137  -3.804  5.818   1.00 77.88  ? 959  GLN B NE2 1 
ATOM   1317 N  N   . ASN B 1 64  ? -5.671  -2.507  0.671   1.00 29.70  ? 960  ASN B N   1 
ATOM   1318 C  CA  . ASN B 1 64  ? -6.347  -3.205  -0.415  1.00 33.19  ? 960  ASN B CA  1 
ATOM   1319 C  C   . ASN B 1 64  ? -5.634  -2.983  -1.744  1.00 48.71  ? 960  ASN B C   1 
ATOM   1320 O  O   . ASN B 1 64  ? -5.508  -3.910  -2.552  1.00 60.20  ? 960  ASN B O   1 
ATOM   1321 C  CB  . ASN B 1 64  ? -7.803  -2.752  -0.495  1.00 39.40  ? 960  ASN B CB  1 
ATOM   1322 C  CG  . ASN B 1 64  ? -8.599  -3.135  0.739   1.00 53.90  ? 960  ASN B CG  1 
ATOM   1323 O  OD1 . ASN B 1 64  ? -8.031  -3.539  1.759   1.00 50.38  ? 960  ASN B OD1 1 
ATOM   1324 N  ND2 . ASN B 1 64  ? -9.921  -3.005  0.657   1.00 50.11  ? 960  ASN B ND2 1 
ATOM   1325 N  N   . LEU B 1 65  ? -5.150  -1.761  -1.983  1.00 48.28  ? 961  LEU B N   1 
ATOM   1326 C  CA  . LEU B 1 65  ? -4.440  -1.469  -3.226  1.00 40.80  ? 961  LEU B CA  1 
ATOM   1327 C  C   . LEU B 1 65  ? -3.134  -2.251  -3.304  1.00 46.60  ? 961  LEU B C   1 
ATOM   1328 O  O   . LEU B 1 65  ? -2.837  -2.890  -4.321  1.00 58.08  ? 961  LEU B O   1 
ATOM   1329 C  CB  . LEU B 1 65  ? -4.184  0.034   -3.342  1.00 34.26  ? 961  LEU B CB  1 
ATOM   1330 C  CG  . LEU B 1 65  ? -4.008  0.656   -4.732  1.00 30.40  ? 961  LEU B CG  1 
ATOM   1331 C  CD1 . LEU B 1 65  ? -3.989  2.172   -4.636  1.00 47.38  ? 961  LEU B CD1 1 
ATOM   1332 C  CD2 . LEU B 1 65  ? -2.748  0.181   -5.419  1.00 42.71  ? 961  LEU B CD2 1 
ATOM   1333 N  N   . CYS B 1 66  ? -2.325  -2.189  -2.245  1.00 42.13  ? 962  CYS B N   1 
ATOM   1334 C  CA  . CYS B 1 66  ? -1.058  -2.912  -2.239  1.00 46.11  ? 962  CYS B CA  1 
ATOM   1335 C  C   . CYS B 1 66  ? -1.270  -4.418  -2.335  1.00 60.26  ? 962  CYS B C   1 
ATOM   1336 O  O   . CYS B 1 66  ? -0.553  -5.107  -3.070  1.00 62.79  ? 962  CYS B O   1 
ATOM   1337 C  CB  . CYS B 1 66  ? -0.270  -2.560  -0.981  1.00 54.74  ? 962  CYS B CB  1 
ATOM   1338 S  SG  . CYS B 1 66  ? 0.462   -0.924  -1.031  1.00 49.27  ? 962  CYS B SG  1 
ATOM   1339 N  N   . ASN B 1 67  ? -2.249  -4.950  -1.596  1.00 66.07  ? 963  ASN B N   1 
ATOM   1340 C  CA  . ASN B 1 67  ? -2.533  -6.380  -1.669  1.00 68.53  ? 963  ASN B CA  1 
ATOM   1341 C  C   . ASN B 1 67  ? -2.939  -6.804  -3.073  1.00 63.20  ? 963  ASN B C   1 
ATOM   1342 O  O   . ASN B 1 67  ? -2.647  -7.932  -3.488  1.00 76.56  ? 963  ASN B O   1 
ATOM   1343 C  CB  . ASN B 1 67  ? -3.620  -6.763  -0.662  1.00 67.36  ? 963  ASN B CB  1 
ATOM   1344 C  CG  . ASN B 1 67  ? -3.078  -6.936  0.744   1.00 74.77  ? 963  ASN B CG  1 
ATOM   1345 O  OD1 . ASN B 1 67  ? -1.865  -6.919  0.957   1.00 74.81  ? 963  ASN B OD1 1 
ATOM   1346 N  ND2 . ASN B 1 67  ? -3.972  -7.107  1.712   1.00 72.09  ? 963  ASN B ND2 1 
ATOM   1347 N  N   . SER B 1 68  ? -3.611  -5.922  -3.818  1.00 47.79  ? 964  SER B N   1 
ATOM   1348 C  CA  . SER B 1 68  ? -4.025  -6.264  -5.176  1.00 54.99  ? 964  SER B CA  1 
ATOM   1349 C  C   . SER B 1 68  ? -2.837  -6.343  -6.128  1.00 62.17  ? 964  SER B C   1 
ATOM   1350 O  O   . SER B 1 68  ? -2.806  -7.204  -7.014  1.00 87.62  ? 964  SER B O   1 
ATOM   1351 C  CB  . SER B 1 68  ? -5.042  -5.250  -5.694  1.00 48.98  ? 964  SER B CB  1 
ATOM   1352 O  OG  . SER B 1 68  ? -4.391  -4.154  -6.316  1.00 64.61  ? 964  SER B OG  1 
ATOM   1353 N  N   . TYR B 1 69  ? -1.866  -5.437  -5.986  1.00 56.88  ? 965  TYR B N   1 
ATOM   1354 C  CA  . TYR B 1 69  ? -0.701  -5.472  -6.866  1.00 53.91  ? 965  TYR B CA  1 
ATOM   1355 C  C   . TYR B 1 69  ? 0.045   -6.792  -6.734  1.00 60.76  ? 965  TYR B C   1 
ATOM   1356 O  O   . TYR B 1 69  ? 0.424   -7.411  -7.734  1.00 83.49  ? 965  TYR B O   1 
ATOM   1357 C  CB  . TYR B 1 69  ? 0.223   -4.300  -6.537  1.00 45.40  ? 965  TYR B CB  1 
ATOM   1358 C  CG  . TYR B 1 69  ? 0.096   -3.122  -7.471  1.00 53.52  ? 965  TYR B CG  1 
ATOM   1359 C  CD1 . TYR B 1 69  ? -1.045  -2.326  -7.469  1.00 49.46  ? 965  TYR B CD1 1 
ATOM   1360 C  CD2 . TYR B 1 69  ? 1.136   -2.774  -8.321  1.00 52.78  ? 965  TYR B CD2 1 
ATOM   1361 C  CE1 . TYR B 1 69  ? -1.161  -1.240  -8.320  1.00 37.87  ? 965  TYR B CE1 1 
ATOM   1362 C  CE2 . TYR B 1 69  ? 1.034   -1.687  -9.167  1.00 54.15  ? 965  TYR B CE2 1 
ATOM   1363 C  CZ  . TYR B 1 69  ? -0.118  -0.923  -9.164  1.00 49.42  ? 965  TYR B CZ  1 
ATOM   1364 O  OH  . TYR B 1 69  ? -0.224  0.158   -10.008 1.00 49.77  ? 965  TYR B OH  1 
ATOM   1365 N  N   . GLN B 1 70  ? 0.258   -7.242  -5.505  1.00 53.69  ? 966  GLN B N   1 
ATOM   1366 C  CA  . GLN B 1 70  ? 0.919   -8.515  -5.235  1.00 63.28  ? 966  GLN B CA  1 
ATOM   1367 C  C   . GLN B 1 70  ? -0.057  -9.682  -5.102  1.00 76.24  ? 966  GLN B C   1 
ATOM   1368 O  O   . GLN B 1 70  ? 0.164   -10.591 -4.302  1.00 81.95  ? 966  GLN B O   1 
ATOM   1369 C  CB  . GLN B 1 70  ? 1.800   -8.362  -3.998  1.00 78.77  ? 966  GLN B CB  1 
ATOM   1370 C  CG  . GLN B 1 70  ? 1.107   -7.955  -2.715  1.00 70.79  ? 966  GLN B CG  1 
ATOM   1371 C  CD  . GLN B 1 70  ? 1.901   -8.372  -1.493  1.00 66.09  ? 966  GLN B CD  1 
ATOM   1372 O  OE1 . GLN B 1 70  ? 3.131   -8.448  -1.537  1.00 66.95  ? 966  GLN B OE1 1 
ATOM   1373 N  NE2 . GLN B 1 70  ? 1.203   -8.639  -0.394  1.00 73.44  ? 966  GLN B NE2 1 
ATOM   1374 N  N   . SER B 1 71  ? -1.172  -9.682  -5.833  1.00 74.27  ? 967  SER B N   1 
ATOM   1375 C  CA  . SER B 1 71  ? -2.103  -10.799 -5.716  1.00 70.04  ? 967  SER B CA  1 
ATOM   1376 C  C   . SER B 1 71  ? -1.819  -11.918 -6.710  1.00 76.11  ? 967  SER B C   1 
ATOM   1377 O  O   . SER B 1 71  ? -1.838  -13.094 -6.334  1.00 73.08  ? 967  SER B O   1 
ATOM   1378 C  CB  . SER B 1 71  ? -3.540  -10.312 -5.912  1.00 69.03  ? 967  SER B CB  1 
ATOM   1379 O  OG  . SER B 1 71  ? -3.670  -9.641  -7.154  1.00 87.66  ? 967  SER B OG  1 
ATOM   1380 N  N   . ARG B 1 72  ? -1.548  -11.576 -7.972  1.00 77.64  ? 968  ARG B N   1 
ATOM   1381 C  CA  . ARG B 1 72  ? -1.267  -12.604 -8.969  1.00 75.21  ? 968  ARG B CA  1 
ATOM   1382 C  C   . ARG B 1 72  ? 0.024   -13.354 -8.667  1.00 65.59  ? 968  ARG B C   1 
ATOM   1383 O  O   . ARG B 1 72  ? 0.085   -14.578 -8.829  1.00 77.75  ? 968  ARG B O   1 
ATOM   1384 C  CB  . ARG B 1 72  ? -1.228  -11.980 -10.364 1.00 70.30  ? 968  ARG B CB  1 
ATOM   1385 C  CG  . ARG B 1 72  ? -2.623  -11.680 -10.889 1.00 90.03  ? 968  ARG B CG  1 
ATOM   1386 C  CD  . ARG B 1 72  ? -2.620  -11.068 -12.276 1.00 88.69  ? 968  ARG B CD  1 
ATOM   1387 N  NE  . ARG B 1 72  ? -3.244  -9.750  -12.261 1.00 104.82 ? 968  ARG B NE  1 
ATOM   1388 C  CZ  . ARG B 1 72  ? -3.688  -9.119  -13.340 1.00 116.21 ? 968  ARG B CZ  1 
ATOM   1389 N  NH1 . ARG B 1 72  ? -3.591  -9.659  -14.544 1.00 122.71 ? 968  ARG B NH1 1 
ATOM   1390 N  NH2 . ARG B 1 72  ? -4.251  -7.921  -13.205 1.00 107.69 ? 968  ARG B NH2 1 
ATOM   1391 N  N   . ALA B 1 73  ? 1.056   -12.649 -8.205  1.00 65.52  ? 969  ALA B N   1 
ATOM   1392 C  CA  . ALA B 1 73  ? 2.318   -13.319 -7.907  1.00 67.74  ? 969  ALA B CA  1 
ATOM   1393 C  C   . ALA B 1 73  ? 2.192   -14.245 -6.703  1.00 69.48  ? 969  ALA B C   1 
ATOM   1394 O  O   . ALA B 1 73  ? 2.731   -15.358 -6.713  1.00 81.06  ? 969  ALA B O   1 
ATOM   1395 C  CB  . ALA B 1 73  ? 3.418   -12.285 -7.682  1.00 69.20  ? 969  ALA B CB  1 
ATOM   1396 N  N   . ASP B 1 74  ? 1.491   -13.808 -5.654  1.00 71.67  ? 970  ASP B N   1 
ATOM   1397 C  CA  . ASP B 1 74  ? 1.313   -14.674 -4.491  1.00 71.68  ? 970  ASP B CA  1 
ATOM   1398 C  C   . ASP B 1 74  ? 0.484   -15.901 -4.835  1.00 69.14  ? 970  ASP B C   1 
ATOM   1399 O  O   . ASP B 1 74  ? 0.760   -16.997 -4.333  1.00 61.85  ? 970  ASP B O   1 
ATOM   1400 C  CB  . ASP B 1 74  ? 0.699   -13.898 -3.325  1.00 75.57  ? 970  ASP B CB  1 
ATOM   1401 C  CG  . ASP B 1 74  ? 1.691   -12.963 -2.659  1.00 81.23  ? 970  ASP B CG  1 
ATOM   1402 O  OD1 . ASP B 1 74  ? 2.071   -11.938 -3.257  1.00 87.57  ? 970  ASP B OD1 1 
ATOM   1403 O  OD2 . ASP B 1 74  ? 2.091   -13.260 -1.516  1.00 87.79  ? 970  ASP B OD2 1 
ATOM   1404 N  N   . SER B 1 75  ? -0.533  -15.746 -5.685  1.00 71.66  ? 971  SER B N   1 
ATOM   1405 C  CA  . SER B 1 75  ? -1.324  -16.907 -6.087  1.00 75.62  ? 971  SER B CA  1 
ATOM   1406 C  C   . SER B 1 75  ? -0.462  -17.933 -6.813  1.00 81.45  ? 971  SER B C   1 
ATOM   1407 O  O   . SER B 1 75  ? -0.603  -19.140 -6.591  1.00 88.51  ? 971  SER B O   1 
ATOM   1408 C  CB  . SER B 1 75  ? -2.495  -16.468 -6.967  1.00 64.74  ? 971  SER B CB  1 
ATOM   1409 O  OG  . SER B 1 75  ? -2.107  -16.388 -8.328  1.00 64.89  ? 971  SER B OG  1 
ATOM   1410 N  N   . ARG B 1 76  ? 0.452   -17.469 -7.671  1.00 70.83  ? 972  ARG B N   1 
ATOM   1411 C  CA  . ARG B 1 76  ? 1.353   -18.387 -8.364  1.00 58.95  ? 972  ARG B CA  1 
ATOM   1412 C  C   . ARG B 1 76  ? 2.283   -19.088 -7.384  1.00 67.17  ? 972  ARG B C   1 
ATOM   1413 O  O   . ARG B 1 76  ? 2.571   -20.281 -7.533  1.00 80.39  ? 972  ARG B O   1 
ATOM   1414 C  CB  . ARG B 1 76  ? 2.175   -17.631 -9.406  1.00 56.89  ? 972  ARG B CB  1 
ATOM   1415 C  CG  . ARG B 1 76  ? 1.376   -17.025 -10.545 1.00 74.92  ? 972  ARG B CG  1 
ATOM   1416 C  CD  . ARG B 1 76  ? 2.309   -16.579 -11.665 1.00 79.17  ? 972  ARG B CD  1 
ATOM   1417 N  NE  . ARG B 1 76  ? 2.304   -15.130 -11.835 1.00 81.41  ? 972  ARG B NE  1 
ATOM   1418 C  CZ  . ARG B 1 76  ? 3.357   -14.351 -11.631 1.00 83.91  ? 972  ARG B CZ  1 
ATOM   1419 N  NH1 . ARG B 1 76  ? 4.523   -14.849 -11.246 1.00 72.61  ? 972  ARG B NH1 1 
ATOM   1420 N  NH2 . ARG B 1 76  ? 3.236   -13.037 -11.807 1.00 89.21  ? 972  ARG B NH2 1 
ATOM   1421 N  N   . ALA B 1 77  ? 2.755   -18.364 -6.368  1.00 68.41  ? 973  ALA B N   1 
ATOM   1422 C  CA  . ALA B 1 77  ? 3.640   -18.967 -5.378  1.00 67.13  ? 973  ALA B CA  1 
ATOM   1423 C  C   . ALA B 1 77  ? 2.909   -20.009 -4.543  1.00 75.27  ? 973  ALA B C   1 
ATOM   1424 O  O   . ALA B 1 77  ? 3.472   -21.064 -4.231  1.00 88.75  ? 973  ALA B O   1 
ATOM   1425 C  CB  . ALA B 1 77  ? 4.246   -17.888 -4.485  1.00 77.36  ? 973  ALA B CB  1 
ATOM   1426 N  N   . LYS B 1 78  ? 1.658   -19.729 -4.163  1.00 79.82  ? 974  LYS B N   1 
ATOM   1427 C  CA  . LYS B 1 78  ? 0.894   -20.689 -3.373  1.00 84.66  ? 974  LYS B CA  1 
ATOM   1428 C  C   . LYS B 1 78  ? 0.696   -21.991 -4.134  1.00 77.60  ? 974  LYS B C   1 
ATOM   1429 O  O   . LYS B 1 78  ? 0.729   -23.076 -3.542  1.00 85.63  ? 974  LYS B O   1 
ATOM   1430 C  CB  . LYS B 1 78  ? -0.448  -20.090 -2.957  1.00 96.35  ? 974  LYS B CB  1 
ATOM   1431 C  CG  . LYS B 1 78  ? -0.311  -18.810 -2.150  1.00 103.66 ? 974  LYS B CG  1 
ATOM   1432 C  CD  . LYS B 1 78  ? -0.455  -19.046 -0.661  1.00 107.09 ? 974  LYS B CD  1 
ATOM   1433 C  CE  . LYS B 1 78  ? 0.367   -18.038 0.127   1.00 75.16  ? 974  LYS B CE  1 
ATOM   1434 N  NZ  . LYS B 1 78  ? -0.117  -17.902 1.529   1.00 66.38  ? 974  LYS B NZ  1 
ATOM   1435 N  N   . ALA B 1 79  ? 0.457   -21.902 -5.443  1.00 65.53  ? 975  ALA B N   1 
ATOM   1436 C  CA  . ALA B 1 79  ? 0.339   -23.111 -6.251  1.00 67.15  ? 975  ALA B CA  1 
ATOM   1437 C  C   . ALA B 1 79  ? 1.645   -23.897 -6.257  1.00 65.56  ? 975  ALA B C   1 
ATOM   1438 O  O   . ALA B 1 79  ? 1.634   -25.133 -6.244  1.00 75.68  ? 975  ALA B O   1 
ATOM   1439 C  CB  . ALA B 1 79  ? -0.077  -22.753 -7.676  1.00 51.15  ? 975  ALA B CB  1 
ATOM   1440 N  N   . SER B 1 80  ? 2.780   -23.194 -6.262  1.00 51.15  ? 976  SER B N   1 
ATOM   1441 C  CA  . SER B 1 80  ? 4.072   -23.872 -6.269  1.00 52.13  ? 976  SER B CA  1 
ATOM   1442 C  C   . SER B 1 80  ? 4.328   -24.611 -4.960  1.00 59.62  ? 976  SER B C   1 
ATOM   1443 O  O   . SER B 1 80  ? 4.895   -25.709 -4.968  1.00 64.08  ? 976  SER B O   1 
ATOM   1444 C  CB  . SER B 1 80  ? 5.192   -22.867 -6.540  1.00 48.31  ? 976  SER B CB  1 
ATOM   1445 O  OG  . SER B 1 80  ? 4.953   -22.135 -7.728  1.00 62.60  ? 976  SER B OG  1 
ATOM   1446 N  N   . GLU B 1 81  ? 3.924   -24.030 -3.829  1.00 70.34  ? 977  GLU B N   1 
ATOM   1447 C  CA  . GLU B 1 81  ? 4.148   -24.695 -2.546  1.00 72.22  ? 977  GLU B CA  1 
ATOM   1448 C  C   . GLU B 1 81  ? 3.368   -26.000 -2.452  1.00 77.76  ? 977  GLU B C   1 
ATOM   1449 O  O   . GLU B 1 81  ? 3.893   -27.010 -1.968  1.00 88.30  ? 977  GLU B O   1 
ATOM   1450 C  CB  . GLU B 1 81  ? 3.789   -23.765 -1.387  1.00 74.95  ? 977  GLU B CB  1 
ATOM   1451 C  CG  . GLU B 1 81  ? 4.425   -22.389 -1.469  1.00 82.77  ? 977  GLU B CG  1 
ATOM   1452 C  CD  . GLU B 1 81  ? 3.559   -21.306 -0.845  1.00 118.73 ? 977  GLU B CD  1 
ATOM   1453 O  OE1 . GLU B 1 81  ? 2.935   -21.571 0.208   1.00 117.92 ? 977  GLU B OE1 1 
ATOM   1454 O  OE2 . GLU B 1 81  ? 3.511   -20.186 -1.400  1.00 117.37 ? 977  GLU B OE2 1 
ATOM   1455 N  N   . GLU B 1 82  ? 2.108   -26.003 -2.894  1.00 71.43  ? 978  GLU B N   1 
ATOM   1456 C  CA  . GLU B 1 82  ? 1.324   -27.233 -2.829  1.00 79.95  ? 978  GLU B CA  1 
ATOM   1457 C  C   . GLU B 1 82  ? 1.917   -28.305 -3.734  1.00 76.68  ? 978  GLU B C   1 
ATOM   1458 O  O   . GLU B 1 82  ? 1.990   -29.479 -3.351  1.00 76.90  ? 978  GLU B O   1 
ATOM   1459 C  CB  . GLU B 1 82  ? -0.127  -26.950 -3.212  1.00 77.10  ? 978  GLU B CB  1 
ATOM   1460 C  CG  . GLU B 1 82  ? -0.847  -26.051 -2.228  1.00 97.10  ? 978  GLU B CG  1 
ATOM   1461 C  CD  . GLU B 1 82  ? -2.229  -25.663 -2.700  1.00 113.16 ? 978  GLU B CD  1 
ATOM   1462 O  OE1 . GLU B 1 82  ? -2.832  -26.444 -3.465  1.00 109.91 ? 978  GLU B OE1 1 
ATOM   1463 O  OE2 . GLU B 1 82  ? -2.711  -24.575 -2.312  1.00 109.63 ? 978  GLU B OE2 1 
ATOM   1464 N  N   . SER B 1 83  ? 2.363   -27.915 -4.930  1.00 63.10  ? 979  SER B N   1 
ATOM   1465 C  CA  . SER B 1 83  ? 3.095   -28.845 -5.781  1.00 52.37  ? 979  SER B CA  1 
ATOM   1466 C  C   . SER B 1 83  ? 4.410   -29.250 -5.134  1.00 56.80  ? 979  SER B C   1 
ATOM   1467 O  O   . SER B 1 83  ? 4.844   -30.401 -5.253  1.00 62.76  ? 979  SER B O   1 
ATOM   1468 C  CB  . SER B 1 83  ? 3.345   -28.221 -7.153  1.00 46.20  ? 979  SER B CB  1 
ATOM   1469 O  OG  . SER B 1 83  ? 2.155   -27.664 -7.678  1.00 64.91  ? 979  SER B OG  1 
ATOM   1470 N  N   . LEU B 1 84  ? 5.046   -28.320 -4.420  1.00 60.29  ? 980  LEU B N   1 
ATOM   1471 C  CA  . LEU B 1 84  ? 6.269   -28.651 -3.699  1.00 57.82  ? 980  LEU B CA  1 
ATOM   1472 C  C   . LEU B 1 84  ? 5.987   -29.646 -2.582  1.00 62.84  ? 980  LEU B C   1 
ATOM   1473 O  O   . LEU B 1 84  ? 6.819   -30.511 -2.291  1.00 79.08  ? 980  LEU B O   1 
ATOM   1474 C  CB  . LEU B 1 84  ? 6.914   -27.377 -3.156  1.00 53.11  ? 980  LEU B CB  1 
ATOM   1475 C  CG  . LEU B 1 84  ? 8.428   -27.377 -2.922  1.00 63.25  ? 980  LEU B CG  1 
ATOM   1476 C  CD1 . LEU B 1 84  ? 8.937   -25.952 -2.887  1.00 63.61  ? 980  LEU B CD1 1 
ATOM   1477 C  CD2 . LEU B 1 84  ? 8.804   -28.091 -1.633  1.00 71.66  ? 980  LEU B CD2 1 
ATOM   1478 N  N   . ARG B 1 85  ? 4.828   -29.531 -1.935  1.00 67.91  ? 981  ARG B N   1 
ATOM   1479 C  CA  . ARG B 1 85  ? 4.484   -30.482 -0.885  1.00 83.20  ? 981  ARG B CA  1 
ATOM   1480 C  C   . ARG B 1 85  ? 4.389   -31.895 -1.445  1.00 78.44  ? 981  ARG B C   1 
ATOM   1481 O  O   . ARG B 1 85  ? 5.003   -32.829 -0.916  1.00 74.44  ? 981  ARG B O   1 
ATOM   1482 C  CB  . ARG B 1 85  ? 3.169   -30.080 -0.216  1.00 94.18  ? 981  ARG B CB  1 
ATOM   1483 C  CG  . ARG B 1 85  ? 3.202   -30.149 1.304   1.00 95.78  ? 981  ARG B CG  1 
ATOM   1484 C  CD  . ARG B 1 85  ? 1.800   -30.103 1.893   1.00 95.91  ? 981  ARG B CD  1 
ATOM   1485 N  NE  . ARG B 1 85  ? 1.154   -28.812 1.687   1.00 118.55 ? 981  ARG B NE  1 
ATOM   1486 C  CZ  . ARG B 1 85  ? 0.275   -28.554 0.727   1.00 115.28 ? 981  ARG B CZ  1 
ATOM   1487 N  NH1 . ARG B 1 85  ? -0.084  -29.480 -0.150  1.00 105.15 ? 981  ARG B NH1 1 
ATOM   1488 N  NH2 . ARG B 1 85  ? -0.260  -27.340 0.648   1.00 101.22 ? 981  ARG B NH2 1 
ATOM   1489 N  N   . THR B 1 86  ? 3.627   -32.067 -2.527  1.00 72.91  ? 982  THR B N   1 
ATOM   1490 C  CA  . THR B 1 86  ? 3.453   -33.399 -3.094  1.00 79.36  ? 982  THR B CA  1 
ATOM   1491 C  C   . THR B 1 86  ? 4.748   -33.932 -3.699  1.00 69.95  ? 982  THR B C   1 
ATOM   1492 O  O   . THR B 1 86  ? 5.052   -35.122 -3.562  1.00 80.11  ? 982  THR B O   1 
ATOM   1493 C  CB  . THR B 1 86  ? 2.335   -33.388 -4.137  1.00 67.95  ? 982  THR B CB  1 
ATOM   1494 O  OG1 . THR B 1 86  ? 2.823   -32.821 -5.359  1.00 73.50  ? 982  THR B OG1 1 
ATOM   1495 C  CG2 . THR B 1 86  ? 1.137   -32.586 -3.635  1.00 61.66  ? 982  THR B CG2 1 
ATOM   1496 N  N   . SER B 1 87  ? 5.528   -33.076 -4.368  1.00 58.07  ? 983  SER B N   1 
ATOM   1497 C  CA  . SER B 1 87  ? 6.771   -33.555 -4.967  1.00 66.05  ? 983  SER B CA  1 
ATOM   1498 C  C   . SER B 1 87  ? 7.782   -33.956 -3.899  1.00 69.13  ? 983  SER B C   1 
ATOM   1499 O  O   . SER B 1 87  ? 8.488   -34.961 -4.052  1.00 71.15  ? 983  SER B O   1 
ATOM   1500 C  CB  . SER B 1 87  ? 7.369   -32.501 -5.896  1.00 65.50  ? 983  SER B CB  1 
ATOM   1501 O  OG  . SER B 1 87  ? 8.086   -31.524 -5.165  1.00 81.28  ? 983  SER B OG  1 
ATOM   1502 N  N   . GLU B 1 88  ? 7.886   -33.174 -2.822  1.00 68.70  ? 984  GLU B N   1 
ATOM   1503 C  CA  . GLU B 1 88  ? 8.753   -33.571 -1.720  1.00 66.78  ? 984  GLU B CA  1 
ATOM   1504 C  C   . GLU B 1 88  ? 8.239   -34.824 -1.025  1.00 65.15  ? 984  GLU B C   1 
ATOM   1505 O  O   . GLU B 1 88  ? 9.032   -35.573 -0.444  1.00 62.00  ? 984  GLU B O   1 
ATOM   1506 C  CB  . GLU B 1 88  ? 8.914   -32.429 -0.716  1.00 79.00  ? 984  GLU B CB  1 
ATOM   1507 C  CG  . GLU B 1 88  ? 10.074  -31.495 -1.045  1.00 81.09  ? 984  GLU B CG  1 
ATOM   1508 C  CD  . GLU B 1 88  ? 11.065  -31.361 0.099   1.00 97.81  ? 984  GLU B CD  1 
ATOM   1509 O  OE1 . GLU B 1 88  ? 11.079  -32.248 0.979   1.00 97.57  ? 984  GLU B OE1 1 
ATOM   1510 O  OE2 . GLU B 1 88  ? 11.832  -30.374 0.115   1.00 98.72  ? 984  GLU B OE2 1 
ATOM   1511 N  N   . ARG B 1 89  ? 6.925   -35.060 -1.053  1.00 58.98  ? 985  ARG B N   1 
ATOM   1512 C  CA  . ARG B 1 89  ? 6.393   -36.289 -0.474  1.00 61.04  ? 985  ARG B CA  1 
ATOM   1513 C  C   . ARG B 1 89  ? 6.786   -37.506 -1.305  1.00 70.56  ? 985  ARG B C   1 
ATOM   1514 O  O   . ARG B 1 89  ? 7.363   -38.462 -0.775  1.00 80.26  ? 985  ARG B O   1 
ATOM   1515 C  CB  . ARG B 1 89  ? 4.876   -36.194 -0.333  1.00 72.58  ? 985  ARG B CB  1 
ATOM   1516 C  CG  . ARG B 1 89  ? 4.251   -37.392 0.367   1.00 77.89  ? 985  ARG B CG  1 
ATOM   1517 C  CD  . ARG B 1 89  ? 3.096   -37.945 -0.447  1.00 85.09  ? 985  ARG B CD  1 
ATOM   1518 N  NE  . ARG B 1 89  ? 2.052   -36.948 -0.641  1.00 87.11  ? 985  ARG B NE  1 
ATOM   1519 C  CZ  . ARG B 1 89  ? 1.142   -36.997 -1.604  1.00 85.96  ? 985  ARG B CZ  1 
ATOM   1520 N  NH1 . ARG B 1 89  ? 1.128   -37.977 -2.492  1.00 85.16  ? 985  ARG B NH1 1 
ATOM   1521 N  NH2 . ARG B 1 89  ? 0.223   -36.037 -1.678  1.00 76.09  ? 985  ARG B NH2 1 
ATOM   1522 N  N   . LYS B 1 90  ? 6.496   -37.486 -2.611  1.00 68.92  ? 986  LYS B N   1 
ATOM   1523 C  CA  . LYS B 1 90  ? 6.880   -38.608 -3.467  1.00 66.99  ? 986  LYS B CA  1 
ATOM   1524 C  C   . LYS B 1 90  ? 8.390   -38.797 -3.500  1.00 65.31  ? 986  LYS B C   1 
ATOM   1525 O  O   . LYS B 1 90  ? 8.868   -39.917 -3.717  1.00 74.74  ? 986  LYS B O   1 
ATOM   1526 C  CB  . LYS B 1 90  ? 6.347   -38.427 -4.889  1.00 58.50  ? 986  LYS B CB  1 
ATOM   1527 C  CG  . LYS B 1 90  ? 4.871   -38.109 -4.988  1.00 71.01  ? 986  LYS B CG  1 
ATOM   1528 C  CD  . LYS B 1 90  ? 4.578   -37.310 -6.244  1.00 65.51  ? 986  LYS B CD  1 
ATOM   1529 C  CE  . LYS B 1 90  ? 3.087   -37.089 -6.425  1.00 76.06  ? 986  LYS B CE  1 
ATOM   1530 N  NZ  . LYS B 1 90  ? 2.561   -37.880 -7.575  1.00 71.26  ? 986  LYS B NZ  1 
ATOM   1531 N  N   . LEU B 1 91  ? 9.153   -37.720 -3.312  1.00 50.34  ? 987  LEU B N   1 
ATOM   1532 C  CA  . LEU B 1 91  ? 10.601  -37.854 -3.216  1.00 49.82  ? 987  LEU B CA  1 
ATOM   1533 C  C   . LEU B 1 91  ? 10.989  -38.686 -1.999  1.00 67.05  ? 987  LEU B C   1 
ATOM   1534 O  O   . LEU B 1 91  ? 11.898  -39.522 -2.073  1.00 76.19  ? 987  LEU B O   1 
ATOM   1535 C  CB  . LEU B 1 91  ? 11.240  -36.467 -3.165  1.00 49.72  ? 987  LEU B CB  1 
ATOM   1536 C  CG  . LEU B 1 91  ? 12.652  -36.260 -3.726  1.00 60.82  ? 987  LEU B CG  1 
ATOM   1537 C  CD1 . LEU B 1 91  ? 12.981  -34.776 -3.742  1.00 71.13  ? 987  LEU B CD1 1 
ATOM   1538 C  CD2 . LEU B 1 91  ? 13.716  -37.021 -2.950  1.00 61.75  ? 987  LEU B CD2 1 
ATOM   1539 N  N   . ARG B 1 92  ? 10.321  -38.464 -0.863  1.00 69.90  ? 988  ARG B N   1 
ATOM   1540 C  CA  . ARG B 1 92  ? 10.550  -39.309 0.306   1.00 70.98  ? 988  ARG B CA  1 
ATOM   1541 C  C   . ARG B 1 92  ? 10.222  -40.763 -0.007  1.00 80.70  ? 988  ARG B C   1 
ATOM   1542 O  O   . ARG B 1 92  ? 11.047  -41.656 0.211   1.00 82.41  ? 988  ARG B O   1 
ATOM   1543 C  CB  . ARG B 1 92  ? 9.712   -38.821 1.490   1.00 83.66  ? 988  ARG B CB  1 
ATOM   1544 C  CG  . ARG B 1 92  ? 9.998   -37.398 1.932   1.00 91.41  ? 988  ARG B CG  1 
ATOM   1545 C  CD  . ARG B 1 92  ? 9.525   -37.147 3.359   1.00 83.51  ? 988  ARG B CD  1 
ATOM   1546 N  NE  . ARG B 1 92  ? 9.895   -35.815 3.824   1.00 102.24 ? 988  ARG B NE  1 
ATOM   1547 C  CZ  . ARG B 1 92  ? 9.100   -34.754 3.760   1.00 106.69 ? 988  ARG B CZ  1 
ATOM   1548 N  NH1 . ARG B 1 92  ? 7.868   -34.839 3.282   1.00 88.53  ? 988  ARG B NH1 1 
ATOM   1549 N  NH2 . ARG B 1 92  ? 9.553   -33.577 4.186   1.00 106.35 ? 988  ARG B NH2 1 
ATOM   1550 N  N   . GLU B 1 93  ? 9.025   -41.012 -0.553  1.00 79.99  ? 989  GLU B N   1 
ATOM   1551 C  CA  . GLU B 1 93  ? 8.576   -42.382 -0.795  1.00 77.38  ? 989  GLU B CA  1 
ATOM   1552 C  C   . GLU B 1 93  ? 9.511   -43.125 -1.741  1.00 74.93  ? 989  GLU B C   1 
ATOM   1553 O  O   . GLU B 1 93  ? 9.830   -44.297 -1.510  1.00 74.34  ? 989  GLU B O   1 
ATOM   1554 C  CB  . GLU B 1 93  ? 7.151   -42.382 -1.347  1.00 73.51  ? 989  GLU B CB  1 
ATOM   1555 C  CG  . GLU B 1 93  ? 6.263   -41.291 -0.783  1.00 78.95  ? 989  GLU B CG  1 
ATOM   1556 C  CD  . GLU B 1 93  ? 4.789   -41.617 -0.894  1.00 93.62  ? 989  GLU B CD  1 
ATOM   1557 O  OE1 . GLU B 1 93  ? 4.229   -41.459 -1.999  1.00 97.70  ? 989  GLU B OE1 1 
ATOM   1558 O  OE2 . GLU B 1 93  ? 4.190   -42.020 0.127   1.00 93.52  ? 989  GLU B OE2 1 
ATOM   1559 N  N   . THR B 1 94  ? 9.958   -42.470 -2.814  1.00 74.68  ? 990  THR B N   1 
ATOM   1560 C  CA  . THR B 1 94  ? 10.841  -43.153 -3.753  1.00 66.87  ? 990  THR B CA  1 
ATOM   1561 C  C   . THR B 1 94  ? 12.221  -43.381 -3.149  1.00 64.71  ? 990  THR B C   1 
ATOM   1562 O  O   . THR B 1 94  ? 12.847  -44.416 -3.404  1.00 72.07  ? 990  THR B O   1 
ATOM   1563 C  CB  . THR B 1 94  ? 10.944  -42.368 -5.060  1.00 57.12  ? 990  THR B CB  1 
ATOM   1564 O  OG1 . THR B 1 94  ? 10.970  -40.966 -4.777  1.00 85.99  ? 990  THR B OG1 1 
ATOM   1565 C  CG2 . THR B 1 94  ? 9.748   -42.669 -5.946  1.00 54.73  ? 990  THR B CG2 1 
ATOM   1566 N  N   . GLU B 1 95  ? 12.710  -42.435 -2.341  1.00 60.11  ? 991  GLU B N   1 
ATOM   1567 C  CA  . GLU B 1 95  ? 13.999  -42.635 -1.684  1.00 66.99  ? 991  GLU B CA  1 
ATOM   1568 C  C   . GLU B 1 95  ? 13.943  -43.790 -0.689  1.00 70.19  ? 991  GLU B C   1 
ATOM   1569 O  O   . GLU B 1 95  ? 14.921  -44.532 -0.543  1.00 75.15  ? 991  GLU B O   1 
ATOM   1570 C  CB  . GLU B 1 95  ? 14.468  -41.353 -0.993  1.00 73.46  ? 991  GLU B CB  1 
ATOM   1571 C  CG  . GLU B 1 95  ? 15.246  -40.408 -1.904  1.00 86.35  ? 991  GLU B CG  1 
ATOM   1572 C  CD  . GLU B 1 95  ? 15.864  -39.232 -1.160  1.00 85.92  ? 991  GLU B CD  1 
ATOM   1573 O  OE1 . GLU B 1 95  ? 15.120  -38.475 -0.502  1.00 78.71  ? 991  GLU B OE1 1 
ATOM   1574 O  OE2 . GLU B 1 95  ? 17.099  -39.060 -1.243  1.00 85.17  ? 991  GLU B OE2 1 
ATOM   1575 N  N   . GLU B 1 96  ? 12.817  -43.958 0.012   1.00 74.50  ? 992  GLU B N   1 
ATOM   1576 C  CA  . GLU B 1 96  ? 12.660  -45.129 0.870   1.00 76.78  ? 992  GLU B CA  1 
ATOM   1577 C  C   . GLU B 1 96  ? 12.762  -46.408 0.052   1.00 69.03  ? 992  GLU B C   1 
ATOM   1578 O  O   . GLU B 1 96  ? 13.603  -47.270 0.328   1.00 69.94  ? 992  GLU B O   1 
ATOM   1579 C  CB  . GLU B 1 96  ? 11.331  -45.081 1.631   1.00 88.29  ? 992  GLU B CB  1 
ATOM   1580 C  CG  . GLU B 1 96  ? 11.061  -43.788 2.379   1.00 96.77  ? 992  GLU B CG  1 
ATOM   1581 C  CD  . GLU B 1 96  ? 9.589   -43.593 2.699   1.00 108.93 ? 992  GLU B CD  1 
ATOM   1582 O  OE1 . GLU B 1 96  ? 8.776   -44.463 2.321   1.00 115.29 ? 992  GLU B OE1 1 
ATOM   1583 O  OE2 . GLU B 1 96  ? 9.243   -42.568 3.326   1.00 107.65 ? 992  GLU B OE2 1 
ATOM   1584 N  N   . LYS B 1 97  ? 11.911  -46.541 -0.970  1.00 74.23  ? 993  LYS B N   1 
ATOM   1585 C  CA  . LYS B 1 97  ? 11.985  -47.695 -1.861  1.00 67.31  ? 993  LYS B CA  1 
ATOM   1586 C  C   . LYS B 1 97  ? 13.397  -47.886 -2.387  1.00 64.05  ? 993  LYS B C   1 
ATOM   1587 O  O   . LYS B 1 97  ? 13.886  -49.017 -2.490  1.00 72.53  ? 993  LYS B O   1 
ATOM   1588 C  CB  . LYS B 1 97  ? 11.011  -47.524 -3.031  1.00 52.55  ? 993  LYS B CB  1 
ATOM   1589 C  CG  . LYS B 1 97  ? 9.557   -47.302 -2.643  1.00 61.08  ? 993  LYS B CG  1 
ATOM   1590 C  CD  . LYS B 1 97  ? 8.766   -46.742 -3.821  1.00 70.83  ? 993  LYS B CD  1 
ATOM   1591 C  CE  . LYS B 1 97  ? 8.523   -47.794 -4.895  1.00 89.11  ? 993  LYS B CE  1 
ATOM   1592 N  NZ  . LYS B 1 97  ? 7.084   -48.144 -5.043  1.00 76.78  ? 993  LYS B NZ  1 
ATOM   1593 N  N   . LEU B 1 98  ? 14.068  -46.786 -2.725  1.00 56.64  ? 994  LEU B N   1 
ATOM   1594 C  CA  . LEU B 1 98  ? 15.429  -46.873 -3.237  1.00 56.35  ? 994  LEU B CA  1 
ATOM   1595 C  C   . LEU B 1 98  ? 16.371  -47.461 -2.189  1.00 67.11  ? 994  LEU B C   1 
ATOM   1596 O  O   . LEU B 1 98  ? 17.219  -48.302 -2.510  1.00 65.17  ? 994  LEU B O   1 
ATOM   1597 C  CB  . LEU B 1 98  ? 15.884  -45.488 -3.696  1.00 48.18  ? 994  LEU B CB  1 
ATOM   1598 C  CG  . LEU B 1 98  ? 16.924  -45.344 -4.811  1.00 42.46  ? 994  LEU B CG  1 
ATOM   1599 C  CD1 . LEU B 1 98  ? 17.070  -43.881 -5.203  1.00 55.93  ? 994  LEU B CD1 1 
ATOM   1600 C  CD2 . LEU B 1 98  ? 18.261  -45.914 -4.446  1.00 60.55  ? 994  LEU B CD2 1 
ATOM   1601 N  N   . GLN B 1 99  ? 16.240  -47.029 -0.929  1.00 69.49  ? 995  GLN B N   1 
ATOM   1602 C  CA  . GLN B 1 99  ? 17.139  -47.515 0.113   1.00 69.52  ? 995  GLN B CA  1 
ATOM   1603 C  C   . GLN B 1 99  ? 16.833  -48.956 0.506   1.00 71.14  ? 995  GLN B C   1 
ATOM   1604 O  O   . GLN B 1 99  ? 17.747  -49.695 0.886   1.00 73.66  ? 995  GLN B O   1 
ATOM   1605 C  CB  . GLN B 1 99  ? 17.061  -46.618 1.351   1.00 66.79  ? 995  GLN B CB  1 
ATOM   1606 C  CG  . GLN B 1 99  ? 17.566  -45.199 1.139   1.00 92.26  ? 995  GLN B CG  1 
ATOM   1607 C  CD  . GLN B 1 99  ? 17.180  -44.273 2.283   1.00 113.88 ? 995  GLN B CD  1 
ATOM   1608 O  OE1 . GLN B 1 99  ? 16.660  -44.721 3.307   1.00 112.63 ? 995  GLN B OE1 1 
ATOM   1609 N  NE2 . GLN B 1 99  ? 17.421  -42.975 2.110   1.00 94.66  ? 995  GLN B NE2 1 
ATOM   1610 N  N   . LYS B 1 100 ? 15.565  -49.370 0.443   1.00 72.90  ? 996  LYS B N   1 
ATOM   1611 C  CA  . LYS B 1 100 ? 15.235  -50.772 0.693   1.00 78.47  ? 996  LYS B CA  1 
ATOM   1612 C  C   . LYS B 1 100 ? 15.857  -51.680 -0.359  1.00 78.36  ? 996  LYS B C   1 
ATOM   1613 O  O   . LYS B 1 100 ? 16.501  -52.683 -0.027  1.00 83.40  ? 996  LYS B O   1 
ATOM   1614 C  CB  . LYS B 1 100 ? 13.720  -50.979 0.745   1.00 78.63  ? 996  LYS B CB  1 
ATOM   1615 C  CG  . LYS B 1 100 ? 12.962  -50.006 1.629   1.00 94.39  ? 996  LYS B CG  1 
ATOM   1616 C  CD  . LYS B 1 100 ? 11.556  -49.775 1.090   1.00 91.57  ? 996  LYS B CD  1 
ATOM   1617 C  CE  . LYS B 1 100 ? 10.567  -49.449 2.200   1.00 82.83  ? 996  LYS B CE  1 
ATOM   1618 N  NZ  . LYS B 1 100 ? 9.383   -50.357 2.165   1.00 61.36  ? 996  LYS B NZ  1 
ATOM   1619 N  N   . LEU B 1 101 ? 15.670  -51.347 -1.638  1.00 76.07  ? 997  LEU B N   1 
ATOM   1620 C  CA  . LEU B 1 101 ? 16.209  -52.188 -2.703  1.00 76.10  ? 997  LEU B CA  1 
ATOM   1621 C  C   . LEU B 1 101 ? 17.723  -52.325 -2.602  1.00 74.59  ? 997  LEU B C   1 
ATOM   1622 O  O   . LEU B 1 101 ? 18.272  -53.381 -2.937  1.00 87.50  ? 997  LEU B O   1 
ATOM   1623 C  CB  . LEU B 1 101 ? 15.826  -51.609 -4.069  1.00 71.31  ? 997  LEU B CB  1 
ATOM   1624 C  CG  . LEU B 1 101 ? 14.515  -52.021 -4.749  1.00 54.41  ? 997  LEU B CG  1 
ATOM   1625 C  CD1 . LEU B 1 101 ? 14.557  -53.474 -5.176  1.00 59.00  ? 997  LEU B CD1 1 
ATOM   1626 C  CD2 . LEU B 1 101 ? 13.314  -51.775 -3.848  1.00 62.26  ? 997  LEU B CD2 1 
ATOM   1627 N  N   . ARG B 1 102 ? 18.415  -51.282 -2.137  1.00 71.02  ? 998  ARG B N   1 
ATOM   1628 C  CA  . ARG B 1 102 ? 19.864  -51.383 -1.991  1.00 69.61  ? 998  ARG B CA  1 
ATOM   1629 C  C   . ARG B 1 102 ? 20.253  -52.281 -0.822  1.00 71.72  ? 998  ARG B C   1 
ATOM   1630 O  O   . ARG B 1 102 ? 21.180  -53.088 -0.941  1.00 82.58  ? 998  ARG B O   1 
ATOM   1631 C  CB  . ARG B 1 102 ? 20.490  -49.996 -1.850  1.00 80.46  ? 998  ARG B CB  1 
ATOM   1632 C  CG  . ARG B 1 102 ? 20.156  -49.053 -2.996  1.00 66.48  ? 998  ARG B CG  1 
ATOM   1633 C  CD  . ARG B 1 102 ? 20.729  -47.663 -2.774  1.00 68.01  ? 998  ARG B CD  1 
ATOM   1634 N  NE  . ARG B 1 102 ? 21.228  -47.079 -4.015  1.00 77.74  ? 998  ARG B NE  1 
ATOM   1635 C  CZ  . ARG B 1 102 ? 21.649  -45.827 -4.139  1.00 83.18  ? 998  ARG B CZ  1 
ATOM   1636 N  NH1 . ARG B 1 102 ? 21.672  -45.002 -3.105  1.00 101.76 ? 998  ARG B NH1 1 
ATOM   1637 N  NH2 . ARG B 1 102 ? 22.035  -45.386 -5.334  1.00 61.01  ? 998  ARG B NH2 1 
ATOM   1638 N  N   . THR B 1 103 ? 19.561  -52.166 0.314   1.00 79.99  ? 999  THR B N   1 
ATOM   1639 C  CA  . THR B 1 103 ? 19.864  -53.055 1.433   1.00 79.63  ? 999  THR B CA  1 
ATOM   1640 C  C   . THR B 1 103 ? 19.503  -54.501 1.115   1.00 84.89  ? 999  THR B C   1 
ATOM   1641 O  O   . THR B 1 103 ? 20.195  -55.428 1.554   1.00 83.83  ? 999  THR B O   1 
ATOM   1642 C  CB  . THR B 1 103 ? 19.145  -52.596 2.703   1.00 78.76  ? 999  THR B CB  1 
ATOM   1643 O  OG1 . THR B 1 103 ? 17.726  -52.688 2.519   1.00 97.37  ? 999  THR B OG1 1 
ATOM   1644 C  CG2 . THR B 1 103 ? 19.523  -51.173 3.052   1.00 60.50  ? 999  THR B CG2 1 
ATOM   1645 N  N   . ASN B 1 104 ? 18.416  -54.716 0.375   1.00 81.10  ? 1000 ASN B N   1 
ATOM   1646 C  CA  . ASN B 1 104 ? 17.978  -56.061 0.021   1.00 84.57  ? 1000 ASN B CA  1 
ATOM   1647 C  C   . ASN B 1 104 ? 18.652  -56.624 -1.226  1.00 92.67  ? 1000 ASN B C   1 
ATOM   1648 O  O   . ASN B 1 104 ? 18.444  -57.801 -1.541  1.00 91.92  ? 1000 ASN B O   1 
ATOM   1649 C  CB  . ASN B 1 104 ? 16.458  -56.085 -0.145  1.00 82.13  ? 1000 ASN B CB  1 
ATOM   1650 C  CG  . ASN B 1 104 ? 15.733  -55.739 1.140   1.00 90.36  ? 1000 ASN B CG  1 
ATOM   1651 O  OD1 . ASN B 1 104 ? 16.006  -54.718 1.770   1.00 95.80  ? 1000 ASN B OD1 1 
ATOM   1652 N  ND2 . ASN B 1 104 ? 14.800  -56.596 1.538   1.00 104.51 ? 1000 ASN B ND2 1 
ATOM   1653 N  N   . ILE B 1 105 ? 19.436  -55.825 -1.955  1.00 90.66  ? 1001 ILE B N   1 
ATOM   1654 C  CA  . ILE B 1 105 ? 20.309  -56.401 -2.978  1.00 91.28  ? 1001 ILE B CA  1 
ATOM   1655 C  C   . ILE B 1 105 ? 21.608  -56.899 -2.368  1.00 94.85  ? 1001 ILE B C   1 
ATOM   1656 O  O   . ILE B 1 105 ? 22.423  -57.507 -3.077  1.00 95.81  ? 1001 ILE B O   1 
ATOM   1657 C  CB  . ILE B 1 105 ? 20.610  -55.389 -4.105  1.00 80.55  ? 1001 ILE B CB  1 
ATOM   1658 C  CG1 . ILE B 1 105 ? 20.853  -56.112 -5.433  1.00 88.77  ? 1001 ILE B CG1 1 
ATOM   1659 C  CG2 . ILE B 1 105 ? 21.816  -54.525 -3.751  1.00 72.77  ? 1001 ILE B CG2 1 
ATOM   1660 C  CD1 . ILE B 1 105 ? 19.588  -56.654 -6.085  1.00 89.24  ? 1001 ILE B CD1 1 
ATOM   1661 N  N   . VAL B 1 106 ? 21.804  -56.670 -1.070  1.00 88.52  ? 1002 VAL B N   1 
ATOM   1662 C  CA  . VAL B 1 106 ? 22.996  -57.071 -0.326  1.00 78.43  ? 1002 VAL B CA  1 
ATOM   1663 C  C   . VAL B 1 106 ? 24.263  -56.605 -1.030  1.00 76.15  ? 1002 VAL B C   1 
ATOM   1664 O  O   . VAL B 1 106 ? 24.374  -55.442 -1.414  1.00 75.83  ? 1002 VAL B O   1 
ATOM   1665 C  CB  . VAL B 1 106 ? 23.023  -58.591 -0.099  1.00 83.79  ? 1002 VAL B CB  1 
ATOM   1666 C  CG1 . VAL B 1 106 ? 24.101  -58.951 0.906   1.00 77.98  ? 1002 VAL B CG1 1 
ATOM   1667 C  CG2 . VAL B 1 106 ? 21.660  -59.092 0.364   1.00 79.29  ? 1002 VAL B CG2 1 
HETATM 1668 O  O   . HOH C 2 .   ? -4.255  6.599   11.242  1.00 34.29  ? 1101 HOH A O   1 
HETATM 1669 O  O   . HOH C 2 .   ? 4.527   27.970  0.803   1.00 25.33  ? 1102 HOH A O   1 
# 
